data_3DTD
#
_entry.id   3DTD
#
_cell.length_a   95.707
_cell.length_b   139.951
_cell.length_c   179.075
_cell.angle_alpha   90.00
_cell.angle_beta   90.00
_cell.angle_gamma   90.00
#
_symmetry.space_group_name_H-M   'P 21 21 21'
#
loop_
_entity.id
_entity.type
_entity.pdbx_description
1 polymer 'Invasion-associated protein B'
2 non-polymer GLYCEROL
3 water water
#
_entity_poly.entity_id   1
_entity_poly.type   'polypeptide(L)'
_entity_poly.pdbx_seq_one_letter_code
;MSLSNSKSTTTKDTVATLPNGASSLTETYGLWSINCGIQEGKKVCFMHRQEVNDQNRVVVAMSVVLNADGVVSGNLTVPF
GILVSKPVRLQVDEGKAVIETGIRTCVPAGCIVPIVFDKNYVAALRAGKHLKLAMTIAAPGEPPLNDLFVQLNGFSNALN
RLIALQKEGHHHHHH
;
_entity_poly.pdbx_strand_id   A,B,C,D,E,F,G,H,I,J,K,L
#
loop_
_chem_comp.id
_chem_comp.type
_chem_comp.name
_chem_comp.formula
GOL non-polymer GLYCEROL 'C3 H8 O3'
#
# COMPACT_ATOMS: atom_id res chain seq x y z
N SER A 24 -3.17 36.07 -15.22
CA SER A 24 -2.07 36.80 -14.52
C SER A 24 -1.08 35.81 -13.90
N LEU A 25 -0.27 35.20 -14.76
CA LEU A 25 0.68 34.16 -14.36
C LEU A 25 1.91 34.74 -13.64
N THR A 26 2.30 34.10 -12.55
CA THR A 26 3.46 34.53 -11.76
C THR A 26 4.78 34.08 -12.39
N GLU A 27 5.66 35.05 -12.67
CA GLU A 27 7.01 34.76 -13.13
C GLU A 27 7.97 34.79 -11.95
N THR A 28 8.99 33.94 -11.97
CA THR A 28 9.94 33.86 -10.86
C THR A 28 11.36 34.11 -11.36
N TYR A 29 12.04 35.05 -10.69
CA TYR A 29 13.43 35.38 -10.98
C TYR A 29 14.20 35.37 -9.68
N GLY A 30 14.86 34.25 -9.40
CA GLY A 30 15.55 34.02 -8.15
C GLY A 30 14.55 33.97 -7.02
N LEU A 31 14.63 34.96 -6.13
CA LEU A 31 13.71 35.07 -5.01
C LEU A 31 12.58 36.05 -5.30
N TRP A 32 12.64 36.71 -6.45
CA TRP A 32 11.66 37.74 -6.79
C TRP A 32 10.56 37.24 -7.73
N SER A 33 9.36 37.79 -7.55
CA SER A 33 8.21 37.39 -8.34
C SER A 33 7.71 38.56 -9.17
N ILE A 34 7.08 38.26 -10.31
CA ILE A 34 6.45 39.27 -11.15
C ILE A 34 5.02 38.89 -11.49
N ASN A 35 4.08 39.81 -11.24
CA ASN A 35 2.71 39.66 -11.67
C ASN A 35 2.25 40.90 -12.45
N CYS A 36 1.40 40.67 -13.46
CA CYS A 36 0.86 41.77 -14.26
C CYS A 36 -0.65 41.88 -14.15
N GLY A 37 -1.14 43.11 -14.07
CA GLY A 37 -2.56 43.43 -14.17
C GLY A 37 -2.89 43.86 -15.59
N ILE A 38 -3.93 44.70 -15.73
CA ILE A 38 -4.33 45.20 -17.06
C ILE A 38 -4.81 46.66 -17.01
N GLN A 39 -4.53 47.41 -18.08
CA GLN A 39 -4.96 48.81 -18.22
C GLN A 39 -5.68 49.02 -19.55
N LYS A 43 -1.13 46.78 -19.65
CA LYS A 43 -0.80 45.85 -18.56
C LYS A 43 0.24 46.41 -17.59
N VAL A 44 -0.19 46.68 -16.36
CA VAL A 44 0.68 47.21 -15.31
C VAL A 44 1.33 46.09 -14.49
N CYS A 45 2.66 46.01 -14.57
CA CYS A 45 3.41 44.89 -14.02
C CYS A 45 4.24 45.31 -12.81
N PHE A 46 4.19 44.49 -11.76
CA PHE A 46 4.92 44.77 -10.54
C PHE A 46 5.86 43.63 -10.12
N MET A 47 6.86 44.02 -9.36
CA MET A 47 7.97 43.19 -8.94
C MET A 47 7.84 43.07 -7.41
N HIS A 48 7.81 41.85 -6.87
CA HIS A 48 7.56 41.70 -5.45
C HIS A 48 8.27 40.56 -4.73
N ARG A 49 8.41 40.73 -3.41
CA ARG A 49 9.12 39.79 -2.55
C ARG A 49 8.61 39.92 -1.12
N GLN A 50 8.30 38.78 -0.50
CA GLN A 50 7.95 38.72 0.92
C GLN A 50 9.04 37.98 1.71
N GLU A 51 9.28 38.44 2.93
CA GLU A 51 10.18 37.73 3.85
C GLU A 51 9.40 37.21 5.05
N VAL A 52 9.68 35.96 5.41
CA VAL A 52 8.96 35.26 6.48
C VAL A 52 9.89 34.88 7.64
N ASN A 53 9.31 34.64 8.82
CA ASN A 53 10.08 34.13 9.95
C ASN A 53 10.08 32.59 9.98
N ASP A 54 10.58 32.00 11.07
CA ASP A 54 10.57 30.54 11.24
C ASP A 54 9.18 29.92 11.40
N GLN A 55 8.21 30.74 11.78
CA GLN A 55 6.81 30.35 11.88
C GLN A 55 6.04 30.57 10.57
N ASN A 56 6.77 30.96 9.52
CA ASN A 56 6.24 31.16 8.16
C ASN A 56 5.21 32.30 8.00
N ARG A 57 5.26 33.27 8.89
CA ARG A 57 4.47 34.48 8.78
C ARG A 57 5.21 35.69 8.22
N VAL A 58 4.56 36.46 7.35
CA VAL A 58 5.19 37.59 6.68
C VAL A 58 5.53 38.72 7.66
N VAL A 59 6.80 39.09 7.69
CA VAL A 59 7.30 40.15 8.56
C VAL A 59 7.56 41.43 7.76
N VAL A 60 8.14 41.26 6.57
CA VAL A 60 8.46 42.38 5.68
C VAL A 60 8.13 42.01 4.23
N ALA A 61 7.54 42.96 3.50
CA ALA A 61 7.25 42.77 2.08
C ALA A 61 7.67 44.00 1.28
N MET A 62 7.99 43.80 0.00
CA MET A 62 8.39 44.88 -0.89
C MET A 62 7.72 44.68 -2.25
N SER A 63 7.08 45.73 -2.75
CA SER A 63 6.47 45.70 -4.08
C SER A 63 6.94 46.92 -4.88
N VAL A 64 7.30 46.69 -6.14
CA VAL A 64 8.02 47.69 -6.94
C VAL A 64 7.55 47.75 -8.41
N VAL A 65 7.40 48.96 -8.93
CA VAL A 65 7.07 49.17 -10.35
C VAL A 65 8.15 50.00 -11.05
N LEU A 66 8.24 49.84 -12.37
CA LEU A 66 9.12 50.63 -13.22
C LEU A 66 8.26 51.69 -13.90
N ASN A 67 8.67 52.96 -13.77
CA ASN A 67 7.92 54.06 -14.36
C ASN A 67 8.43 54.43 -15.74
N ALA A 68 7.64 55.23 -16.47
CA ALA A 68 7.94 55.64 -17.85
C ALA A 68 9.20 56.50 -17.98
N ASP A 69 9.54 57.21 -16.89
CA ASP A 69 10.76 58.02 -16.84
C ASP A 69 11.96 57.28 -16.22
N GLY A 70 11.88 55.95 -16.21
CA GLY A 70 12.99 55.08 -15.79
C GLY A 70 13.27 55.01 -14.30
N VAL A 71 12.33 55.49 -13.49
CA VAL A 71 12.49 55.51 -12.03
C VAL A 71 11.76 54.32 -11.38
N VAL A 72 12.45 53.67 -10.44
CA VAL A 72 11.91 52.51 -9.74
C VAL A 72 11.32 52.92 -8.38
N SER A 73 10.02 52.72 -8.24
CA SER A 73 9.31 53.12 -7.03
C SER A 73 8.34 52.05 -6.54
N GLY A 74 7.89 52.19 -5.29
CA GLY A 74 6.89 51.28 -4.75
C GLY A 74 6.68 51.41 -3.26
N ASN A 75 6.41 50.27 -2.62
CA ASN A 75 6.09 50.23 -1.19
C ASN A 75 6.80 49.13 -0.43
N LEU A 76 7.23 49.47 0.77
CA LEU A 76 7.78 48.52 1.72
C LEU A 76 6.77 48.35 2.85
N THR A 77 6.44 47.11 3.17
CA THR A 77 5.55 46.80 4.30
C THR A 77 6.40 46.35 5.49
N VAL A 78 6.34 47.10 6.59
CA VAL A 78 7.10 46.79 7.80
C VAL A 78 6.12 46.35 8.92
N PRO A 79 6.64 45.75 10.03
CA PRO A 79 5.75 45.35 11.12
C PRO A 79 5.00 46.48 11.85
N PHE A 80 4.00 46.11 12.64
CA PHE A 80 3.36 47.00 13.60
C PHE A 80 4.32 47.31 14.75
N GLY A 81 4.04 48.38 15.49
CA GLY A 81 4.80 48.69 16.70
C GLY A 81 6.04 49.52 16.43
N ILE A 82 6.16 50.04 15.22
CA ILE A 82 7.29 50.88 14.83
C ILE A 82 6.96 52.34 15.14
N LEU A 83 7.92 53.06 15.71
CA LEU A 83 7.80 54.48 15.96
C LEU A 83 7.76 55.26 14.66
N VAL A 84 6.58 55.82 14.41
CA VAL A 84 6.19 56.43 13.16
C VAL A 84 6.87 57.80 12.90
N SER A 85 7.24 58.48 13.97
CA SER A 85 7.87 59.81 13.89
C SER A 85 9.35 59.74 13.56
N LYS A 86 9.95 58.57 13.79
CA LYS A 86 11.36 58.34 13.46
C LYS A 86 11.49 57.60 12.13
N PRO A 87 12.56 57.91 11.36
CA PRO A 87 12.63 57.41 9.97
C PRO A 87 12.96 55.91 9.83
N VAL A 88 12.69 55.39 8.63
CA VAL A 88 13.07 54.06 8.23
C VAL A 88 14.26 54.21 7.26
N ARG A 89 15.38 53.60 7.64
CA ARG A 89 16.64 53.72 6.92
C ARG A 89 16.83 52.48 6.04
N LEU A 90 17.12 52.71 4.76
CA LEU A 90 17.35 51.64 3.79
C LEU A 90 18.78 51.67 3.29
N GLN A 91 19.48 50.53 3.40
CA GLN A 91 20.88 50.44 3.00
C GLN A 91 21.16 49.13 2.28
N VAL A 92 21.80 49.22 1.11
CA VAL A 92 22.24 48.03 0.39
C VAL A 92 23.55 47.55 1.01
N ASP A 93 23.45 46.41 1.69
CA ASP A 93 24.56 45.78 2.42
C ASP A 93 25.27 46.76 3.38
N GLU A 94 26.54 47.04 3.11
CA GLU A 94 27.33 47.96 3.93
C GLU A 94 27.92 49.13 3.12
N GLY A 95 27.36 49.33 1.92
CA GLY A 95 27.84 50.38 1.01
C GLY A 95 27.29 51.76 1.28
N LYS A 96 27.47 52.65 0.30
CA LYS A 96 27.14 54.07 0.44
C LYS A 96 25.71 54.41 0.01
N ALA A 97 25.01 53.43 -0.55
CA ALA A 97 23.62 53.62 -0.96
C ALA A 97 22.67 53.62 0.24
N VAL A 98 22.44 54.80 0.80
CA VAL A 98 21.57 54.97 1.97
C VAL A 98 20.38 55.89 1.64
N ILE A 99 19.17 55.36 1.85
CA ILE A 99 17.93 56.14 1.74
C ILE A 99 17.29 56.26 3.12
N GLU A 100 16.83 57.46 3.46
CA GLU A 100 16.04 57.65 4.66
C GLU A 100 14.64 58.14 4.32
N THR A 101 13.64 57.37 4.70
CA THR A 101 12.24 57.67 4.42
C THR A 101 11.40 57.33 5.65
N GLY A 102 10.07 57.46 5.55
CA GLY A 102 9.20 57.19 6.69
C GLY A 102 7.93 56.44 6.36
N ILE A 103 7.24 56.00 7.41
CA ILE A 103 5.92 55.38 7.29
C ILE A 103 4.90 56.43 6.87
N ARG A 104 4.11 56.11 5.84
CA ARG A 104 3.03 56.97 5.38
C ARG A 104 1.74 56.66 6.15
N THR A 105 1.47 55.38 6.32
CA THR A 105 0.26 54.89 6.99
C THR A 105 0.42 53.43 7.36
N CYS A 106 -0.49 52.91 8.17
CA CYS A 106 -0.53 51.48 8.43
C CYS A 106 -1.92 50.92 8.11
N VAL A 107 -1.93 49.69 7.62
CA VAL A 107 -3.13 48.97 7.22
C VAL A 107 -3.10 47.63 7.98
N PRO A 108 -4.17 46.80 7.91
CA PRO A 108 -4.11 45.46 8.53
C PRO A 108 -2.88 44.59 8.19
N ALA A 109 -2.34 44.75 6.98
CA ALA A 109 -1.13 44.02 6.55
C ALA A 109 0.18 44.53 7.19
N GLY A 110 0.14 45.72 7.77
CA GLY A 110 1.31 46.31 8.42
C GLY A 110 1.48 47.77 8.07
N CYS A 111 2.66 48.31 8.34
CA CYS A 111 2.93 49.72 8.09
C CYS A 111 3.63 49.97 6.75
N ILE A 112 3.10 50.93 6.00
CA ILE A 112 3.51 51.16 4.61
C ILE A 112 4.57 52.26 4.51
N VAL A 113 5.70 51.91 3.92
CA VAL A 113 6.81 52.84 3.70
C VAL A 113 7.00 53.05 2.19
N PRO A 114 6.65 54.25 1.67
CA PRO A 114 6.87 54.55 0.25
C PRO A 114 8.36 54.72 -0.04
N ILE A 115 8.79 54.18 -1.18
CA ILE A 115 10.20 54.17 -1.56
C ILE A 115 10.36 54.59 -3.02
N VAL A 116 11.35 55.44 -3.27
CA VAL A 116 11.71 55.87 -4.62
C VAL A 116 13.22 55.67 -4.77
N PHE A 117 13.61 54.92 -5.80
CA PHE A 117 15.03 54.64 -6.06
C PHE A 117 15.52 55.38 -7.30
N ASP A 118 16.59 56.16 -7.13
CA ASP A 118 17.26 56.79 -8.29
C ASP A 118 18.16 55.79 -9.03
N LYS A 119 18.70 56.22 -10.18
CA LYS A 119 19.54 55.37 -11.05
C LYS A 119 20.72 54.72 -10.33
N ASN A 120 21.34 55.46 -9.42
CA ASN A 120 22.49 54.97 -8.68
C ASN A 120 22.12 53.96 -7.59
N TYR A 121 20.97 54.15 -6.97
CA TYR A 121 20.48 53.21 -5.95
C TYR A 121 19.99 51.91 -6.61
N VAL A 122 19.32 52.04 -7.77
CA VAL A 122 18.92 50.90 -8.59
C VAL A 122 20.12 50.02 -8.96
N ALA A 123 21.22 50.66 -9.38
CA ALA A 123 22.48 49.98 -9.70
C ALA A 123 23.09 49.24 -8.51
N ALA A 124 22.95 49.81 -7.32
CA ALA A 124 23.40 49.18 -6.08
C ALA A 124 22.54 47.97 -5.71
N LEU A 125 21.23 48.09 -5.95
CA LEU A 125 20.26 47.02 -5.73
C LEU A 125 20.54 45.79 -6.62
N ARG A 126 20.95 46.05 -7.87
CA ARG A 126 21.32 45.00 -8.82
C ARG A 126 22.57 44.22 -8.40
N ALA A 127 23.51 44.91 -7.77
CA ALA A 127 24.78 44.32 -7.37
C ALA A 127 24.78 43.79 -5.93
N GLY A 128 23.74 44.14 -5.17
CA GLY A 128 23.67 43.82 -3.74
C GLY A 128 23.07 42.48 -3.41
N LYS A 129 23.25 42.06 -2.16
CA LYS A 129 22.69 40.80 -1.64
C LYS A 129 21.50 41.02 -0.72
N HIS A 130 21.60 41.98 0.18
CA HIS A 130 20.56 42.32 1.13
C HIS A 130 20.26 43.77 1.08
N LEU A 131 19.01 44.11 1.21
CA LEU A 131 18.59 45.48 1.47
C LEU A 131 18.25 45.59 2.94
N LYS A 132 19.17 46.15 3.72
CA LYS A 132 19.05 46.23 5.17
C LYS A 132 18.11 47.35 5.59
N LEU A 133 17.26 47.05 6.59
CA LEU A 133 16.32 48.03 7.13
C LEU A 133 16.66 48.41 8.56
N ALA A 134 16.51 49.70 8.87
CA ALA A 134 16.72 50.19 10.24
C ALA A 134 15.59 51.12 10.66
N MET A 135 14.98 50.81 11.80
CA MET A 135 13.87 51.60 12.32
C MET A 135 13.86 51.61 13.85
N THR A 136 12.93 52.38 14.42
CA THR A 136 12.80 52.51 15.88
C THR A 136 11.48 51.91 16.36
N ILE A 137 11.55 51.11 17.42
CA ILE A 137 10.36 50.51 18.02
C ILE A 137 9.68 51.51 18.97
N ALA A 138 8.37 51.66 18.84
CA ALA A 138 7.60 52.48 19.78
C ALA A 138 7.35 51.72 21.08
N ALA A 139 8.35 51.77 21.96
CA ALA A 139 8.36 51.05 23.22
C ALA A 139 9.15 51.91 24.21
N PRO A 140 8.97 51.68 25.53
CA PRO A 140 9.81 52.38 26.52
C PRO A 140 11.31 52.20 26.28
N GLY A 141 12.01 53.32 26.15
CA GLY A 141 13.43 53.31 25.81
C GLY A 141 13.70 53.59 24.34
N GLU A 142 12.67 53.37 23.50
CA GLU A 142 12.74 53.45 22.03
C GLU A 142 13.88 52.64 21.39
N PRO A 143 13.82 51.30 21.48
CA PRO A 143 14.92 50.44 21.01
C PRO A 143 14.96 50.36 19.47
N PRO A 144 16.16 50.18 18.89
CA PRO A 144 16.23 50.03 17.44
C PRO A 144 15.82 48.63 16.98
N LEU A 145 15.30 48.55 15.75
CA LEU A 145 15.09 47.29 15.06
C LEU A 145 15.94 47.31 13.79
N ASN A 146 17.01 46.53 13.78
CA ASN A 146 18.02 46.55 12.72
C ASN A 146 18.25 45.22 12.00
N ASP A 147 17.56 44.17 12.45
CA ASP A 147 17.78 42.82 11.92
C ASP A 147 16.89 42.42 10.74
N LEU A 148 16.08 43.36 10.26
CA LEU A 148 15.20 43.10 9.11
C LEU A 148 15.87 43.50 7.80
N PHE A 149 15.54 42.76 6.75
CA PHE A 149 16.12 42.96 5.42
C PHE A 149 15.20 42.44 4.33
N VAL A 150 15.47 42.84 3.09
CA VAL A 150 14.87 42.22 1.91
C VAL A 150 16.00 41.57 1.09
N GLN A 151 15.85 40.30 0.77
CA GLN A 151 16.85 39.57 -0.01
C GLN A 151 16.77 39.96 -1.48
N LEU A 152 17.93 40.24 -2.06
CA LEU A 152 17.98 40.82 -3.41
C LEU A 152 18.36 39.85 -4.52
N ASN A 153 18.44 38.56 -4.21
CA ASN A 153 18.71 37.53 -5.23
C ASN A 153 17.60 37.47 -6.27
N GLY A 154 17.94 37.84 -7.50
CA GLY A 154 17.00 37.85 -8.60
C GLY A 154 16.43 39.22 -8.94
N PHE A 155 16.82 40.25 -8.18
CA PHE A 155 16.34 41.62 -8.39
C PHE A 155 16.67 42.13 -9.79
N SER A 156 17.93 41.97 -10.20
CA SER A 156 18.41 42.46 -11.49
C SER A 156 17.67 41.81 -12.66
N ASN A 157 17.52 40.49 -12.63
CA ASN A 157 16.79 39.75 -13.67
C ASN A 157 15.29 40.04 -13.72
N ALA A 158 14.69 40.26 -12.55
CA ALA A 158 13.28 40.65 -12.45
C ALA A 158 13.06 42.09 -12.95
N LEU A 159 14.01 42.98 -12.66
CA LEU A 159 13.94 44.35 -13.18
C LEU A 159 14.13 44.39 -14.71
N ASN A 160 15.02 43.55 -15.23
CA ASN A 160 15.21 43.39 -16.68
C ASN A 160 13.94 42.96 -17.39
N ARG A 161 13.19 42.07 -16.75
CA ARG A 161 11.90 41.61 -17.25
C ARG A 161 10.84 42.73 -17.22
N LEU A 162 10.88 43.56 -16.18
CA LEU A 162 10.02 44.73 -16.06
C LEU A 162 10.27 45.75 -17.17
N ILE A 163 11.55 45.95 -17.51
CA ILE A 163 11.97 46.80 -18.63
C ILE A 163 11.45 46.23 -19.95
N ALA A 164 11.59 44.92 -20.12
CA ALA A 164 11.11 44.20 -21.31
C ALA A 164 9.59 44.22 -21.47
N LEU A 165 8.87 44.22 -20.35
CA LEU A 165 7.40 44.27 -20.37
C LEU A 165 6.85 45.67 -20.67
N GLN A 166 7.66 46.70 -20.42
CA GLN A 166 7.32 48.08 -20.76
C GLN A 166 7.34 48.30 -22.28
N LYS A 167 8.30 47.68 -22.94
CA LYS A 167 8.45 47.77 -24.39
C LYS A 167 7.35 47.00 -25.13
N GLU A 168 6.85 45.95 -24.50
CA GLU A 168 5.71 45.19 -25.00
C GLU A 168 4.42 45.99 -24.78
N SER B 24 13.25 36.83 13.49
CA SER B 24 14.08 35.69 13.01
C SER B 24 13.76 35.38 11.56
N LEU B 25 14.25 36.23 10.66
CA LEU B 25 13.91 36.17 9.24
C LEU B 25 14.67 35.04 8.53
N THR B 26 13.96 34.30 7.69
CA THR B 26 14.54 33.18 6.95
C THR B 26 15.30 33.67 5.71
N GLU B 27 16.56 33.29 5.62
CA GLU B 27 17.37 33.55 4.42
C GLU B 27 17.37 32.33 3.53
N THR B 28 17.45 32.53 2.22
CA THR B 28 17.41 31.44 1.26
C THR B 28 18.65 31.46 0.36
N TYR B 29 19.34 30.33 0.31
CA TYR B 29 20.49 30.13 -0.55
C TYR B 29 20.31 28.83 -1.32
N GLY B 30 19.86 28.97 -2.57
CA GLY B 30 19.48 27.84 -3.40
C GLY B 30 18.32 27.08 -2.77
N LEU B 31 18.61 25.85 -2.34
CA LEU B 31 17.63 25.00 -1.67
C LEU B 31 17.77 25.03 -0.14
N TRP B 32 18.79 25.72 0.34
CA TRP B 32 19.07 25.79 1.78
C TRP B 32 18.52 27.05 2.47
N SER B 33 18.08 26.90 3.70
CA SER B 33 17.54 27.99 4.49
C SER B 33 18.41 28.30 5.71
N ILE B 34 18.41 29.56 6.14
CA ILE B 34 19.12 29.98 7.35
C ILE B 34 18.19 30.74 8.30
N ASN B 35 18.15 30.30 9.55
CA ASN B 35 17.46 31.02 10.61
C ASN B 35 18.37 31.23 11.81
N CYS B 36 18.29 32.41 12.42
CA CYS B 36 19.03 32.70 13.64
C CYS B 36 18.05 32.85 14.80
N GLY B 37 18.36 32.21 15.92
CA GLY B 37 17.42 32.18 17.03
C GLY B 37 18.05 32.21 18.41
N ILE B 38 17.24 32.59 19.39
CA ILE B 38 17.65 32.53 20.78
C ILE B 38 16.97 31.32 21.42
N GLN B 39 17.76 30.25 21.59
CA GLN B 39 17.27 29.00 22.17
C GLN B 39 17.79 28.84 23.59
N GLU B 40 17.05 29.42 24.54
CA GLU B 40 17.37 29.42 25.97
C GLU B 40 18.78 29.94 26.31
N GLY B 41 18.96 31.25 26.15
CA GLY B 41 20.21 31.93 26.51
C GLY B 41 21.36 31.71 25.54
N LYS B 42 21.04 31.37 24.30
CA LYS B 42 22.04 31.05 23.28
C LYS B 42 21.62 31.59 21.92
N LYS B 43 22.45 32.44 21.32
CA LYS B 43 22.18 32.95 19.97
C LYS B 43 22.88 32.10 18.92
N VAL B 44 22.10 31.31 18.20
CA VAL B 44 22.65 30.37 17.25
C VAL B 44 21.99 30.51 15.87
N CYS B 45 22.82 30.57 14.83
CA CYS B 45 22.35 30.58 13.46
C CYS B 45 22.51 29.19 12.87
N PHE B 46 21.42 28.67 12.31
CA PHE B 46 21.47 27.33 11.75
C PHE B 46 21.07 27.26 10.28
N MET B 47 21.59 26.22 9.64
CA MET B 47 21.49 25.99 8.21
C MET B 47 20.64 24.74 8.03
N HIS B 48 19.54 24.85 7.29
CA HIS B 48 18.60 23.72 7.22
C HIS B 48 17.92 23.46 5.88
N ARG B 49 17.50 22.20 5.71
CA ARG B 49 16.90 21.71 4.48
C ARG B 49 15.95 20.54 4.79
N GLN B 50 14.75 20.59 4.22
CA GLN B 50 13.80 19.47 4.28
C GLN B 50 13.60 18.86 2.90
N GLU B 51 13.48 17.54 2.86
CA GLU B 51 13.09 16.87 1.62
C GLU B 51 11.70 16.24 1.76
N VAL B 52 10.86 16.45 0.75
CA VAL B 52 9.48 15.96 0.75
C VAL B 52 9.24 14.93 -0.35
N ASN B 53 8.18 14.13 -0.20
CA ASN B 53 7.73 13.23 -1.27
C ASN B 53 6.71 13.90 -2.21
N ASP B 54 6.09 13.10 -3.08
CA ASP B 54 5.06 13.60 -4.00
C ASP B 54 3.76 14.04 -3.29
N GLN B 55 3.57 13.57 -2.07
CA GLN B 55 2.44 13.96 -1.23
C GLN B 55 2.76 15.16 -0.34
N ASN B 56 3.94 15.75 -0.58
CA ASN B 56 4.45 16.94 0.10
C ASN B 56 4.64 16.79 1.62
N ARG B 57 4.91 15.58 2.09
CA ARG B 57 5.25 15.37 3.50
C ARG B 57 6.74 15.09 3.68
N VAL B 58 7.29 15.60 4.78
CA VAL B 58 8.73 15.53 5.07
C VAL B 58 9.18 14.10 5.35
N VAL B 59 10.16 13.65 4.57
CA VAL B 59 10.74 12.32 4.73
C VAL B 59 12.10 12.40 5.43
N VAL B 60 12.91 13.36 5.01
CA VAL B 60 14.23 13.56 5.60
C VAL B 60 14.51 15.06 5.80
N ALA B 61 15.15 15.39 6.91
CA ALA B 61 15.54 16.77 7.21
C ALA B 61 17.00 16.84 7.69
N MET B 62 17.65 17.98 7.46
CA MET B 62 19.01 18.21 7.93
C MET B 62 19.11 19.62 8.49
N SER B 63 19.67 19.72 9.69
CA SER B 63 19.93 21.01 10.33
C SER B 63 21.38 21.04 10.83
N VAL B 64 22.06 22.16 10.55
CA VAL B 64 23.52 22.24 10.70
C VAL B 64 23.96 23.60 11.26
N VAL B 65 24.95 23.58 12.16
CA VAL B 65 25.58 24.79 12.71
C VAL B 65 27.08 24.83 12.44
N LEU B 66 27.63 26.03 12.38
CA LEU B 66 29.07 26.23 12.26
C LEU B 66 29.66 26.47 13.65
N ASN B 67 30.55 25.57 14.06
CA ASN B 67 31.26 25.73 15.33
C ASN B 67 32.37 26.76 15.18
N ALA B 68 32.73 27.40 16.30
CA ALA B 68 33.74 28.48 16.31
C ALA B 68 35.12 28.07 15.76
N ASP B 69 35.42 26.77 15.85
CA ASP B 69 36.65 26.18 15.33
C ASP B 69 36.58 25.73 13.87
N GLY B 70 35.47 26.03 13.20
CA GLY B 70 35.32 25.73 11.78
C GLY B 70 34.65 24.41 11.43
N VAL B 71 34.48 23.54 12.43
CA VAL B 71 33.79 22.26 12.23
C VAL B 71 32.28 22.45 12.03
N VAL B 72 31.74 21.75 11.04
CA VAL B 72 30.31 21.82 10.74
C VAL B 72 29.60 20.63 11.36
N SER B 73 28.66 20.92 12.25
CA SER B 73 27.95 19.86 12.96
C SER B 73 26.46 20.14 13.04
N GLY B 74 25.69 19.11 13.37
CA GLY B 74 24.26 19.26 13.56
C GLY B 74 23.51 17.95 13.62
N ASN B 75 22.30 17.95 13.08
CA ASN B 75 21.42 16.79 13.13
C ASN B 75 20.73 16.46 11.82
N LEU B 76 20.66 15.16 11.54
CA LEU B 76 19.88 14.63 10.45
C LEU B 76 18.63 13.96 11.02
N THR B 77 17.47 14.27 10.47
CA THR B 77 16.22 13.64 10.87
C THR B 77 15.81 12.62 9.82
N VAL B 78 15.73 11.36 10.23
CA VAL B 78 15.38 10.25 9.34
C VAL B 78 14.00 9.66 9.74
N PRO B 79 13.37 8.84 8.86
CA PRO B 79 12.06 8.27 9.21
C PRO B 79 12.04 7.32 10.42
N PHE B 80 10.83 7.02 10.89
CA PHE B 80 10.59 5.96 11.86
C PHE B 80 10.80 4.59 11.22
N GLY B 81 10.98 3.57 12.05
CA GLY B 81 11.08 2.19 11.57
C GLY B 81 12.46 1.80 11.07
N ILE B 82 13.46 2.62 11.42
CA ILE B 82 14.84 2.35 11.05
C ILE B 82 15.52 1.56 12.17
N LEU B 83 16.24 0.51 11.80
CA LEU B 83 17.00 -0.30 12.74
C LEU B 83 18.10 0.51 13.40
N VAL B 84 17.91 0.73 14.69
CA VAL B 84 18.72 1.64 15.49
C VAL B 84 20.13 1.10 15.80
N SER B 85 20.26 -0.23 15.84
CA SER B 85 21.52 -0.90 16.14
C SER B 85 22.50 -0.93 14.96
N LYS B 86 21.96 -0.71 13.76
CA LYS B 86 22.77 -0.66 12.54
C LYS B 86 23.01 0.80 12.10
N PRO B 87 24.19 1.09 11.50
CA PRO B 87 24.57 2.48 11.27
C PRO B 87 23.84 3.19 10.13
N VAL B 88 23.88 4.51 10.16
CA VAL B 88 23.42 5.35 9.07
C VAL B 88 24.65 5.85 8.31
N ARG B 89 24.73 5.50 7.04
CA ARG B 89 25.89 5.83 6.20
C ARG B 89 25.59 7.07 5.37
N LEU B 90 26.53 8.02 5.40
CA LEU B 90 26.42 9.26 4.65
C LEU B 90 27.50 9.33 3.58
N GLN B 91 27.09 9.61 2.34
CA GLN B 91 28.03 9.67 1.22
C GLN B 91 27.68 10.81 0.27
N VAL B 92 28.68 11.63 -0.07
CA VAL B 92 28.50 12.69 -1.05
C VAL B 92 28.62 12.09 -2.44
N ASP B 93 27.49 12.05 -3.15
CA ASP B 93 27.39 11.47 -4.50
C ASP B 93 27.91 10.03 -4.54
N GLU B 94 28.94 9.79 -5.37
CA GLU B 94 29.57 8.48 -5.47
C GLU B 94 31.09 8.58 -5.23
N GLY B 95 31.48 9.55 -4.41
CA GLY B 95 32.89 9.81 -4.11
C GLY B 95 33.41 9.11 -2.88
N LYS B 96 34.60 9.52 -2.43
CA LYS B 96 35.29 8.89 -1.31
C LYS B 96 34.83 9.37 0.06
N ALA B 97 34.12 10.51 0.08
CA ALA B 97 33.62 11.10 1.32
C ALA B 97 32.49 10.28 1.97
N VAL B 98 32.86 9.40 2.90
CA VAL B 98 31.92 8.50 3.59
C VAL B 98 32.00 8.64 5.12
N ILE B 99 30.85 8.94 5.73
CA ILE B 99 30.70 9.00 7.19
C ILE B 99 29.74 7.89 7.63
N GLU B 100 30.08 7.22 8.71
CA GLU B 100 29.17 6.25 9.30
C GLU B 100 28.85 6.68 10.73
N THR B 101 27.56 6.89 11.00
CA THR B 101 27.08 7.32 12.31
C THR B 101 25.78 6.58 12.63
N GLY B 102 25.13 6.93 13.74
CA GLY B 102 23.91 6.25 14.15
C GLY B 102 22.84 7.15 14.73
N ILE B 103 21.64 6.59 14.90
CA ILE B 103 20.53 7.27 15.57
C ILE B 103 20.83 7.42 17.07
N ARG B 104 20.68 8.64 17.58
CA ARG B 104 20.87 8.92 19.00
CA ARG B 104 20.87 8.93 19.00
C ARG B 104 19.56 8.74 19.77
N THR B 105 18.46 9.22 19.18
CA THR B 105 17.13 9.11 19.76
C THR B 105 16.09 9.37 18.68
N CYS B 106 14.82 9.10 18.99
CA CYS B 106 13.73 9.52 18.11
C CYS B 106 12.71 10.33 18.88
N VAL B 107 12.13 11.31 18.19
CA VAL B 107 11.14 12.24 18.72
C VAL B 107 9.93 12.15 17.78
N PRO B 108 8.79 12.85 18.09
CA PRO B 108 7.64 12.86 17.17
C PRO B 108 7.94 13.25 15.69
N ALA B 109 8.95 14.09 15.49
CA ALA B 109 9.35 14.53 14.15
C ALA B 109 10.12 13.44 13.38
N GLY B 110 10.66 12.46 14.09
CA GLY B 110 11.39 11.36 13.47
C GLY B 110 12.62 10.99 14.28
N CYS B 111 13.51 10.22 13.66
CA CYS B 111 14.71 9.74 14.33
C CYS B 111 15.92 10.63 14.09
N ILE B 112 16.62 10.98 15.16
CA ILE B 112 17.66 12.00 15.14
C ILE B 112 19.05 11.37 15.01
N VAL B 113 19.79 11.79 13.99
CA VAL B 113 21.13 11.30 13.70
C VAL B 113 22.12 12.47 13.81
N PRO B 114 22.96 12.49 14.87
CA PRO B 114 23.98 13.52 15.02
C PRO B 114 25.07 13.37 13.97
N ILE B 115 25.51 14.49 13.42
CA ILE B 115 26.51 14.50 12.37
C ILE B 115 27.59 15.53 12.66
N VAL B 116 28.84 15.15 12.44
CA VAL B 116 29.99 16.04 12.55
C VAL B 116 30.79 15.93 11.25
N PHE B 117 31.02 17.06 10.60
CA PHE B 117 31.79 17.10 9.36
C PHE B 117 33.15 17.76 9.57
N ASP B 118 34.22 17.05 9.19
CA ASP B 118 35.57 17.61 9.18
C ASP B 118 35.80 18.49 7.94
N LYS B 119 36.95 19.17 7.90
CA LYS B 119 37.31 20.10 6.82
C LYS B 119 37.23 19.47 5.42
N ASN B 120 37.65 18.21 5.33
CA ASN B 120 37.64 17.48 4.07
CA ASN B 120 37.64 17.44 4.08
C ASN B 120 36.24 17.09 3.59
N TYR B 121 35.36 16.73 4.54
CA TYR B 121 33.98 16.39 4.23
C TYR B 121 33.18 17.64 3.86
N VAL B 122 33.43 18.73 4.58
CA VAL B 122 32.82 20.04 4.28
C VAL B 122 33.13 20.47 2.84
N ALA B 123 34.38 20.32 2.43
CA ALA B 123 34.81 20.61 1.06
C ALA B 123 34.10 19.75 0.00
N ALA B 124 33.83 18.49 0.34
CA ALA B 124 33.07 17.59 -0.53
C ALA B 124 31.60 18.01 -0.64
N LEU B 125 31.04 18.46 0.49
CA LEU B 125 29.66 18.97 0.56
C LEU B 125 29.46 20.21 -0.31
N ARG B 126 30.48 21.07 -0.34
CA ARG B 126 30.47 22.29 -1.17
C ARG B 126 30.49 21.99 -2.66
N ALA B 127 31.16 20.91 -3.04
CA ALA B 127 31.30 20.53 -4.45
C ALA B 127 30.26 19.50 -4.91
N GLY B 128 29.49 18.96 -3.95
CA GLY B 128 28.55 17.88 -4.22
C GLY B 128 27.16 18.32 -4.66
N LYS B 129 26.39 17.36 -5.15
CA LYS B 129 25.02 17.59 -5.58
C LYS B 129 24.01 16.95 -4.65
N HIS B 130 24.35 15.76 -4.19
CA HIS B 130 23.54 15.01 -3.26
C HIS B 130 24.32 14.47 -2.11
N LEU B 131 23.71 14.50 -0.95
CA LEU B 131 24.24 13.75 0.17
C LEU B 131 23.37 12.52 0.33
N LYS B 132 23.89 11.38 -0.11
CA LYS B 132 23.17 10.11 -0.11
C LYS B 132 23.17 9.44 1.26
N LEU B 133 22.01 8.92 1.64
CA LEU B 133 21.84 8.24 2.93
C LEU B 133 21.61 6.74 2.73
N ALA B 134 22.20 5.93 3.60
CA ALA B 134 21.99 4.49 3.59
C ALA B 134 21.71 3.99 5.00
N MET B 135 20.60 3.28 5.18
CA MET B 135 20.21 2.74 6.48
C MET B 135 19.46 1.40 6.36
N THR B 136 19.20 0.78 7.50
CA THR B 136 18.51 -0.51 7.57
C THR B 136 17.11 -0.35 8.18
N ILE B 137 16.11 -0.91 7.51
CA ILE B 137 14.73 -0.89 8.01
C ILE B 137 14.56 -2.01 9.06
N ALA B 138 13.95 -1.66 10.19
CA ALA B 138 13.59 -2.64 11.21
C ALA B 138 12.32 -3.40 10.81
N ALA B 139 12.51 -4.42 9.99
CA ALA B 139 11.42 -5.21 9.42
C ALA B 139 11.96 -6.63 9.22
N PRO B 140 11.06 -7.64 9.06
CA PRO B 140 11.53 -8.98 8.72
C PRO B 140 12.39 -9.01 7.45
N GLY B 141 13.60 -9.55 7.58
CA GLY B 141 14.56 -9.58 6.48
C GLY B 141 15.60 -8.48 6.56
N GLU B 142 15.27 -7.44 7.35
CA GLU B 142 16.08 -6.22 7.52
C GLU B 142 16.52 -5.55 6.21
N PRO B 143 15.56 -5.03 5.42
CA PRO B 143 15.87 -4.51 4.09
C PRO B 143 16.60 -3.15 4.15
N PRO B 144 17.46 -2.86 3.16
CA PRO B 144 18.09 -1.56 3.13
C PRO B 144 17.17 -0.44 2.64
N LEU B 145 17.41 0.77 3.12
CA LEU B 145 16.78 1.97 2.60
C LEU B 145 17.91 2.87 2.08
N ASN B 146 18.01 2.97 0.76
CA ASN B 146 19.15 3.64 0.11
C ASN B 146 18.77 4.80 -0.82
N ASP B 147 17.46 5.03 -0.99
CA ASP B 147 16.97 6.04 -1.93
C ASP B 147 16.79 7.45 -1.35
N LEU B 148 17.11 7.61 -0.07
CA LEU B 148 16.99 8.91 0.60
C LEU B 148 18.27 9.73 0.46
N PHE B 149 18.10 11.04 0.30
CA PHE B 149 19.19 11.97 0.12
C PHE B 149 18.83 13.35 0.65
N VAL B 150 19.85 14.20 0.79
CA VAL B 150 19.66 15.63 1.00
C VAL B 150 20.30 16.34 -0.20
N GLN B 151 19.53 17.22 -0.83
CA GLN B 151 20.04 18.01 -1.95
C GLN B 151 20.96 19.12 -1.47
N LEU B 152 22.08 19.29 -2.17
CA LEU B 152 23.15 20.16 -1.71
C LEU B 152 23.26 21.48 -2.48
N ASN B 153 22.31 21.76 -3.34
CA ASN B 153 22.27 23.04 -4.00
C ASN B 153 22.12 24.23 -3.08
N GLY B 154 23.14 25.04 -3.04
CA GLY B 154 23.15 26.22 -2.19
C GLY B 154 23.85 26.04 -0.85
N PHE B 155 24.38 24.84 -0.60
CA PHE B 155 25.11 24.51 0.63
C PHE B 155 26.31 25.45 0.84
N SER B 156 27.11 25.59 -0.21
CA SER B 156 28.33 26.39 -0.17
C SER B 156 28.06 27.87 0.15
N ASN B 157 27.08 28.46 -0.53
CA ASN B 157 26.69 29.85 -0.30
C ASN B 157 26.07 30.09 1.07
N ALA B 158 25.29 29.12 1.55
CA ALA B 158 24.67 29.19 2.87
C ALA B 158 25.71 29.05 3.98
N LEU B 159 26.73 28.22 3.75
CA LEU B 159 27.83 28.07 4.69
C LEU B 159 28.73 29.31 4.74
N ASN B 160 28.94 29.96 3.59
CA ASN B 160 29.65 31.24 3.51
C ASN B 160 28.96 32.32 4.34
N ARG B 161 27.63 32.31 4.31
CA ARG B 161 26.80 33.24 5.07
C ARG B 161 26.88 32.96 6.58
N LEU B 162 26.97 31.69 6.94
CA LEU B 162 27.19 31.27 8.31
C LEU B 162 28.56 31.71 8.87
N ILE B 163 29.58 31.64 8.01
CA ILE B 163 30.91 32.15 8.33
C ILE B 163 30.86 33.68 8.53
N ALA B 164 30.17 34.37 7.62
CA ALA B 164 29.99 35.83 7.69
C ALA B 164 29.22 36.30 8.91
N LEU B 165 28.24 35.51 9.35
CA LEU B 165 27.45 35.81 10.54
C LEU B 165 28.20 35.58 11.85
N GLN B 166 29.22 34.72 11.81
CA GLN B 166 30.12 34.51 12.95
C GLN B 166 31.02 35.71 13.22
N LYS B 167 31.49 36.35 12.15
CA LYS B 167 32.33 37.54 12.24
C LYS B 167 31.54 38.77 12.70
N GLU B 168 30.25 38.80 12.38
CA GLU B 168 29.33 39.82 12.87
C GLU B 168 28.99 39.63 14.35
N GLY B 169 28.69 38.38 14.73
CA GLY B 169 28.29 38.04 16.10
C GLY B 169 29.46 37.53 16.93
N SER C 24 -5.80 -39.91 -1.99
CA SER C 24 -4.78 -38.83 -1.82
C SER C 24 -4.93 -37.75 -2.89
N LEU C 25 -5.94 -36.90 -2.72
CA LEU C 25 -6.29 -35.88 -3.70
C LEU C 25 -5.36 -34.66 -3.64
N THR C 26 -4.94 -34.20 -4.82
CA THR C 26 -4.02 -33.06 -4.93
C THR C 26 -4.75 -31.72 -4.77
N GLU C 27 -4.32 -30.93 -3.79
CA GLU C 27 -4.79 -29.56 -3.61
C GLU C 27 -3.85 -28.59 -4.30
N THR C 28 -4.40 -27.51 -4.85
CA THR C 28 -3.62 -26.54 -5.61
C THR C 28 -3.77 -25.14 -5.00
N TYR C 29 -2.64 -24.54 -4.68
CA TYR C 29 -2.59 -23.17 -4.17
C TYR C 29 -1.57 -22.39 -4.96
N GLY C 30 -2.08 -21.63 -5.94
CA GLY C 30 -1.24 -20.91 -6.88
C GLY C 30 -0.46 -21.89 -7.71
N LEU C 31 0.86 -21.86 -7.56
CA LEU C 31 1.75 -22.77 -8.27
C LEU C 31 2.16 -23.96 -7.40
N TRP C 32 1.70 -23.97 -6.16
CA TRP C 32 2.08 -25.01 -5.21
C TRP C 32 1.00 -26.08 -5.04
N SER C 33 1.45 -27.32 -4.84
CA SER C 33 0.57 -28.47 -4.66
C SER C 33 0.69 -29.10 -3.28
N ILE C 34 -0.40 -29.70 -2.81
CA ILE C 34 -0.42 -30.42 -1.53
C ILE C 34 -0.98 -31.83 -1.69
N ASN C 35 -0.21 -32.81 -1.21
CA ASN C 35 -0.66 -34.19 -1.15
C ASN C 35 -0.45 -34.76 0.24
N CYS C 36 -1.42 -35.55 0.70
CA CYS C 36 -1.32 -36.19 2.00
C CYS C 36 -1.26 -37.70 1.86
N GLY C 37 -0.46 -38.32 2.72
CA GLY C 37 -0.37 -39.78 2.78
C GLY C 37 -0.16 -40.22 4.21
N ILE C 38 -0.52 -41.47 4.51
CA ILE C 38 -0.32 -42.03 5.83
C ILE C 38 1.07 -42.67 5.91
N GLN C 39 1.94 -42.07 6.71
CA GLN C 39 3.28 -42.60 6.94
C GLN C 39 3.39 -43.00 8.40
N GLU C 40 3.57 -44.30 8.62
CA GLU C 40 3.74 -44.91 9.95
C GLU C 40 2.61 -44.54 10.93
N GLY C 41 1.38 -44.75 10.48
CA GLY C 41 0.19 -44.48 11.30
C GLY C 41 -0.33 -43.06 11.20
N LYS C 42 0.58 -42.10 11.10
CA LYS C 42 0.21 -40.68 11.10
C LYS C 42 0.04 -40.11 9.69
N LYS C 43 -1.00 -39.29 9.53
CA LYS C 43 -1.25 -38.58 8.28
C LYS C 43 -0.21 -37.49 8.09
N VAL C 44 0.57 -37.62 7.01
CA VAL C 44 1.65 -36.69 6.69
C VAL C 44 1.29 -35.96 5.39
N CYS C 45 1.28 -34.64 5.46
CA CYS C 45 0.98 -33.81 4.30
C CYS C 45 2.20 -33.05 3.85
N PHE C 46 2.44 -33.07 2.55
CA PHE C 46 3.59 -32.34 1.99
C PHE C 46 3.21 -31.32 0.94
N MET C 47 4.08 -30.31 0.81
CA MET C 47 3.90 -29.13 0.00
C MET C 47 4.95 -29.21 -1.10
N HIS C 48 4.54 -29.19 -2.36
CA HIS C 48 5.52 -29.41 -3.43
C HIS C 48 5.33 -28.60 -4.70
N ARG C 49 6.43 -28.46 -5.44
CA ARG C 49 6.51 -27.66 -6.66
C ARG C 49 7.61 -28.21 -7.58
N GLN C 50 7.34 -28.38 -8.83
CA GLN C 50 8.40 -28.62 -9.75
C GLN C 50 8.47 -27.60 -10.82
N GLU C 51 9.67 -27.39 -11.32
CA GLU C 51 9.92 -26.46 -12.41
C GLU C 51 10.42 -27.21 -13.64
N VAL C 52 9.91 -26.81 -14.81
CA VAL C 52 10.24 -27.46 -16.08
C VAL C 52 10.90 -26.49 -17.05
N ASN C 53 11.58 -27.04 -18.06
CA ASN C 53 12.12 -26.23 -19.16
C ASN C 53 11.12 -26.13 -20.32
N ASP C 54 11.58 -25.59 -21.45
CA ASP C 54 10.73 -25.44 -22.64
C ASP C 54 10.38 -26.77 -23.33
N GLN C 55 11.16 -27.81 -23.03
CA GLN C 55 10.87 -29.19 -23.48
C GLN C 55 10.02 -29.95 -22.46
N ASN C 56 9.51 -29.21 -21.48
CA ASN C 56 8.62 -29.71 -20.41
C ASN C 56 9.16 -30.86 -19.54
N ARG C 57 10.48 -30.94 -19.39
CA ARG C 57 11.06 -31.90 -18.46
C ARG C 57 11.53 -31.20 -17.17
N VAL C 58 11.40 -31.93 -16.05
CA VAL C 58 11.68 -31.39 -14.72
C VAL C 58 13.18 -31.14 -14.52
N VAL C 59 13.52 -29.90 -14.16
CA VAL C 59 14.90 -29.49 -13.94
C VAL C 59 15.17 -29.32 -12.44
N VAL C 60 14.21 -28.71 -11.74
CA VAL C 60 14.31 -28.48 -10.31
C VAL C 60 12.96 -28.77 -9.63
N ALA C 61 13.01 -29.38 -8.43
CA ALA C 61 11.82 -29.72 -7.67
C ALA C 61 12.03 -29.41 -6.18
N MET C 62 10.95 -29.12 -5.47
CA MET C 62 11.01 -28.84 -4.04
C MET C 62 9.84 -29.50 -3.35
N SER C 63 10.12 -30.22 -2.26
CA SER C 63 9.09 -30.86 -1.45
C SER C 63 9.34 -30.53 0.02
N VAL C 64 8.27 -30.16 0.73
CA VAL C 64 8.38 -29.53 2.04
C VAL C 64 7.28 -29.99 3.01
N VAL C 65 7.67 -30.26 4.26
CA VAL C 65 6.72 -30.58 5.33
C VAL C 65 6.80 -29.59 6.48
N LEU C 66 5.71 -29.49 7.24
CA LEU C 66 5.64 -28.68 8.45
C LEU C 66 5.80 -29.62 9.65
N ASN C 67 6.90 -29.45 10.37
CA ASN C 67 7.18 -30.30 11.54
C ASN C 67 6.40 -29.85 12.77
N ALA C 68 6.29 -30.76 13.74
CA ALA C 68 5.51 -30.57 14.96
C ALA C 68 5.88 -29.34 15.80
N ASP C 69 7.14 -28.92 15.71
CA ASP C 69 7.64 -27.75 16.44
C ASP C 69 7.58 -26.45 15.63
N GLY C 70 6.98 -26.50 14.45
CA GLY C 70 6.77 -25.30 13.63
C GLY C 70 7.83 -25.02 12.57
N VAL C 71 8.84 -25.89 12.49
CA VAL C 71 9.92 -25.74 11.51
C VAL C 71 9.54 -26.39 10.16
N VAL C 72 9.91 -25.71 9.07
CA VAL C 72 9.65 -26.20 7.73
C VAL C 72 10.91 -26.85 7.13
N SER C 73 10.83 -28.13 6.76
CA SER C 73 11.98 -28.86 6.21
C SER C 73 11.58 -29.75 5.04
N GLY C 74 12.58 -30.19 4.27
CA GLY C 74 12.35 -31.14 3.19
C GLY C 74 13.53 -31.26 2.24
N ASN C 75 13.22 -31.41 0.95
CA ASN C 75 14.23 -31.66 -0.07
C ASN C 75 14.09 -30.83 -1.33
N LEU C 76 15.23 -30.38 -1.84
CA LEU C 76 15.32 -29.73 -3.13
C LEU C 76 16.00 -30.69 -4.10
N THR C 77 15.40 -30.88 -5.27
CA THR C 77 16.00 -31.70 -6.31
C THR C 77 16.59 -30.78 -7.38
N VAL C 78 17.90 -30.94 -7.63
CA VAL C 78 18.63 -30.12 -8.60
C VAL C 78 19.13 -31.02 -9.75
N PRO C 79 19.57 -30.42 -10.89
CA PRO C 79 20.06 -31.23 -12.01
C PRO C 79 21.33 -32.05 -11.74
N PHE C 80 21.58 -33.01 -12.63
CA PHE C 80 22.85 -33.72 -12.69
C PHE C 80 23.95 -32.78 -13.19
N GLY C 81 25.20 -33.14 -12.92
CA GLY C 81 26.34 -32.36 -13.42
C GLY C 81 26.76 -31.22 -12.53
N ILE C 82 26.21 -31.18 -11.31
CA ILE C 82 26.53 -30.14 -10.34
C ILE C 82 27.69 -30.60 -9.45
N LEU C 83 28.67 -29.72 -9.28
CA LEU C 83 29.82 -29.95 -8.40
C LEU C 83 29.37 -30.11 -6.95
N VAL C 84 29.50 -31.34 -6.48
CA VAL C 84 28.99 -31.81 -5.20
C VAL C 84 29.76 -31.26 -3.99
N SER C 85 31.03 -30.92 -4.22
CA SER C 85 31.91 -30.43 -3.15
CA SER C 85 31.93 -30.43 -3.17
C SER C 85 31.67 -28.96 -2.82
N LYS C 86 31.09 -28.23 -3.76
CA LYS C 86 30.76 -26.82 -3.57
C LYS C 86 29.29 -26.67 -3.19
N PRO C 87 28.95 -25.64 -2.38
CA PRO C 87 27.59 -25.56 -1.81
C PRO C 87 26.50 -25.11 -2.78
N VAL C 88 25.26 -25.37 -2.39
CA VAL C 88 24.08 -24.85 -3.07
C VAL C 88 23.52 -23.71 -2.22
N ARG C 89 23.46 -22.52 -2.82
CA ARG C 89 23.04 -21.30 -2.14
C ARG C 89 21.56 -21.01 -2.45
N LEU C 90 20.79 -20.78 -1.39
CA LEU C 90 19.37 -20.46 -1.51
C LEU C 90 19.10 -19.04 -1.01
N GLN C 91 18.43 -18.24 -1.85
CA GLN C 91 18.15 -16.85 -1.52
C GLN C 91 16.74 -16.46 -1.96
N VAL C 92 15.96 -15.88 -1.04
CA VAL C 92 14.66 -15.34 -1.39
C VAL C 92 14.86 -14.00 -2.08
N ASP C 93 14.62 -14.00 -3.40
CA ASP C 93 14.82 -12.85 -4.27
C ASP C 93 16.21 -12.23 -4.15
N GLU C 94 16.28 -10.99 -3.68
CA GLU C 94 17.56 -10.28 -3.56
C GLU C 94 17.85 -9.81 -2.14
N GLY C 95 17.09 -10.33 -1.18
CA GLY C 95 17.21 -9.94 0.22
C GLY C 95 18.25 -10.71 1.03
N LYS C 96 18.16 -10.54 2.35
CA LYS C 96 19.17 -11.06 3.28
C LYS C 96 18.92 -12.49 3.76
N ALA C 97 17.81 -13.09 3.31
CA ALA C 97 17.53 -14.48 3.63
C ALA C 97 18.36 -15.42 2.77
N VAL C 98 19.56 -15.74 3.25
CA VAL C 98 20.48 -16.61 2.52
C VAL C 98 20.78 -17.88 3.32
N ILE C 99 20.55 -19.02 2.69
CA ILE C 99 20.90 -20.34 3.22
C ILE C 99 21.96 -20.98 2.34
N GLU C 100 22.99 -21.54 2.97
CA GLU C 100 23.98 -22.32 2.24
C GLU C 100 23.99 -23.76 2.74
N THR C 101 23.73 -24.68 1.82
CA THR C 101 23.64 -26.11 2.12
C THR C 101 24.26 -26.90 0.95
N GLY C 102 24.20 -28.22 0.99
CA GLY C 102 24.82 -29.03 -0.05
C GLY C 102 24.03 -30.26 -0.46
N ILE C 103 24.43 -30.86 -1.57
CA ILE C 103 23.87 -32.12 -2.06
C ILE C 103 24.23 -33.25 -1.10
N ARG C 104 23.22 -34.04 -0.71
CA ARG C 104 23.42 -35.20 0.15
C ARG C 104 23.71 -36.44 -0.69
N THR C 105 22.94 -36.59 -1.77
CA THR C 105 23.04 -37.73 -2.66
C THR C 105 22.35 -37.41 -3.99
N CYS C 106 22.55 -38.28 -4.98
CA CYS C 106 21.80 -38.17 -6.23
C CYS C 106 21.14 -39.49 -6.55
N VAL C 107 19.96 -39.40 -7.15
CA VAL C 107 19.12 -40.54 -7.50
C VAL C 107 18.79 -40.35 -9.00
N PRO C 108 18.12 -41.34 -9.66
CA PRO C 108 17.70 -41.12 -11.05
C PRO C 108 16.93 -39.82 -11.35
N ALA C 109 16.15 -39.33 -10.38
CA ALA C 109 15.40 -38.08 -10.53
C ALA C 109 16.26 -36.81 -10.47
N GLY C 110 17.47 -36.93 -9.94
CA GLY C 110 18.41 -35.81 -9.86
C GLY C 110 19.12 -35.80 -8.51
N CYS C 111 19.78 -34.68 -8.22
CA CYS C 111 20.56 -34.54 -6.98
C CYS C 111 19.77 -33.89 -5.84
N ILE C 112 19.80 -34.54 -4.67
CA ILE C 112 18.96 -34.16 -3.55
C ILE C 112 19.69 -33.24 -2.57
N VAL C 113 19.08 -32.09 -2.32
CA VAL C 113 19.60 -31.07 -1.40
C VAL C 113 18.62 -30.93 -0.23
N PRO C 114 19.01 -31.40 0.97
CA PRO C 114 18.17 -31.22 2.16
C PRO C 114 18.12 -29.74 2.59
N ILE C 115 16.94 -29.30 2.99
CA ILE C 115 16.72 -27.91 3.36
C ILE C 115 15.94 -27.82 4.67
N VAL C 116 16.35 -26.91 5.53
CA VAL C 116 15.64 -26.59 6.77
C VAL C 116 15.48 -25.08 6.84
N PHE C 117 14.24 -24.62 6.99
CA PHE C 117 13.94 -23.20 7.07
C PHE C 117 13.52 -22.79 8.48
N ASP C 118 14.22 -21.81 9.06
CA ASP C 118 13.81 -21.22 10.33
C ASP C 118 12.63 -20.25 10.17
N LYS C 119 12.08 -19.79 11.30
CA LYS C 119 10.91 -18.89 11.33
C LYS C 119 11.08 -17.65 10.46
N ASN C 120 12.29 -17.08 10.47
CA ASN C 120 12.59 -15.87 9.71
C ASN C 120 12.68 -16.12 8.20
N TYR C 121 13.21 -17.29 7.83
CA TYR C 121 13.32 -17.67 6.42
C TYR C 121 11.96 -18.03 5.84
N VAL C 122 11.14 -18.70 6.66
CA VAL C 122 9.75 -19.01 6.33
C VAL C 122 8.96 -17.73 6.01
N ALA C 123 9.11 -16.72 6.88
CA ALA C 123 8.49 -15.40 6.68
C ALA C 123 8.93 -14.70 5.39
N ALA C 124 10.20 -14.89 5.00
CA ALA C 124 10.74 -14.35 3.76
C ALA C 124 10.17 -15.07 2.55
N LEU C 125 10.01 -16.39 2.68
CA LEU C 125 9.38 -17.24 1.65
C LEU C 125 7.93 -16.84 1.36
N ARG C 126 7.20 -16.48 2.42
CA ARG C 126 5.81 -16.03 2.30
C ARG C 126 5.66 -14.71 1.57
N ALA C 127 6.64 -13.82 1.75
CA ALA C 127 6.63 -12.50 1.12
C ALA C 127 7.36 -12.45 -0.22
N GLY C 128 8.06 -13.53 -0.56
CA GLY C 128 8.90 -13.56 -1.75
C GLY C 128 8.21 -13.98 -3.04
N LYS C 129 8.90 -13.77 -4.15
CA LYS C 129 8.42 -14.17 -5.48
C LYS C 129 9.19 -15.36 -6.06
N HIS C 130 10.50 -15.33 -5.90
CA HIS C 130 11.39 -16.39 -6.36
C HIS C 130 12.32 -16.85 -5.28
N LEU C 131 12.54 -18.12 -5.20
CA LEU C 131 13.65 -18.65 -4.40
C LEU C 131 14.79 -18.97 -5.36
N LYS C 132 15.78 -18.09 -5.38
CA LYS C 132 16.90 -18.19 -6.31
C LYS C 132 17.92 -19.22 -5.84
N LEU C 133 18.38 -20.05 -6.79
CA LEU C 133 19.40 -21.05 -6.51
C LEU C 133 20.73 -20.70 -7.16
N ALA C 134 21.82 -20.97 -6.44
CA ALA C 134 23.18 -20.77 -6.95
C ALA C 134 24.04 -21.99 -6.65
N MET C 135 24.67 -22.54 -7.69
CA MET C 135 25.53 -23.72 -7.54
C MET C 135 26.68 -23.72 -8.55
N THR C 136 27.55 -24.72 -8.46
CA THR C 136 28.71 -24.83 -9.34
C THR C 136 28.59 -26.08 -10.21
N ILE C 137 28.85 -25.92 -11.50
CA ILE C 137 28.85 -27.03 -12.45
C ILE C 137 30.19 -27.78 -12.38
N ALA C 138 30.13 -29.11 -12.29
CA ALA C 138 31.32 -29.95 -12.37
C ALA C 138 31.77 -30.10 -13.81
N ALA C 139 32.54 -29.12 -14.26
CA ALA C 139 33.00 -29.00 -15.63
C ALA C 139 34.36 -28.31 -15.58
N PRO C 140 35.19 -28.43 -16.65
CA PRO C 140 36.45 -27.67 -16.71
C PRO C 140 36.21 -26.16 -16.56
N GLY C 141 36.88 -25.57 -15.57
CA GLY C 141 36.70 -24.15 -15.26
C GLY C 141 35.78 -23.90 -14.08
N GLU C 142 34.97 -24.92 -13.76
CA GLU C 142 33.93 -24.88 -12.71
C GLU C 142 32.97 -23.67 -12.79
N PRO C 143 32.16 -23.62 -13.87
CA PRO C 143 31.28 -22.45 -14.08
C PRO C 143 30.10 -22.43 -13.11
N PRO C 144 29.62 -21.21 -12.75
CA PRO C 144 28.45 -21.14 -11.89
C PRO C 144 27.14 -21.41 -12.65
N LEU C 145 26.15 -21.94 -11.94
CA LEU C 145 24.79 -22.06 -12.45
C LEU C 145 23.90 -21.23 -11.53
N ASN C 146 23.41 -20.10 -12.05
CA ASN C 146 22.71 -19.11 -11.22
C ASN C 146 21.30 -18.76 -11.70
N ASP C 147 20.88 -19.35 -12.82
CA ASP C 147 19.60 -19.01 -13.43
C ASP C 147 18.40 -19.88 -13.01
N LEU C 148 18.64 -20.79 -12.07
CA LEU C 148 17.60 -21.67 -11.55
C LEU C 148 16.90 -21.07 -10.33
N PHE C 149 15.61 -21.37 -10.19
CA PHE C 149 14.78 -20.82 -9.12
C PHE C 149 13.57 -21.72 -8.85
N VAL C 150 12.93 -21.48 -7.71
CA VAL C 150 11.61 -22.04 -7.43
C VAL C 150 10.66 -20.85 -7.28
N GLN C 151 9.55 -20.88 -8.03
CA GLN C 151 8.55 -19.81 -7.96
C GLN C 151 7.71 -19.97 -6.70
N LEU C 152 7.48 -18.87 -6.01
CA LEU C 152 6.86 -18.89 -4.68
C LEU C 152 5.39 -18.46 -4.64
N ASN C 153 4.78 -18.26 -5.80
CA ASN C 153 3.37 -17.90 -5.87
C ASN C 153 2.47 -19.02 -5.33
N GLY C 154 1.83 -18.76 -4.19
CA GLY C 154 0.99 -19.73 -3.54
C GLY C 154 1.62 -20.41 -2.34
N PHE C 155 2.87 -20.06 -2.03
CA PHE C 155 3.61 -20.65 -0.90
C PHE C 155 2.92 -20.40 0.43
N SER C 156 2.55 -19.15 0.67
CA SER C 156 1.93 -18.73 1.92
C SER C 156 0.60 -19.44 2.15
N ASN C 157 -0.24 -19.48 1.11
CA ASN C 157 -1.55 -20.14 1.20
C ASN C 157 -1.48 -21.66 1.34
N ALA C 158 -0.49 -22.27 0.68
CA ALA C 158 -0.24 -23.70 0.83
C ALA C 158 0.30 -24.04 2.22
N LEU C 159 1.16 -23.18 2.77
CA LEU C 159 1.69 -23.39 4.12
C LEU C 159 0.61 -23.22 5.19
N ASN C 160 -0.30 -22.27 4.98
CA ASN C 160 -1.48 -22.08 5.83
C ASN C 160 -2.39 -23.30 5.87
N ARG C 161 -2.54 -23.97 4.72
CA ARG C 161 -3.27 -25.22 4.61
C ARG C 161 -2.55 -26.36 5.33
N LEU C 162 -1.22 -26.39 5.24
CA LEU C 162 -0.39 -27.35 5.96
C LEU C 162 -0.49 -27.20 7.47
N ILE C 163 -0.61 -25.96 7.94
CA ILE C 163 -0.83 -25.65 9.36
C ILE C 163 -2.21 -26.16 9.79
N ALA C 164 -3.21 -25.92 8.96
CA ALA C 164 -4.59 -26.36 9.18
C ALA C 164 -4.77 -27.88 9.17
N LEU C 165 -3.97 -28.57 8.36
CA LEU C 165 -4.01 -30.04 8.30
C LEU C 165 -3.34 -30.70 9.51
N GLN C 166 -2.43 -29.99 10.16
CA GLN C 166 -1.79 -30.45 11.40
C GLN C 166 -2.77 -30.47 12.56
N LYS C 167 -3.62 -29.46 12.60
CA LYS C 167 -4.65 -29.30 13.60
C LYS C 167 -5.76 -30.32 13.46
N GLU C 168 -6.03 -30.76 12.25
CA GLU C 168 -6.95 -31.86 11.94
C GLU C 168 -6.37 -33.20 12.40
N GLY C 169 -5.04 -33.26 12.54
CA GLY C 169 -4.37 -34.40 13.16
C GLY C 169 -4.46 -34.34 14.68
N HIS C 170 -3.30 -34.23 15.33
CA HIS C 170 -3.16 -34.19 16.80
C HIS C 170 -3.89 -35.32 17.54
N SER D 24 -12.83 -23.91 -30.89
CA SER D 24 -13.67 -23.38 -29.81
C SER D 24 -12.94 -23.45 -28.46
N LEU D 25 -12.56 -22.28 -27.95
CA LEU D 25 -11.45 -22.19 -27.01
C LEU D 25 -11.88 -22.65 -25.61
N THR D 26 -10.97 -23.31 -24.91
CA THR D 26 -11.09 -23.47 -23.45
C THR D 26 -10.76 -22.17 -22.72
N GLU D 27 -11.70 -21.71 -21.90
CA GLU D 27 -11.49 -20.56 -21.01
C GLU D 27 -11.14 -21.04 -19.61
N THR D 28 -10.26 -20.33 -18.92
CA THR D 28 -9.79 -20.71 -17.60
C THR D 28 -10.12 -19.64 -16.57
N TYR D 29 -10.80 -20.06 -15.50
CA TYR D 29 -11.13 -19.19 -14.38
C TYR D 29 -10.70 -19.88 -13.11
N GLY D 30 -9.53 -19.48 -12.61
CA GLY D 30 -8.89 -20.15 -11.48
C GLY D 30 -8.57 -21.59 -11.80
N LEU D 31 -9.28 -22.50 -11.12
CA LEU D 31 -9.11 -23.94 -11.34
C LEU D 31 -10.20 -24.51 -12.26
N TRP D 32 -11.17 -23.68 -12.63
CA TRP D 32 -12.29 -24.11 -13.45
C TRP D 32 -12.13 -23.75 -14.93
N SER D 33 -12.67 -24.63 -15.78
CA SER D 33 -12.58 -24.48 -17.22
C SER D 33 -13.96 -24.34 -17.85
N ILE D 34 -14.03 -23.63 -18.97
CA ILE D 34 -15.27 -23.48 -19.73
C ILE D 34 -15.07 -23.86 -21.20
N ASN D 35 -15.92 -24.77 -21.67
CA ASN D 35 -15.99 -25.10 -23.09
C ASN D 35 -17.41 -24.97 -23.62
N CYS D 36 -17.53 -24.46 -24.84
CA CYS D 36 -18.83 -24.35 -25.51
C CYS D 36 -18.89 -25.27 -26.73
N GLY D 37 -20.02 -25.95 -26.90
CA GLY D 37 -20.21 -26.88 -28.02
C GLY D 37 -21.65 -26.93 -28.49
N ILE D 38 -21.83 -27.14 -29.79
CA ILE D 38 -23.16 -27.18 -30.40
C ILE D 38 -23.82 -28.55 -30.18
N GLN D 39 -24.98 -28.54 -29.53
CA GLN D 39 -25.74 -29.77 -29.27
C GLN D 39 -27.21 -29.60 -29.64
N GLU D 40 -27.66 -30.42 -30.60
CA GLU D 40 -29.04 -30.45 -31.13
C GLU D 40 -29.56 -29.10 -31.63
N GLY D 41 -28.72 -28.39 -32.38
CA GLY D 41 -29.10 -27.12 -33.00
C GLY D 41 -28.33 -25.92 -32.48
N LYS D 42 -28.46 -25.64 -31.19
CA LYS D 42 -27.81 -24.47 -30.58
C LYS D 42 -26.62 -24.82 -29.67
N LYS D 43 -25.84 -23.80 -29.33
CA LYS D 43 -24.61 -23.96 -28.56
C LYS D 43 -24.87 -24.01 -27.06
N VAL D 44 -24.26 -25.01 -26.39
CA VAL D 44 -24.36 -25.16 -24.94
C VAL D 44 -22.96 -25.10 -24.29
N CYS D 45 -22.84 -24.26 -23.26
CA CYS D 45 -21.58 -24.04 -22.57
C CYS D 45 -21.56 -24.68 -21.20
N PHE D 46 -20.47 -25.39 -20.90
CA PHE D 46 -20.36 -26.06 -19.61
C PHE D 46 -19.10 -25.67 -18.84
N MET D 47 -19.23 -25.80 -17.52
CA MET D 47 -18.25 -25.39 -16.54
C MET D 47 -17.74 -26.69 -15.93
N HIS D 48 -16.42 -26.91 -15.95
CA HIS D 48 -15.90 -28.20 -15.47
C HIS D 48 -14.56 -28.17 -14.71
N ARG D 49 -14.35 -29.20 -13.89
CA ARG D 49 -13.18 -29.35 -13.05
C ARG D 49 -12.88 -30.84 -12.79
N GLN D 50 -11.62 -31.24 -12.97
CA GLN D 50 -11.15 -32.57 -12.58
C GLN D 50 -10.17 -32.50 -11.41
N GLU D 51 -10.27 -33.46 -10.50
CA GLU D 51 -9.29 -33.61 -9.44
C GLU D 51 -8.48 -34.89 -9.62
N VAL D 52 -7.17 -34.77 -9.46
CA VAL D 52 -6.25 -35.90 -9.65
C VAL D 52 -5.55 -36.28 -8.35
N ASN D 53 -5.00 -37.50 -8.30
CA ASN D 53 -4.13 -37.91 -7.20
C ASN D 53 -2.65 -37.63 -7.50
N ASP D 54 -1.75 -38.16 -6.68
CA ASP D 54 -0.30 -37.99 -6.87
C ASP D 54 0.26 -38.75 -8.08
N GLN D 55 -0.49 -39.75 -8.55
CA GLN D 55 -0.17 -40.48 -9.79
C GLN D 55 -0.80 -39.82 -11.03
N ASN D 56 -1.37 -38.63 -10.82
CA ASN D 56 -1.98 -37.80 -11.87
CA ASN D 56 -1.98 -37.80 -11.87
C ASN D 56 -3.13 -38.47 -12.64
N ARG D 57 -3.87 -39.35 -11.95
CA ARG D 57 -5.07 -39.93 -12.55
C ARG D 57 -6.34 -39.37 -11.89
N VAL D 58 -7.38 -39.20 -12.71
CA VAL D 58 -8.62 -38.55 -12.28
C VAL D 58 -9.40 -39.41 -11.30
N VAL D 59 -9.68 -38.85 -10.13
CA VAL D 59 -10.42 -39.54 -9.08
C VAL D 59 -11.85 -39.01 -9.03
N VAL D 60 -11.98 -37.69 -9.15
CA VAL D 60 -13.28 -37.03 -9.11
C VAL D 60 -13.37 -35.92 -10.17
N ALA D 61 -14.53 -35.80 -10.80
CA ALA D 61 -14.80 -34.76 -11.79
C ALA D 61 -16.17 -34.13 -11.57
N MET D 62 -16.30 -32.86 -11.96
CA MET D 62 -17.57 -32.16 -11.86
C MET D 62 -17.81 -31.35 -13.13
N SER D 63 -19.00 -31.48 -13.70
CA SER D 63 -19.40 -30.72 -14.87
C SER D 63 -20.74 -30.06 -14.61
N VAL D 64 -20.85 -28.77 -14.95
CA VAL D 64 -22.01 -27.95 -14.56
C VAL D 64 -22.49 -27.03 -15.71
N VAL D 65 -23.82 -26.95 -15.88
CA VAL D 65 -24.44 -26.05 -16.85
C VAL D 65 -25.47 -25.10 -16.23
N LEU D 66 -25.78 -24.04 -16.96
CA LEU D 66 -26.94 -23.21 -16.72
C LEU D 66 -28.04 -23.57 -17.72
N ASN D 67 -29.17 -24.02 -17.20
CA ASN D 67 -30.33 -24.37 -18.03
C ASN D 67 -31.05 -23.12 -18.54
N ALA D 68 -31.98 -23.32 -19.47
CA ALA D 68 -32.67 -22.21 -20.17
C ALA D 68 -33.41 -21.22 -19.26
N ASP D 69 -33.89 -21.70 -18.11
CA ASP D 69 -34.54 -20.85 -17.12
C ASP D 69 -33.61 -20.47 -15.97
N GLY D 70 -32.32 -20.70 -16.15
CA GLY D 70 -31.30 -20.32 -15.17
C GLY D 70 -31.21 -21.22 -13.95
N VAL D 71 -31.17 -22.52 -14.20
CA VAL D 71 -30.96 -23.51 -13.13
C VAL D 71 -29.55 -24.08 -13.27
N VAL D 72 -28.79 -24.07 -12.17
CA VAL D 72 -27.45 -24.64 -12.12
C VAL D 72 -27.52 -26.12 -11.75
N SER D 73 -27.12 -26.96 -12.70
CA SER D 73 -27.18 -28.40 -12.53
C SER D 73 -26.06 -29.09 -13.31
N GLY D 74 -25.89 -30.38 -13.09
CA GLY D 74 -24.92 -31.16 -13.84
C GLY D 74 -24.61 -32.52 -13.24
N ASN D 75 -23.37 -32.94 -13.38
CA ASN D 75 -22.95 -34.27 -12.95
C ASN D 75 -21.63 -34.29 -12.21
N LEU D 76 -21.59 -35.11 -11.17
CA LEU D 76 -20.38 -35.40 -10.43
C LEU D 76 -19.95 -36.83 -10.78
N THR D 77 -18.67 -37.01 -11.12
CA THR D 77 -18.12 -38.34 -11.36
C THR D 77 -17.30 -38.78 -10.16
N VAL D 78 -17.69 -39.90 -9.55
CA VAL D 78 -17.01 -40.45 -8.37
C VAL D 78 -16.34 -41.79 -8.74
N PRO D 79 -15.44 -42.31 -7.87
CA PRO D 79 -14.78 -43.60 -8.18
C PRO D 79 -15.71 -44.82 -8.23
N PHE D 80 -15.19 -45.91 -8.79
CA PHE D 80 -15.82 -47.22 -8.70
C PHE D 80 -15.73 -47.75 -7.26
N GLY D 81 -16.54 -48.74 -6.93
CA GLY D 81 -16.46 -49.38 -5.62
C GLY D 81 -17.26 -48.70 -4.53
N ILE D 82 -18.09 -47.72 -4.93
CA ILE D 82 -18.93 -46.98 -4.00
C ILE D 82 -20.27 -47.69 -3.84
N LEU D 83 -20.73 -47.82 -2.59
CA LEU D 83 -22.03 -48.40 -2.28
C LEU D 83 -23.16 -47.53 -2.81
N VAL D 84 -23.83 -48.07 -3.83
CA VAL D 84 -24.80 -47.39 -4.65
C VAL D 84 -26.13 -47.10 -3.93
N SER D 85 -26.46 -47.92 -2.93
CA SER D 85 -27.71 -47.80 -2.18
C SER D 85 -27.65 -46.74 -1.10
N LYS D 86 -26.43 -46.36 -0.69
CA LYS D 86 -26.22 -45.32 0.29
C LYS D 86 -25.87 -43.98 -0.38
N PRO D 87 -26.33 -42.84 0.19
CA PRO D 87 -26.23 -41.57 -0.51
C PRO D 87 -24.82 -40.96 -0.62
N VAL D 88 -24.68 -40.03 -1.56
CA VAL D 88 -23.48 -39.21 -1.69
C VAL D 88 -23.82 -37.82 -1.14
N ARG D 89 -23.10 -37.44 -0.08
CA ARG D 89 -23.35 -36.18 0.61
C ARG D 89 -22.39 -35.09 0.12
N LEU D 90 -22.94 -33.93 -0.22
CA LEU D 90 -22.17 -32.79 -0.69
C LEU D 90 -22.27 -31.64 0.30
N GLN D 91 -21.12 -31.12 0.71
CA GLN D 91 -21.05 -30.03 1.68
C GLN D 91 -20.00 -28.99 1.30
N VAL D 92 -20.38 -27.72 1.32
CA VAL D 92 -19.44 -26.63 1.09
C VAL D 92 -18.69 -26.36 2.40
N ASP D 93 -17.40 -26.73 2.42
CA ASP D 93 -16.50 -26.60 3.57
C ASP D 93 -17.08 -27.24 4.84
N GLU D 94 -17.35 -26.43 5.86
CA GLU D 94 -17.95 -26.92 7.10
C GLU D 94 -19.29 -26.24 7.38
N GLY D 95 -19.90 -25.68 6.34
CA GLY D 95 -21.15 -24.94 6.46
C GLY D 95 -22.39 -25.80 6.46
N LYS D 96 -23.54 -25.14 6.47
CA LYS D 96 -24.85 -25.81 6.55
C LYS D 96 -25.42 -26.15 5.17
N ALA D 97 -24.73 -25.70 4.13
CA ALA D 97 -25.08 -26.06 2.75
C ALA D 97 -24.81 -27.54 2.50
N VAL D 98 -25.82 -28.37 2.77
CA VAL D 98 -25.72 -29.82 2.64
C VAL D 98 -26.75 -30.36 1.65
N ILE D 99 -26.27 -31.06 0.63
CA ILE D 99 -27.12 -31.76 -0.33
C ILE D 99 -26.88 -33.26 -0.20
N GLU D 100 -27.96 -34.03 -0.18
CA GLU D 100 -27.83 -35.49 -0.22
C GLU D 100 -28.49 -36.04 -1.47
N THR D 101 -27.68 -36.72 -2.29
CA THR D 101 -28.12 -37.29 -3.56
C THR D 101 -27.48 -38.68 -3.74
N GLY D 102 -27.67 -39.29 -4.90
CA GLY D 102 -27.14 -40.63 -5.13
C GLY D 102 -26.61 -40.87 -6.52
N ILE D 103 -25.93 -41.99 -6.70
CA ILE D 103 -25.44 -42.45 -8.00
C ILE D 103 -26.62 -42.87 -8.87
N ARG D 104 -26.68 -42.36 -10.10
CA ARG D 104 -27.71 -42.74 -11.07
CA ARG D 104 -27.73 -42.77 -11.03
C ARG D 104 -27.28 -43.97 -11.87
N THR D 105 -26.02 -43.98 -12.27
CA THR D 105 -25.44 -45.05 -13.07
C THR D 105 -23.93 -44.96 -13.02
N CYS D 106 -23.25 -45.99 -13.53
CA CYS D 106 -21.82 -45.93 -13.72
C CYS D 106 -21.46 -46.28 -15.16
N VAL D 107 -20.43 -45.61 -15.66
CA VAL D 107 -19.92 -45.77 -17.02
C VAL D 107 -18.41 -46.07 -16.88
N PRO D 108 -17.70 -46.38 -17.98
CA PRO D 108 -16.23 -46.57 -17.88
C PRO D 108 -15.44 -45.45 -17.17
N ALA D 109 -15.90 -44.21 -17.28
CA ALA D 109 -15.26 -43.07 -16.61
C ALA D 109 -15.46 -43.05 -15.08
N GLY D 110 -16.45 -43.78 -14.60
CA GLY D 110 -16.77 -43.84 -13.18
C GLY D 110 -18.25 -43.76 -12.92
N CYS D 111 -18.62 -43.50 -11.67
CA CYS D 111 -20.03 -43.45 -11.28
C CYS D 111 -20.60 -42.03 -11.29
N ILE D 112 -21.76 -41.88 -11.92
CA ILE D 112 -22.35 -40.57 -12.19
C ILE D 112 -23.38 -40.19 -11.13
N VAL D 113 -23.17 -39.03 -10.51
CA VAL D 113 -24.05 -38.47 -9.49
C VAL D 113 -24.67 -37.16 -10.02
N PRO D 114 -25.99 -37.18 -10.33
CA PRO D 114 -26.66 -35.96 -10.76
C PRO D 114 -26.84 -34.96 -9.62
N ILE D 115 -26.60 -33.69 -9.92
CA ILE D 115 -26.63 -32.64 -8.91
C ILE D 115 -27.44 -31.45 -9.40
N VAL D 116 -28.28 -30.91 -8.53
CA VAL D 116 -29.05 -29.70 -8.79
C VAL D 116 -28.81 -28.75 -7.62
N PHE D 117 -28.37 -27.53 -7.95
CA PHE D 117 -28.09 -26.52 -6.93
C PHE D 117 -29.13 -25.40 -6.96
N ASP D 118 -29.77 -25.15 -5.82
CA ASP D 118 -30.66 -23.99 -5.67
C ASP D 118 -29.87 -22.69 -5.45
N LYS D 119 -30.56 -21.55 -5.49
CA LYS D 119 -29.97 -20.21 -5.37
C LYS D 119 -29.07 -20.04 -4.13
N ASN D 120 -29.49 -20.63 -3.01
CA ASN D 120 -28.74 -20.56 -1.76
C ASN D 120 -27.46 -21.40 -1.77
N TYR D 121 -27.53 -22.56 -2.42
CA TYR D 121 -26.37 -23.46 -2.53
C TYR D 121 -25.34 -22.89 -3.51
N VAL D 122 -25.83 -22.33 -4.62
CA VAL D 122 -25.00 -21.59 -5.58
C VAL D 122 -24.20 -20.46 -4.90
N ALA D 123 -24.88 -19.70 -4.03
CA ALA D 123 -24.26 -18.62 -3.26
C ALA D 123 -23.18 -19.13 -2.30
N ALA D 124 -23.39 -20.31 -1.74
CA ALA D 124 -22.40 -20.96 -0.88
C ALA D 124 -21.20 -21.48 -1.67
N LEU D 125 -21.45 -21.97 -2.88
CA LEU D 125 -20.41 -22.42 -3.81
C LEU D 125 -19.51 -21.28 -4.23
N ARG D 126 -20.11 -20.11 -4.43
CA ARG D 126 -19.40 -18.89 -4.77
C ARG D 126 -18.44 -18.41 -3.66
N ALA D 127 -18.83 -18.60 -2.42
CA ALA D 127 -18.05 -18.15 -1.26
C ALA D 127 -17.14 -19.23 -0.69
N GLY D 128 -17.29 -20.46 -1.17
CA GLY D 128 -16.57 -21.60 -0.62
C GLY D 128 -15.21 -21.86 -1.21
N LYS D 129 -14.45 -22.74 -0.55
CA LYS D 129 -13.13 -23.16 -1.01
C LYS D 129 -13.14 -24.60 -1.51
N HIS D 130 -13.81 -25.48 -0.78
CA HIS D 130 -13.94 -26.88 -1.12
C HIS D 130 -15.36 -27.34 -1.07
N LEU D 131 -15.73 -28.13 -2.05
CA LEU D 131 -16.99 -28.87 -1.99
C LEU D 131 -16.66 -30.29 -1.54
N LYS D 132 -16.95 -30.58 -0.28
CA LYS D 132 -16.59 -31.85 0.32
C LYS D 132 -17.58 -32.95 -0.04
N LEU D 133 -17.06 -34.13 -0.33
CA LEU D 133 -17.88 -35.29 -0.70
C LEU D 133 -17.81 -36.36 0.37
N ALA D 134 -18.96 -36.97 0.68
CA ALA D 134 -19.01 -38.07 1.62
C ALA D 134 -19.84 -39.21 1.05
N MET D 135 -19.25 -40.42 1.01
CA MET D 135 -19.93 -41.60 0.49
C MET D 135 -19.48 -42.87 1.21
N THR D 136 -20.13 -43.99 0.88
CA THR D 136 -19.85 -45.28 1.50
C THR D 136 -19.21 -46.23 0.49
N ILE D 137 -18.15 -46.92 0.91
CA ILE D 137 -17.48 -47.92 0.08
C ILE D 137 -18.23 -49.25 0.16
N ALA D 138 -18.46 -49.87 -0.99
CA ALA D 138 -19.04 -51.22 -1.06
C ALA D 138 -17.95 -52.26 -0.78
N ALA D 139 -17.73 -52.50 0.51
CA ALA D 139 -16.68 -53.39 1.00
C ALA D 139 -17.17 -53.96 2.32
N PRO D 140 -16.59 -55.10 2.77
CA PRO D 140 -16.93 -55.63 4.10
C PRO D 140 -16.70 -54.61 5.22
N GLY D 141 -17.76 -54.35 5.98
CA GLY D 141 -17.73 -53.33 7.02
C GLY D 141 -18.39 -52.02 6.61
N GLU D 142 -18.48 -51.83 5.29
CA GLU D 142 -18.99 -50.60 4.65
C GLU D 142 -18.34 -49.30 5.14
N PRO D 143 -17.02 -49.11 4.86
CA PRO D 143 -16.29 -47.97 5.38
C PRO D 143 -16.66 -46.66 4.67
N PRO D 144 -16.58 -45.51 5.37
CA PRO D 144 -16.84 -44.25 4.69
C PRO D 144 -15.66 -43.77 3.85
N LEU D 145 -15.96 -43.02 2.80
CA LEU D 145 -14.96 -42.32 2.02
C LEU D 145 -15.28 -40.83 2.10
N ASN D 146 -14.48 -40.10 2.88
CA ASN D 146 -14.77 -38.69 3.20
C ASN D 146 -13.70 -37.69 2.79
N ASP D 147 -12.60 -38.19 2.22
CA ASP D 147 -11.45 -37.35 1.88
C ASP D 147 -11.47 -36.76 0.46
N LEU D 148 -12.54 -36.99 -0.28
CA LEU D 148 -12.68 -36.46 -1.64
C LEU D 148 -13.39 -35.11 -1.64
N PHE D 149 -13.02 -34.27 -2.59
CA PHE D 149 -13.55 -32.91 -2.72
C PHE D 149 -13.43 -32.39 -4.15
N VAL D 150 -14.10 -31.28 -4.41
CA VAL D 150 -13.90 -30.50 -5.63
C VAL D 150 -13.45 -29.12 -5.17
N GLN D 151 -12.34 -28.64 -5.73
CA GLN D 151 -11.83 -27.31 -5.40
C GLN D 151 -12.64 -26.23 -6.10
N LEU D 152 -13.01 -25.20 -5.35
CA LEU D 152 -13.93 -24.17 -5.83
C LEU D 152 -13.29 -22.86 -6.26
N ASN D 153 -11.96 -22.83 -6.35
CA ASN D 153 -11.26 -21.62 -6.81
C ASN D 153 -11.56 -21.31 -8.27
N GLY D 154 -12.26 -20.20 -8.48
CA GLY D 154 -12.66 -19.74 -9.80
C GLY D 154 -14.09 -20.05 -10.17
N PHE D 155 -14.82 -20.72 -9.28
CA PHE D 155 -16.22 -21.11 -9.50
C PHE D 155 -17.10 -19.90 -9.81
N SER D 156 -16.99 -18.87 -8.98
CA SER D 156 -17.81 -17.66 -9.09
C SER D 156 -17.57 -16.94 -10.42
N ASN D 157 -16.31 -16.77 -10.80
CA ASN D 157 -15.94 -16.13 -12.06
C ASN D 157 -16.32 -16.94 -13.29
N ALA D 158 -16.23 -18.25 -13.19
CA ALA D 158 -16.63 -19.13 -14.29
C ALA D 158 -18.16 -19.17 -14.44
N LEU D 159 -18.89 -19.10 -13.33
CA LEU D 159 -20.35 -19.01 -13.36
C LEU D 159 -20.84 -17.69 -13.95
N ASN D 160 -20.17 -16.59 -13.59
CA ASN D 160 -20.42 -15.27 -14.20
C ASN D 160 -20.26 -15.28 -15.72
N ARG D 161 -19.28 -16.05 -16.19
CA ARG D 161 -19.04 -16.21 -17.62
C ARG D 161 -20.11 -17.07 -18.29
N LEU D 162 -20.65 -18.04 -17.57
CA LEU D 162 -21.80 -18.83 -18.06
C LEU D 162 -23.07 -17.98 -18.16
N ILE D 163 -23.27 -17.09 -17.19
CA ILE D 163 -24.39 -16.13 -17.21
C ILE D 163 -24.26 -15.20 -18.42
N ALA D 164 -23.04 -14.69 -18.65
CA ALA D 164 -22.73 -13.81 -19.77
C ALA D 164 -22.90 -14.48 -21.13
N LEU D 165 -22.58 -15.78 -21.21
CA LEU D 165 -22.74 -16.56 -22.44
C LEU D 165 -24.20 -16.90 -22.77
N GLN D 166 -25.06 -16.89 -21.74
CA GLN D 166 -26.51 -17.06 -21.94
C GLN D 166 -27.13 -15.84 -22.63
N LYS D 167 -26.68 -14.65 -22.25
CA LYS D 167 -27.16 -13.39 -22.81
C LYS D 167 -26.70 -13.19 -24.25
N GLU D 168 -25.54 -13.76 -24.58
CA GLU D 168 -25.04 -13.78 -25.95
C GLU D 168 -25.82 -14.80 -26.78
N SER E 24 37.55 -46.96 -34.65
CA SER E 24 37.86 -47.06 -33.19
C SER E 24 37.63 -48.48 -32.69
N LEU E 25 38.56 -49.37 -33.04
CA LEU E 25 38.46 -50.80 -32.73
C LEU E 25 38.77 -51.11 -31.26
N THR E 26 37.93 -51.92 -30.62
CA THR E 26 38.11 -52.28 -29.22
C THR E 26 39.18 -53.38 -29.04
N GLU E 27 40.22 -53.08 -28.28
CA GLU E 27 41.24 -54.06 -27.90
C GLU E 27 40.88 -54.67 -26.56
N THR E 28 41.23 -55.93 -26.35
CA THR E 28 40.89 -56.65 -25.12
C THR E 28 42.14 -57.25 -24.48
N TYR E 29 42.34 -56.92 -23.20
CA TYR E 29 43.45 -57.45 -22.41
C TYR E 29 42.87 -58.00 -21.12
N GLY E 30 42.68 -59.31 -21.08
CA GLY E 30 42.02 -59.98 -19.97
C GLY E 30 40.58 -59.50 -19.86
N LEU E 31 40.28 -58.83 -18.75
CA LEU E 31 38.95 -58.28 -18.51
C LEU E 31 38.84 -56.80 -18.88
N TRP E 32 39.97 -56.21 -19.29
CA TRP E 32 40.03 -54.80 -19.60
C TRP E 32 39.96 -54.51 -21.09
N SER E 33 39.33 -53.40 -21.43
CA SER E 33 39.17 -52.98 -22.82
C SER E 33 39.90 -51.67 -23.09
N ILE E 34 40.31 -51.47 -24.34
CA ILE E 34 40.95 -50.22 -24.78
C ILE E 34 40.27 -49.68 -26.05
N ASN E 35 39.84 -48.42 -25.98
CA ASN E 35 39.34 -47.70 -27.15
C ASN E 35 40.06 -46.37 -27.33
N CYS E 36 40.33 -46.01 -28.57
CA CYS E 36 40.94 -44.73 -28.90
C CYS E 36 39.93 -43.85 -29.63
N GLY E 37 39.79 -42.60 -29.17
CA GLY E 37 38.87 -41.64 -29.76
C GLY E 37 39.50 -40.28 -29.99
N ILE E 38 38.65 -39.26 -30.16
CA ILE E 38 39.09 -37.88 -30.36
C ILE E 38 38.40 -36.90 -29.41
N GLN E 39 39.16 -35.93 -28.91
CA GLN E 39 38.63 -34.90 -28.02
C GLN E 39 39.14 -33.50 -28.39
N LYS E 42 42.18 -33.97 -30.71
CA LYS E 42 43.39 -34.64 -30.23
C LYS E 42 43.10 -36.10 -29.89
N LYS E 43 44.06 -36.97 -30.22
CA LYS E 43 43.92 -38.42 -30.00
C LYS E 43 44.11 -38.80 -28.54
N VAL E 44 43.11 -39.50 -27.99
CA VAL E 44 43.15 -39.97 -26.60
C VAL E 44 42.63 -41.41 -26.47
N CYS E 45 43.51 -42.31 -26.03
CA CYS E 45 43.16 -43.71 -25.82
C CYS E 45 42.87 -43.97 -24.35
N PHE E 46 41.78 -44.68 -24.09
CA PHE E 46 41.38 -44.97 -22.72
C PHE E 46 41.21 -46.46 -22.45
N MET E 47 41.28 -46.78 -21.17
CA MET E 47 41.36 -48.13 -20.66
C MET E 47 40.17 -48.28 -19.74
N HIS E 48 39.31 -49.26 -19.99
CA HIS E 48 38.05 -49.35 -19.26
C HIS E 48 37.53 -50.75 -18.93
N ARG E 49 36.71 -50.80 -17.88
CA ARG E 49 36.16 -52.05 -17.34
C ARG E 49 34.82 -51.77 -16.65
N GLN E 50 33.82 -52.59 -16.95
CA GLN E 50 32.51 -52.53 -16.29
C GLN E 50 32.29 -53.79 -15.47
N GLU E 51 31.67 -53.63 -14.31
CA GLU E 51 31.25 -54.78 -13.51
C GLU E 51 29.73 -54.86 -13.45
N VAL E 52 29.20 -56.07 -13.63
CA VAL E 52 27.74 -56.31 -13.64
C VAL E 52 27.29 -57.22 -12.50
N ASN E 53 26.00 -57.20 -12.18
CA ASN E 53 25.42 -58.15 -11.23
C ASN E 53 24.90 -59.41 -11.93
N ASP E 54 24.17 -60.26 -11.21
CA ASP E 54 23.56 -61.46 -11.78
C ASP E 54 22.42 -61.17 -12.76
N GLN E 55 21.84 -59.98 -12.65
CA GLN E 55 20.82 -59.48 -13.57
C GLN E 55 21.45 -58.77 -14.77
N ASN E 56 22.77 -58.84 -14.87
CA ASN E 56 23.58 -58.32 -15.99
C ASN E 56 23.49 -56.80 -16.22
N ARG E 57 23.21 -56.03 -15.17
CA ARG E 57 23.24 -54.57 -15.26
C ARG E 57 24.48 -53.99 -14.56
N VAL E 58 24.99 -52.90 -15.11
CA VAL E 58 26.23 -52.28 -14.64
C VAL E 58 26.04 -51.62 -13.28
N VAL E 59 26.86 -52.05 -12.31
CA VAL E 59 26.84 -51.54 -10.95
C VAL E 59 28.01 -50.56 -10.73
N VAL E 60 29.19 -50.93 -11.22
CA VAL E 60 30.38 -50.10 -11.11
C VAL E 60 31.19 -50.14 -12.41
N ALA E 61 31.75 -48.99 -12.79
CA ALA E 61 32.59 -48.89 -13.97
C ALA E 61 33.84 -48.08 -13.66
N MET E 62 34.91 -48.31 -14.43
CA MET E 62 36.15 -47.58 -14.27
C MET E 62 36.74 -47.28 -15.65
N SER E 63 37.11 -46.02 -15.88
CA SER E 63 37.75 -45.60 -17.11
C SER E 63 39.02 -44.85 -16.75
N VAL E 64 40.10 -45.10 -17.49
CA VAL E 64 41.44 -44.63 -17.14
C VAL E 64 42.27 -44.21 -18.36
N VAL E 65 42.99 -43.09 -18.24
CA VAL E 65 43.92 -42.63 -19.27
C VAL E 65 45.35 -42.51 -18.72
N LEU E 66 46.31 -42.58 -19.64
CA LEU E 66 47.70 -42.26 -19.35
C LEU E 66 47.92 -40.82 -19.77
N ASN E 67 48.51 -40.02 -18.88
CA ASN E 67 48.79 -38.62 -19.17
C ASN E 67 50.20 -38.39 -19.72
N ALA E 68 50.41 -37.26 -20.38
CA ALA E 68 51.68 -36.91 -21.06
C ALA E 68 52.90 -36.91 -20.15
N ASP E 69 52.72 -36.56 -18.87
CA ASP E 69 53.79 -36.62 -17.89
C ASP E 69 54.05 -38.05 -17.40
N GLY E 70 53.02 -38.89 -17.43
CA GLY E 70 53.14 -40.29 -17.06
C GLY E 70 52.30 -40.72 -15.87
N VAL E 71 51.29 -39.92 -15.54
CA VAL E 71 50.39 -40.24 -14.42
C VAL E 71 49.09 -40.92 -14.90
N VAL E 72 48.71 -41.98 -14.20
CA VAL E 72 47.49 -42.72 -14.51
C VAL E 72 46.30 -42.10 -13.75
N SER E 73 45.32 -41.62 -14.51
CA SER E 73 44.14 -40.99 -13.94
C SER E 73 42.90 -41.34 -14.73
N GLY E 74 41.74 -41.06 -14.13
CA GLY E 74 40.47 -41.24 -14.82
C GLY E 74 39.29 -41.13 -13.87
N ASN E 75 38.26 -41.92 -14.16
CA ASN E 75 37.01 -41.85 -13.42
C ASN E 75 36.46 -43.20 -13.04
N LEU E 76 35.93 -43.27 -11.83
CA LEU E 76 35.18 -44.41 -11.35
C LEU E 76 33.69 -44.03 -11.27
N THR E 77 32.83 -44.87 -11.82
CA THR E 77 31.38 -44.65 -11.77
C THR E 77 30.77 -45.58 -10.72
N VAL E 78 30.15 -45.00 -9.70
CA VAL E 78 29.54 -45.77 -8.61
C VAL E 78 28.01 -45.64 -8.66
N PRO E 79 27.26 -46.48 -7.91
CA PRO E 79 25.80 -46.36 -7.90
C PRO E 79 25.24 -45.06 -7.32
N PHE E 80 23.95 -44.82 -7.58
CA PHE E 80 23.18 -43.76 -6.94
C PHE E 80 22.94 -44.10 -5.47
N GLY E 81 22.57 -43.11 -4.67
CA GLY E 81 22.20 -43.35 -3.27
C GLY E 81 23.39 -43.42 -2.32
N ILE E 82 24.56 -42.96 -2.80
CA ILE E 82 25.77 -42.94 -2.00
C ILE E 82 25.87 -41.57 -1.32
N LEU E 83 26.19 -41.58 -0.02
CA LEU E 83 26.41 -40.37 0.75
C LEU E 83 27.64 -39.63 0.23
N VAL E 84 27.36 -38.45 -0.33
CA VAL E 84 28.30 -37.66 -1.09
C VAL E 84 29.34 -36.92 -0.21
N SER E 85 28.96 -36.63 1.03
CA SER E 85 29.83 -35.92 1.97
C SER E 85 30.90 -36.83 2.57
N LYS E 86 30.66 -38.14 2.53
CA LYS E 86 31.62 -39.13 3.04
C LYS E 86 32.45 -39.71 1.91
N PRO E 87 33.74 -40.03 2.17
CA PRO E 87 34.65 -40.39 1.09
C PRO E 87 34.45 -41.79 0.51
N VAL E 88 34.99 -42.00 -0.68
CA VAL E 88 35.07 -43.31 -1.32
C VAL E 88 36.50 -43.82 -1.17
N ARG E 89 36.64 -44.98 -0.50
CA ARG E 89 37.94 -45.58 -0.23
C ARG E 89 38.28 -46.66 -1.25
N LEU E 90 39.48 -46.55 -1.82
CA LEU E 90 39.97 -47.52 -2.81
C LEU E 90 41.16 -48.28 -2.25
N GLN E 91 41.08 -49.61 -2.30
CA GLN E 91 42.14 -50.47 -1.79
C GLN E 91 42.42 -51.65 -2.71
N VAL E 92 43.69 -51.87 -3.05
CA VAL E 92 44.08 -53.05 -3.81
C VAL E 92 44.22 -54.24 -2.88
N ASP E 93 43.33 -55.22 -3.05
CA ASP E 93 43.22 -56.41 -2.20
C ASP E 93 43.21 -56.06 -0.70
N GLU E 94 44.22 -56.53 0.03
CA GLU E 94 44.36 -56.24 1.46
C GLU E 94 45.64 -55.45 1.75
N GLY E 95 46.22 -54.88 0.70
CA GLY E 95 47.54 -54.24 0.79
C GLY E 95 47.56 -52.85 1.39
N LYS E 96 48.74 -52.23 1.33
CA LYS E 96 48.97 -50.90 1.90
C LYS E 96 48.55 -49.77 0.97
N ALA E 97 48.23 -50.12 -0.28
CA ALA E 97 47.78 -49.14 -1.27
C ALA E 97 46.33 -48.72 -1.03
N VAL E 98 46.15 -47.65 -0.25
CA VAL E 98 44.83 -47.09 0.07
C VAL E 98 44.73 -45.64 -0.40
N ILE E 99 43.72 -45.37 -1.23
CA ILE E 99 43.38 -44.02 -1.68
C ILE E 99 42.01 -43.64 -1.11
N GLU E 100 41.90 -42.41 -0.63
CA GLU E 100 40.61 -41.87 -0.22
C GLU E 100 40.27 -40.65 -1.05
N THR E 101 39.15 -40.73 -1.77
CA THR E 101 38.67 -39.65 -2.63
C THR E 101 37.15 -39.53 -2.51
N GLY E 102 36.53 -38.66 -3.29
CA GLY E 102 35.09 -38.45 -3.19
C GLY E 102 34.38 -38.29 -4.51
N ILE E 103 33.05 -38.32 -4.46
CA ILE E 103 32.21 -38.04 -5.62
C ILE E 103 32.34 -36.56 -6.02
N ARG E 104 32.59 -36.34 -7.31
CA ARG E 104 32.64 -35.00 -7.88
CA ARG E 104 32.63 -34.99 -7.88
C ARG E 104 31.23 -34.52 -8.27
N THR E 105 30.50 -35.39 -8.96
CA THR E 105 29.15 -35.13 -9.44
C THR E 105 28.45 -36.46 -9.78
N CYS E 106 27.14 -36.41 -10.01
CA CYS E 106 26.44 -37.56 -10.57
C CYS E 106 25.73 -37.19 -11.87
N VAL E 107 25.64 -38.16 -12.77
CA VAL E 107 25.04 -38.02 -14.09
C VAL E 107 24.04 -39.19 -14.23
N PRO E 108 23.24 -39.24 -15.33
CA PRO E 108 22.34 -40.41 -15.51
C PRO E 108 22.98 -41.80 -15.41
N ALA E 109 24.25 -41.93 -15.81
CA ALA E 109 24.99 -43.20 -15.71
C ALA E 109 25.40 -43.56 -14.27
N GLY E 110 25.35 -42.59 -13.36
CA GLY E 110 25.70 -42.81 -11.95
C GLY E 110 26.60 -41.72 -11.40
N CYS E 111 27.16 -41.96 -10.22
CA CYS E 111 28.01 -40.98 -9.54
C CYS E 111 29.49 -41.10 -9.89
N ILE E 112 30.09 -39.97 -10.25
CA ILE E 112 31.46 -39.94 -10.78
C ILE E 112 32.51 -39.63 -9.70
N VAL E 113 33.47 -40.53 -9.56
CA VAL E 113 34.58 -40.38 -8.61
C VAL E 113 35.90 -40.23 -9.38
N PRO E 114 36.50 -39.03 -9.36
CA PRO E 114 37.81 -38.85 -10.02
C PRO E 114 38.93 -39.52 -9.23
N ILE E 115 39.83 -40.16 -9.96
CA ILE E 115 40.91 -40.94 -9.36
C ILE E 115 42.25 -40.57 -10.00
N VAL E 116 43.27 -40.44 -9.15
CA VAL E 116 44.64 -40.20 -9.61
C VAL E 116 45.53 -41.24 -8.93
N PHE E 117 46.27 -42.01 -9.72
CA PHE E 117 47.16 -43.03 -9.18
C PHE E 117 48.63 -42.64 -9.33
N ASP E 118 49.37 -42.63 -8.23
CA ASP E 118 50.82 -42.43 -8.27
C ASP E 118 51.55 -43.72 -8.69
N LYS E 119 52.85 -43.61 -8.92
CA LYS E 119 53.70 -44.73 -9.39
C LYS E 119 53.59 -45.98 -8.52
N ASN E 120 53.52 -45.79 -7.20
CA ASN E 120 53.40 -46.88 -6.25
C ASN E 120 52.04 -47.57 -6.27
N TYR E 121 50.98 -46.79 -6.48
CA TYR E 121 49.63 -47.34 -6.56
C TYR E 121 49.42 -48.08 -7.88
N VAL E 122 49.99 -47.52 -8.95
CA VAL E 122 50.00 -48.17 -10.27
C VAL E 122 50.66 -49.56 -10.22
N ALA E 123 51.80 -49.64 -9.54
CA ALA E 123 52.51 -50.91 -9.35
C ALA E 123 51.69 -51.93 -8.55
N ALA E 124 50.90 -51.45 -7.59
CA ALA E 124 50.01 -52.29 -6.79
C ALA E 124 48.83 -52.80 -7.62
N LEU E 125 48.33 -51.94 -8.50
CA LEU E 125 47.25 -52.27 -9.44
C LEU E 125 47.65 -53.38 -10.41
N ARG E 126 48.90 -53.34 -10.88
CA ARG E 126 49.43 -54.35 -11.80
C ARG E 126 49.57 -55.72 -11.15
N ALA E 127 49.90 -55.75 -9.86
CA ALA E 127 50.11 -56.99 -9.12
C ALA E 127 48.84 -57.50 -8.44
N GLY E 128 47.80 -56.65 -8.40
CA GLY E 128 46.57 -56.97 -7.67
C GLY E 128 45.56 -57.80 -8.43
N LYS E 129 44.57 -58.32 -7.69
CA LYS E 129 43.44 -59.04 -8.29
C LYS E 129 42.14 -58.22 -8.29
N HIS E 130 41.80 -57.64 -7.15
CA HIS E 130 40.66 -56.76 -7.03
C HIS E 130 41.03 -55.38 -6.53
N LEU E 131 40.38 -54.37 -7.06
CA LEU E 131 40.39 -53.04 -6.47
C LEU E 131 39.10 -52.88 -5.68
N LYS E 132 39.21 -53.02 -4.37
CA LYS E 132 38.06 -52.96 -3.46
C LYS E 132 37.60 -51.52 -3.21
N LEU E 133 36.27 -51.33 -3.22
CA LEU E 133 35.67 -50.02 -2.96
C LEU E 133 34.88 -50.02 -1.65
N ALA E 134 34.98 -48.91 -0.93
CA ALA E 134 34.23 -48.71 0.32
C ALA E 134 33.59 -47.32 0.31
N MET E 135 32.28 -47.29 0.57
CA MET E 135 31.52 -46.03 0.59
C MET E 135 30.34 -46.12 1.54
N THR E 136 29.68 -44.98 1.77
CA THR E 136 28.56 -44.88 2.69
C THR E 136 27.26 -44.67 1.92
N ILE E 137 26.22 -45.43 2.26
CA ILE E 137 24.90 -45.26 1.67
C ILE E 137 24.17 -44.10 2.36
N ALA E 138 23.57 -43.21 1.57
CA ALA E 138 22.71 -42.14 2.08
C ALA E 138 21.34 -42.69 2.42
N ALA E 139 21.23 -43.25 3.63
CA ALA E 139 20.03 -43.92 4.11
C ALA E 139 20.01 -43.74 5.63
N PRO E 140 18.83 -43.90 6.28
CA PRO E 140 18.78 -43.88 7.75
C PRO E 140 19.74 -44.87 8.40
N GLY E 141 20.63 -44.36 9.25
CA GLY E 141 21.66 -45.17 9.90
C GLY E 141 23.02 -45.04 9.23
N GLU E 142 23.00 -44.59 7.97
CA GLU E 142 24.18 -44.47 7.09
C GLU E 142 25.03 -45.75 6.96
N PRO E 143 24.46 -46.81 6.35
CA PRO E 143 25.14 -48.10 6.30
C PRO E 143 26.31 -48.10 5.30
N PRO E 144 27.35 -48.90 5.55
CA PRO E 144 28.44 -48.99 4.59
C PRO E 144 28.10 -49.86 3.38
N LEU E 145 28.71 -49.54 2.25
CA LEU E 145 28.69 -50.40 1.07
C LEU E 145 30.13 -50.80 0.77
N ASN E 146 30.46 -52.06 1.03
CA ASN E 146 31.85 -52.54 0.96
C ASN E 146 32.08 -53.70 -0.01
N ASP E 147 31.00 -54.21 -0.62
CA ASP E 147 31.09 -55.41 -1.45
C ASP E 147 31.37 -55.15 -2.93
N LEU E 148 31.59 -53.88 -3.28
CA LEU E 148 31.89 -53.50 -4.66
C LEU E 148 33.38 -53.51 -4.93
N PHE E 149 33.75 -53.83 -6.16
CA PHE E 149 35.15 -53.94 -6.58
C PHE E 149 35.27 -53.77 -8.08
N VAL E 150 36.50 -53.52 -8.53
CA VAL E 150 36.84 -53.61 -9.96
C VAL E 150 37.88 -54.73 -10.10
N GLN E 151 37.62 -55.66 -11.03
CA GLN E 151 38.54 -56.77 -11.28
C GLN E 151 39.75 -56.31 -12.10
N LEU E 152 40.93 -56.72 -11.65
CA LEU E 152 42.18 -56.20 -12.21
C LEU E 152 42.90 -57.14 -13.18
N ASN E 153 42.26 -58.26 -13.53
CA ASN E 153 42.84 -59.17 -14.52
C ASN E 153 42.98 -58.50 -15.89
N GLY E 154 44.23 -58.29 -16.29
CA GLY E 154 44.53 -57.67 -17.58
C GLY E 154 44.95 -56.21 -17.49
N PHE E 155 44.89 -55.64 -16.28
CA PHE E 155 45.24 -54.23 -16.05
C PHE E 155 46.64 -53.90 -16.54
N SER E 156 47.61 -54.72 -16.12
CA SER E 156 49.02 -54.50 -16.44
C SER E 156 49.29 -54.56 -17.95
N ASN E 157 48.73 -55.58 -18.62
CA ASN E 157 48.88 -55.70 -20.08
C ASN E 157 48.19 -54.59 -20.86
N ALA E 158 47.03 -54.14 -20.38
CA ALA E 158 46.31 -53.02 -20.98
C ALA E 158 47.04 -51.69 -20.77
N LEU E 159 47.67 -51.54 -19.61
CA LEU E 159 48.47 -50.33 -19.32
C LEU E 159 49.74 -50.28 -20.16
N ASN E 160 50.39 -51.44 -20.35
CA ASN E 160 51.52 -51.59 -21.26
C ASN E 160 51.20 -51.14 -22.69
N ARG E 161 49.99 -51.49 -23.14
CA ARG E 161 49.49 -51.09 -24.46
C ARG E 161 49.23 -49.59 -24.54
N LEU E 162 48.71 -49.01 -23.46
CA LEU E 162 48.56 -47.55 -23.34
C LEU E 162 49.90 -46.80 -23.40
N ILE E 163 50.93 -47.37 -22.77
CA ILE E 163 52.30 -46.85 -22.85
C ILE E 163 52.82 -46.94 -24.29
N ALA E 164 52.57 -48.07 -24.94
CA ALA E 164 52.99 -48.30 -26.33
C ALA E 164 52.28 -47.40 -27.33
N LEU E 165 51.03 -47.06 -27.04
CA LEU E 165 50.24 -46.16 -27.90
C LEU E 165 50.64 -44.68 -27.76
N GLN E 166 51.25 -44.33 -26.63
CA GLN E 166 51.81 -42.98 -26.41
C GLN E 166 53.03 -42.73 -27.28
N LYS E 167 53.87 -43.76 -27.42
CA LYS E 167 55.09 -43.69 -28.22
C LYS E 167 54.78 -43.64 -29.72
N GLU E 168 53.66 -44.24 -30.11
CA GLU E 168 53.16 -44.16 -31.49
C GLU E 168 52.57 -42.78 -31.74
N SER F 24 36.22 57.47 32.78
CA SER F 24 35.18 56.40 32.79
C SER F 24 34.36 56.46 34.08
N LEU F 25 33.48 57.45 34.14
CA LEU F 25 32.65 57.72 35.32
C LEU F 25 31.51 56.72 35.47
N THR F 26 31.30 56.22 36.68
CA THR F 26 30.23 55.26 36.98
C THR F 26 28.87 55.94 37.13
N GLU F 27 27.89 55.47 36.35
CA GLU F 27 26.51 55.92 36.47
C GLU F 27 25.73 54.93 37.30
N THR F 28 24.74 55.42 38.06
CA THR F 28 23.98 54.56 38.97
C THR F 28 22.49 54.69 38.67
N TYR F 29 21.86 53.55 38.42
CA TYR F 29 20.43 53.47 38.19
C TYR F 29 19.88 52.41 39.12
N GLY F 30 19.33 52.85 40.24
CA GLY F 30 18.88 51.97 41.32
C GLY F 30 20.04 51.16 41.86
N LEU F 31 19.96 49.85 41.66
CA LEU F 31 21.02 48.93 42.10
C LEU F 31 22.03 48.63 41.01
N TRP F 32 21.75 49.11 39.79
CA TRP F 32 22.59 48.83 38.63
C TRP F 32 23.59 49.95 38.31
N SER F 33 24.77 49.56 37.84
CA SER F 33 25.83 50.51 37.48
C SER F 33 26.13 50.46 35.98
N ILE F 34 26.59 51.59 35.44
CA ILE F 34 27.03 51.69 34.05
C ILE F 34 28.43 52.28 33.94
N ASN F 35 29.33 51.56 33.26
CA ASN F 35 30.64 52.08 32.89
C ASN F 35 30.89 51.97 31.39
N CYS F 36 31.57 52.97 30.83
CA CYS F 36 31.97 52.96 29.43
C CYS F 36 33.49 52.99 29.26
N GLY F 37 33.98 52.42 28.17
CA GLY F 37 35.42 52.45 27.87
C GLY F 37 35.75 51.76 26.56
N ILE F 38 36.96 52.03 26.06
CA ILE F 38 37.45 51.39 24.83
C ILE F 38 37.92 49.95 25.11
N GLN F 39 37.91 49.11 24.08
CA GLN F 39 38.42 47.74 24.18
C GLN F 39 39.33 47.37 23.01
N LYS F 43 34.39 52.46 21.95
CA LYS F 43 33.69 52.80 23.18
C LYS F 43 32.49 51.87 23.44
N VAL F 44 32.69 50.92 24.35
CA VAL F 44 31.63 49.99 24.75
C VAL F 44 31.11 50.33 26.16
N CYS F 45 29.78 50.34 26.30
CA CYS F 45 29.16 50.62 27.58
C CYS F 45 28.47 49.37 28.12
N PHE F 46 28.74 49.06 29.38
CA PHE F 46 28.16 47.89 30.02
C PHE F 46 27.40 48.22 31.29
N MET F 47 26.46 47.33 31.59
CA MET F 47 25.49 47.46 32.66
C MET F 47 25.84 46.34 33.64
N HIS F 48 26.07 46.66 34.91
CA HIS F 48 26.52 45.62 35.84
C HIS F 48 26.00 45.72 37.29
N ARG F 49 26.02 44.59 37.97
CA ARG F 49 25.50 44.44 39.33
C ARG F 49 26.24 43.28 40.03
N GLN F 50 26.65 43.51 41.27
CA GLN F 50 27.22 42.46 42.11
C GLN F 50 26.34 42.20 43.31
N GLU F 51 26.27 40.95 43.73
CA GLU F 51 25.58 40.61 44.97
C GLU F 51 26.57 40.04 45.98
N VAL F 52 26.45 40.51 47.22
CA VAL F 52 27.35 40.11 48.31
C VAL F 52 26.61 39.36 49.42
N ASN F 53 27.35 38.61 50.23
CA ASN F 53 26.78 38.01 51.44
C ASN F 53 26.92 38.92 52.66
N ASP F 54 26.62 38.41 53.85
CA ASP F 54 26.77 39.16 55.11
C ASP F 54 28.23 39.46 55.48
N GLN F 55 29.16 38.71 54.91
CA GLN F 55 30.60 38.95 55.05
C GLN F 55 31.12 39.97 54.03
N ASN F 56 30.20 40.47 53.19
CA ASN F 56 30.48 41.46 52.13
C ASN F 56 31.42 40.98 51.01
N ARG F 57 31.42 39.68 50.76
CA ARG F 57 32.15 39.14 49.60
C ARG F 57 31.20 38.75 48.46
N VAL F 58 31.68 38.95 47.23
CA VAL F 58 30.86 38.75 46.03
C VAL F 58 30.58 37.27 45.79
N VAL F 59 29.30 36.93 45.71
CA VAL F 59 28.86 35.56 45.49
C VAL F 59 28.39 35.39 44.04
N VAL F 60 27.68 36.40 43.55
CA VAL F 60 27.17 36.39 42.18
C VAL F 60 27.31 37.78 41.55
N ALA F 61 27.64 37.81 40.26
CA ALA F 61 27.74 39.05 39.49
C ALA F 61 27.10 38.91 38.12
N MET F 62 26.60 40.02 37.58
CA MET F 62 26.03 40.04 36.23
C MET F 62 26.53 41.27 35.49
N SER F 63 26.98 41.07 34.25
CA SER F 63 27.39 42.15 33.38
C SER F 63 26.66 42.00 32.05
N VAL F 64 26.16 43.12 31.52
CA VAL F 64 25.27 43.10 30.36
C VAL F 64 25.56 44.24 29.35
N VAL F 65 25.56 43.91 28.07
CA VAL F 65 25.69 44.91 27.00
C VAL F 65 24.48 44.92 26.06
N LEU F 66 24.32 46.04 25.37
CA LEU F 66 23.38 46.14 24.28
C LEU F 66 24.21 46.01 23.01
N ASN F 67 23.96 44.93 22.27
CA ASN F 67 24.66 44.67 21.01
C ASN F 67 24.14 45.51 19.85
N ALA F 68 24.88 45.52 18.74
CA ALA F 68 24.57 46.35 17.57
C ALA F 68 23.24 46.01 16.90
N ASP F 69 22.85 44.74 16.97
CA ASP F 69 21.59 44.27 16.39
C ASP F 69 20.38 44.43 17.33
N GLY F 70 20.59 45.05 18.49
CA GLY F 70 19.52 45.31 19.45
C GLY F 70 19.30 44.20 20.47
N VAL F 71 20.21 43.24 20.50
CA VAL F 71 20.13 42.08 21.39
C VAL F 71 20.81 42.37 22.74
N VAL F 72 20.14 42.00 23.83
CA VAL F 72 20.69 42.15 25.17
C VAL F 72 21.37 40.84 25.58
N SER F 73 22.66 40.91 25.89
CA SER F 73 23.44 39.74 26.24
C SER F 73 24.54 40.07 27.23
N GLY F 74 25.19 39.03 27.77
CA GLY F 74 26.36 39.21 28.61
C GLY F 74 26.73 37.96 29.39
N ASN F 75 27.22 38.16 30.60
CA ASN F 75 27.74 37.09 31.43
C ASN F 75 27.26 37.16 32.88
N LEU F 76 26.96 35.98 33.42
CA LEU F 76 26.66 35.79 34.82
C LEU F 76 27.84 35.05 35.45
N THR F 77 28.32 35.55 36.58
CA THR F 77 29.37 34.89 37.34
C THR F 77 28.77 34.20 38.56
N VAL F 78 28.95 32.89 38.63
CA VAL F 78 28.41 32.09 39.73
C VAL F 78 29.57 31.52 40.57
N PRO F 79 29.28 30.98 41.79
CA PRO F 79 30.35 30.39 42.62
C PRO F 79 31.07 29.17 42.04
N PHE F 80 32.21 28.83 42.64
CA PHE F 80 32.88 27.56 42.39
C PHE F 80 32.08 26.41 43.00
N GLY F 81 32.37 25.19 42.57
CA GLY F 81 31.74 24.00 43.17
C GLY F 81 30.40 23.64 42.56
N ILE F 82 30.07 24.28 41.43
CA ILE F 82 28.81 24.03 40.73
C ILE F 82 29.03 22.92 39.71
N LEU F 83 28.09 21.98 39.67
CA LEU F 83 28.11 20.89 38.68
C LEU F 83 27.91 21.42 37.27
N VAL F 84 28.99 21.34 36.51
CA VAL F 84 29.15 21.98 35.21
C VAL F 84 28.33 21.30 34.09
N SER F 85 28.05 20.01 34.27
CA SER F 85 27.29 19.23 33.27
C SER F 85 25.78 19.45 33.38
N LYS F 86 25.33 19.96 34.52
CA LYS F 86 23.91 20.27 34.73
C LYS F 86 23.66 21.78 34.54
N PRO F 87 22.47 22.13 34.00
CA PRO F 87 22.27 23.52 33.58
C PRO F 87 22.06 24.53 34.71
N VAL F 88 22.20 25.81 34.37
CA VAL F 88 21.87 26.93 35.25
C VAL F 88 20.54 27.51 34.76
N ARG F 89 19.56 27.52 35.66
CA ARG F 89 18.21 27.96 35.35
C ARG F 89 18.00 29.40 35.83
N LEU F 90 17.52 30.25 34.93
CA LEU F 90 17.25 31.66 35.22
C LEU F 90 15.76 31.93 35.13
N GLN F 91 15.20 32.53 36.18
CA GLN F 91 13.77 32.83 36.23
C GLN F 91 13.52 34.20 36.86
N VAL F 92 12.71 35.00 36.20
CA VAL F 92 12.28 36.28 36.76
C VAL F 92 11.14 36.01 37.72
N ASP F 93 11.43 36.17 39.03
CA ASP F 93 10.49 35.91 40.12
C ASP F 93 9.90 34.49 40.03
N GLU F 94 8.57 34.38 40.13
CA GLU F 94 7.89 33.09 39.99
C GLU F 94 7.03 33.06 38.72
N GLY F 95 7.46 33.80 37.70
CA GLY F 95 6.73 33.92 36.45
C GLY F 95 7.14 32.95 35.35
N LYS F 96 6.73 33.27 34.14
CA LYS F 96 6.85 32.34 32.99
C LYS F 96 8.20 32.42 32.28
N ALA F 97 8.95 33.50 32.53
CA ALA F 97 10.21 33.75 31.84
C ALA F 97 11.35 32.87 32.37
N VAL F 98 11.54 31.73 31.73
CA VAL F 98 12.56 30.74 32.14
C VAL F 98 13.59 30.49 31.04
N ILE F 99 14.86 30.71 31.37
CA ILE F 99 15.99 30.39 30.50
C ILE F 99 16.81 29.28 31.14
N GLU F 100 17.21 28.30 30.33
CA GLU F 100 18.13 27.26 30.78
C GLU F 100 19.42 27.26 29.96
N THR F 101 20.52 27.59 30.62
CA THR F 101 21.83 27.69 29.98
C THR F 101 22.87 26.98 30.87
N GLY F 102 24.14 27.02 30.49
CA GLY F 102 25.18 26.36 31.29
C GLY F 102 26.46 27.14 31.40
N ILE F 103 27.34 26.67 32.28
CA ILE F 103 28.67 27.24 32.46
C ILE F 103 29.52 26.99 31.21
N ARG F 104 30.17 28.06 30.72
CA ARG F 104 31.10 27.97 29.60
CA ARG F 104 31.10 27.98 29.61
C ARG F 104 32.49 27.61 30.10
N THR F 105 32.94 28.30 31.15
CA THR F 105 34.26 28.12 31.73
C THR F 105 34.27 28.72 33.14
N CYS F 106 35.34 28.44 33.90
CA CYS F 106 35.57 29.12 35.16
C CYS F 106 36.94 29.79 35.16
N VAL F 107 37.01 30.93 35.83
CA VAL F 107 38.20 31.76 35.95
C VAL F 107 38.41 32.00 37.45
N PRO F 108 39.52 32.65 37.88
CA PRO F 108 39.67 32.98 39.32
C PRO F 108 38.49 33.72 39.99
N ALA F 109 37.77 34.55 39.22
CA ALA F 109 36.62 35.29 39.75
C ALA F 109 35.38 34.40 39.98
N GLY F 110 35.36 33.24 39.33
CA GLY F 110 34.25 32.31 39.46
C GLY F 110 33.91 31.65 38.14
N CYS F 111 32.74 31.01 38.09
CA CYS F 111 32.29 30.31 36.90
C CYS F 111 31.39 31.16 36.01
N ILE F 112 31.71 31.19 34.72
CA ILE F 112 31.07 32.10 33.77
C ILE F 112 29.91 31.44 33.02
N VAL F 113 28.73 32.07 33.12
CA VAL F 113 27.54 31.61 32.42
C VAL F 113 27.12 32.66 31.38
N PRO F 114 27.28 32.34 30.07
CA PRO F 114 26.81 33.24 29.02
C PRO F 114 25.30 33.25 28.92
N ILE F 115 24.74 34.43 28.69
CA ILE F 115 23.30 34.64 28.69
C ILE F 115 22.90 35.52 27.50
N VAL F 116 21.91 35.12 26.73
CA VAL F 116 21.26 36.01 25.78
C VAL F 116 19.79 36.11 26.07
N PHE F 117 19.28 37.32 26.12
CA PHE F 117 17.87 37.62 26.41
C PHE F 117 17.12 38.08 25.16
N ASP F 118 16.01 37.42 24.84
CA ASP F 118 15.12 37.87 23.77
C ASP F 118 14.22 39.01 24.24
N LYS F 119 13.48 39.60 23.30
CA LYS F 119 12.61 40.75 23.56
C LYS F 119 11.59 40.51 24.68
N ASN F 120 11.07 39.29 24.75
CA ASN F 120 10.11 38.87 25.79
C ASN F 120 10.72 38.75 27.17
N TYR F 121 11.94 38.23 27.23
CA TYR F 121 12.66 38.07 28.49
C TYR F 121 13.15 39.42 29.03
N VAL F 122 13.59 40.29 28.11
CA VAL F 122 13.97 41.66 28.43
C VAL F 122 12.82 42.42 29.08
N ALA F 123 11.61 42.26 28.52
CA ALA F 123 10.39 42.88 29.05
C ALA F 123 10.04 42.38 30.45
N ALA F 124 10.32 41.11 30.70
CA ALA F 124 10.12 40.50 32.03
C ALA F 124 11.14 41.03 33.05
N LEU F 125 12.38 41.21 32.60
CA LEU F 125 13.47 41.79 33.39
C LEU F 125 13.17 43.22 33.83
N ARG F 126 12.53 43.98 32.93
CA ARG F 126 12.15 45.37 33.19
CA ARG F 126 12.15 45.36 33.20
C ARG F 126 11.05 45.48 34.25
N ALA F 127 10.17 44.48 34.29
CA ALA F 127 9.04 44.47 35.21
C ALA F 127 9.29 43.68 36.50
N GLY F 128 10.40 42.95 36.54
CA GLY F 128 10.69 42.04 37.64
C GLY F 128 11.44 42.65 38.81
N LYS F 129 11.50 41.90 39.90
CA LYS F 129 12.23 42.32 41.10
C LYS F 129 13.51 41.53 41.30
N HIS F 130 13.44 40.23 41.13
CA HIS F 130 14.59 39.36 41.23
C HIS F 130 14.74 38.47 40.02
N LEU F 131 15.96 38.26 39.64
CA LEU F 131 16.29 37.21 38.69
C LEU F 131 16.83 36.04 39.48
N LYS F 132 15.99 35.02 39.65
CA LYS F 132 16.32 33.86 40.46
C LYS F 132 17.21 32.90 39.69
N LEU F 133 18.18 32.32 40.40
CA LEU F 133 19.10 31.35 39.82
C LEU F 133 18.93 29.98 40.46
N ALA F 134 19.01 28.93 39.64
CA ALA F 134 18.94 27.55 40.12
C ALA F 134 20.05 26.72 39.46
N MET F 135 20.83 26.04 40.27
CA MET F 135 21.93 25.20 39.78
C MET F 135 22.17 23.99 40.69
N THR F 136 23.10 23.12 40.29
CA THR F 136 23.42 21.90 41.04
C THR F 136 24.85 21.99 41.59
N ILE F 137 25.01 21.65 42.87
CA ILE F 137 26.32 21.61 43.51
C ILE F 137 27.03 20.29 43.20
N ALA F 138 28.29 20.38 42.79
CA ALA F 138 29.12 19.20 42.58
C ALA F 138 29.62 18.66 43.92
N ALA F 139 28.77 17.86 44.55
CA ALA F 139 29.01 17.33 45.89
C ALA F 139 28.30 15.98 45.95
N PRO F 140 28.68 15.10 46.90
CA PRO F 140 27.95 13.84 47.09
C PRO F 140 26.45 14.05 47.33
N GLY F 141 25.63 13.44 46.48
CA GLY F 141 24.18 13.60 46.52
C GLY F 141 23.66 14.60 45.50
N GLU F 142 24.57 15.45 45.00
CA GLU F 142 24.29 16.54 44.05
C GLU F 142 23.14 17.47 44.47
N PRO F 143 23.34 18.25 45.56
CA PRO F 143 22.27 19.08 46.11
C PRO F 143 22.00 20.32 45.24
N PRO F 144 20.75 20.82 45.25
CA PRO F 144 20.48 22.05 44.51
C PRO F 144 20.94 23.31 45.25
N LEU F 145 21.28 24.33 44.47
CA LEU F 145 21.54 25.67 45.01
C LEU F 145 20.51 26.61 44.35
N ASN F 146 19.53 27.04 45.15
CA ASN F 146 18.38 27.78 44.65
C ASN F 146 18.16 29.16 45.27
N ASP F 147 19.01 29.53 46.23
CA ASP F 147 18.83 30.78 46.99
C ASP F 147 19.61 31.99 46.43
N LEU F 148 20.24 31.83 45.28
CA LEU F 148 20.97 32.91 44.62
C LEU F 148 20.09 33.66 43.63
N PHE F 149 20.34 34.94 43.51
CA PHE F 149 19.56 35.83 42.66
C PHE F 149 20.36 37.05 42.24
N VAL F 150 19.84 37.78 41.27
CA VAL F 150 20.34 39.12 40.93
C VAL F 150 19.16 40.07 41.11
N GLN F 151 19.37 41.14 41.87
CA GLN F 151 18.34 42.14 42.12
C GLN F 151 18.16 43.05 40.92
N LEU F 152 16.90 43.27 40.53
CA LEU F 152 16.58 43.95 39.27
C LEU F 152 16.16 45.42 39.39
N ASN F 153 16.26 45.98 40.59
CA ASN F 153 15.94 47.40 40.80
C ASN F 153 16.87 48.32 40.03
N GLY F 154 16.30 49.03 39.07
CA GLY F 154 17.06 49.94 38.21
C GLY F 154 17.43 49.39 36.85
N PHE F 155 17.13 48.11 36.60
CA PHE F 155 17.44 47.43 35.32
C PHE F 155 16.88 48.18 34.13
N SER F 156 15.61 48.54 34.18
CA SER F 156 14.91 49.20 33.09
C SER F 156 15.49 50.60 32.78
N ASN F 157 15.77 51.40 33.82
CA ASN F 157 16.40 52.71 33.63
C ASN F 157 17.85 52.63 33.13
N ALA F 158 18.59 51.64 33.59
CA ALA F 158 19.95 51.39 33.12
C ALA F 158 19.97 50.92 31.66
N LEU F 159 18.99 50.09 31.28
CA LEU F 159 18.86 49.62 29.90
C LEU F 159 18.44 50.74 28.95
N ASN F 160 17.56 51.63 29.41
CA ASN F 160 17.18 52.84 28.68
C ASN F 160 18.39 53.73 28.38
N ARG F 161 19.30 53.84 29.35
CA ARG F 161 20.54 54.59 29.22
C ARG F 161 21.49 53.95 28.20
N LEU F 162 21.57 52.61 28.23
CA LEU F 162 22.31 51.84 27.23
C LEU F 162 21.79 52.03 25.80
N ILE F 163 20.47 52.13 25.64
CA ILE F 163 19.84 52.44 24.36
C ILE F 163 20.19 53.87 23.91
N ALA F 164 20.18 54.80 24.86
CA ALA F 164 20.52 56.20 24.61
C ALA F 164 21.99 56.40 24.24
N LEU F 165 22.86 55.59 24.84
CA LEU F 165 24.30 55.63 24.54
C LEU F 165 24.65 55.03 23.18
N GLN F 166 23.81 54.12 22.68
CA GLN F 166 23.97 53.56 21.33
C GLN F 166 23.69 54.60 20.24
N LYS F 167 22.68 55.45 20.48
CA LYS F 167 22.32 56.52 19.55
C LYS F 167 23.36 57.64 19.53
N GLU F 168 24.06 57.82 20.64
CA GLU F 168 25.18 58.75 20.73
C GLU F 168 26.40 58.16 20.02
N SER G 24 17.11 -23.37 -19.25
CA SER G 24 16.03 -22.47 -19.75
C SER G 24 14.72 -22.76 -19.02
N LEU G 25 14.65 -22.33 -17.77
CA LEU G 25 13.52 -22.60 -16.88
C LEU G 25 12.30 -21.73 -17.21
N THR G 26 11.13 -22.36 -17.28
CA THR G 26 9.87 -21.67 -17.57
C THR G 26 9.32 -20.94 -16.36
N GLU G 27 9.12 -19.63 -16.51
CA GLU G 27 8.45 -18.81 -15.49
C GLU G 27 6.97 -18.71 -15.82
N THR G 28 6.13 -18.60 -14.80
CA THR G 28 4.69 -18.54 -14.98
C THR G 28 4.11 -17.31 -14.28
N TYR G 29 3.38 -16.50 -15.05
CA TYR G 29 2.71 -15.32 -14.53
C TYR G 29 1.27 -15.37 -15.01
N GLY G 30 0.40 -15.81 -14.11
CA GLY G 30 -1.00 -16.07 -14.42
C GLY G 30 -1.10 -17.16 -15.47
N LEU G 31 -1.59 -16.78 -16.65
CA LEU G 31 -1.74 -17.71 -17.77
C LEU G 31 -0.59 -17.59 -18.77
N TRP G 32 0.31 -16.64 -18.55
CA TRP G 32 1.44 -16.41 -19.44
C TRP G 32 2.75 -17.05 -18.97
N SER G 33 3.57 -17.47 -19.92
CA SER G 33 4.84 -18.14 -19.64
C SER G 33 6.01 -17.33 -20.17
N ILE G 34 7.18 -17.50 -19.56
CA ILE G 34 8.42 -16.86 -20.04
C ILE G 34 9.55 -17.89 -20.15
N ASN G 35 10.20 -17.90 -21.31
CA ASN G 35 11.40 -18.69 -21.53
C ASN G 35 12.51 -17.83 -22.12
N CYS G 36 13.74 -18.06 -21.68
CA CYS G 36 14.91 -17.35 -22.21
C CYS G 36 15.86 -18.32 -22.90
N GLY G 37 16.63 -17.84 -23.87
CA GLY G 37 17.62 -18.68 -24.54
C GLY G 37 18.63 -17.92 -25.37
N ILE G 38 19.54 -18.66 -26.00
CA ILE G 38 20.56 -18.07 -26.88
C ILE G 38 20.18 -18.16 -28.37
N GLN G 39 20.38 -17.07 -29.10
CA GLN G 39 20.12 -17.02 -30.53
C GLN G 39 21.23 -16.29 -31.29
N LYS G 42 23.78 -14.53 -27.22
CA LYS G 42 22.80 -13.46 -27.11
C LYS G 42 21.54 -13.95 -26.40
N LYS G 43 21.37 -13.51 -25.14
CA LYS G 43 20.24 -13.94 -24.31
C LYS G 43 18.95 -13.21 -24.70
N VAL G 44 18.03 -13.95 -25.31
CA VAL G 44 16.72 -13.42 -25.73
C VAL G 44 15.57 -14.09 -24.96
N CYS G 45 14.80 -13.27 -24.23
CA CYS G 45 13.68 -13.76 -23.42
C CYS G 45 12.37 -13.45 -24.10
N PHE G 46 11.50 -14.47 -24.17
CA PHE G 46 10.20 -14.30 -24.81
C PHE G 46 9.04 -14.68 -23.91
N MET G 47 7.90 -14.09 -24.21
CA MET G 47 6.70 -14.13 -23.41
C MET G 47 5.68 -14.85 -24.28
N HIS G 48 5.04 -15.91 -23.77
CA HIS G 48 4.17 -16.71 -24.62
C HIS G 48 2.94 -17.34 -23.96
N ARG G 49 1.95 -17.62 -24.79
CA ARG G 49 0.67 -18.18 -24.37
C ARG G 49 0.07 -19.02 -25.50
N GLN G 50 -0.39 -20.22 -25.17
CA GLN G 50 -1.14 -21.06 -26.11
C GLN G 50 -2.59 -21.21 -25.63
N GLU G 51 -3.52 -21.24 -26.58
CA GLU G 51 -4.90 -21.57 -26.28
C GLU G 51 -5.31 -22.88 -26.94
N VAL G 52 -6.04 -23.71 -26.19
CA VAL G 52 -6.43 -25.04 -26.65
C VAL G 52 -7.94 -25.20 -26.70
N ASN G 53 -8.41 -26.19 -27.46
CA ASN G 53 -9.82 -26.55 -27.47
C ASN G 53 -10.16 -27.64 -26.43
N ASP G 54 -11.37 -28.18 -26.50
CA ASP G 54 -11.79 -29.25 -25.57
C ASP G 54 -11.06 -30.59 -25.74
N GLN G 55 -10.46 -30.81 -26.92
N GLN G 55 -10.48 -30.82 -26.92
CA GLN G 55 -9.64 -31.99 -27.19
CA GLN G 55 -9.65 -32.01 -27.16
C GLN G 55 -8.15 -31.74 -26.87
C GLN G 55 -8.16 -31.72 -26.93
N ASN G 56 -7.86 -30.56 -26.34
CA ASN G 56 -6.52 -30.21 -25.87
CA ASN G 56 -6.51 -30.24 -25.88
C ASN G 56 -5.49 -29.97 -26.98
N ARG G 57 -5.96 -29.52 -28.14
CA ARG G 57 -5.08 -29.23 -29.26
C ARG G 57 -4.99 -27.74 -29.55
N VAL G 58 -3.77 -27.25 -29.72
CA VAL G 58 -3.51 -25.81 -29.86
C VAL G 58 -4.22 -25.24 -31.09
N VAL G 59 -5.02 -24.20 -30.87
CA VAL G 59 -5.77 -23.53 -31.93
C VAL G 59 -5.15 -22.17 -32.23
N VAL G 60 -4.75 -21.47 -31.17
CA VAL G 60 -4.12 -20.15 -31.30
C VAL G 60 -2.95 -20.01 -30.31
N ALA G 61 -1.86 -19.40 -30.77
CA ALA G 61 -0.67 -19.16 -29.94
C ALA G 61 -0.14 -17.74 -30.14
N MET G 62 0.50 -17.20 -29.12
CA MET G 62 1.10 -15.87 -29.19
C MET G 62 2.46 -15.88 -28.52
N SER G 63 3.47 -15.35 -29.19
CA SER G 63 4.81 -15.22 -28.62
C SER G 63 5.31 -13.80 -28.84
N VAL G 64 5.90 -13.21 -27.81
CA VAL G 64 6.19 -11.78 -27.78
C VAL G 64 7.54 -11.46 -27.12
N VAL G 65 8.29 -10.53 -27.72
CA VAL G 65 9.54 -10.02 -27.13
C VAL G 65 9.52 -8.52 -26.86
N LEU G 66 10.40 -8.10 -25.95
CA LEU G 66 10.66 -6.69 -25.70
C LEU G 66 11.92 -6.31 -26.46
N ASN G 67 11.80 -5.34 -27.35
CA ASN G 67 12.95 -4.86 -28.12
C ASN G 67 13.72 -3.78 -27.35
N ALA G 68 14.91 -3.44 -27.84
CA ALA G 68 15.82 -2.51 -27.17
C ALA G 68 15.26 -1.09 -27.00
N ASP G 69 14.44 -0.65 -27.96
CA ASP G 69 13.80 0.67 -27.92
C ASP G 69 12.41 0.65 -27.28
N GLY G 70 12.11 -0.42 -26.54
CA GLY G 70 10.87 -0.51 -25.75
C GLY G 70 9.62 -0.95 -26.49
N VAL G 71 9.76 -1.27 -27.77
CA VAL G 71 8.63 -1.73 -28.57
C VAL G 71 8.39 -3.24 -28.39
N VAL G 72 7.13 -3.63 -28.24
CA VAL G 72 6.76 -5.02 -28.04
C VAL G 72 6.26 -5.64 -29.36
N SER G 73 6.96 -6.66 -29.82
CA SER G 73 6.65 -7.31 -31.10
C SER G 73 6.76 -8.84 -31.00
N GLY G 74 6.21 -9.54 -32.00
CA GLY G 74 6.35 -10.97 -32.07
C GLY G 74 5.45 -11.61 -33.11
N ASN G 75 4.94 -12.81 -32.78
CA ASN G 75 4.11 -13.58 -33.69
C ASN G 75 2.87 -14.17 -33.03
N LEU G 76 1.79 -14.18 -33.81
CA LEU G 76 0.55 -14.84 -33.45
C LEU G 76 0.39 -16.06 -34.37
N THR G 77 0.07 -17.21 -33.79
CA THR G 77 -0.16 -18.42 -34.58
C THR G 77 -1.65 -18.70 -34.61
N VAL G 78 -2.24 -18.69 -35.81
CA VAL G 78 -3.67 -18.90 -35.99
C VAL G 78 -3.91 -20.22 -36.74
N PRO G 79 -5.16 -20.74 -36.75
CA PRO G 79 -5.41 -22.03 -37.43
C PRO G 79 -5.19 -22.05 -38.94
N PHE G 80 -5.18 -23.26 -39.50
CA PHE G 80 -5.22 -23.47 -40.94
C PHE G 80 -6.62 -23.13 -41.46
N GLY G 81 -6.74 -22.91 -42.77
CA GLY G 81 -8.05 -22.68 -43.38
C GLY G 81 -8.54 -21.24 -43.31
N ILE G 82 -7.63 -20.33 -42.93
CA ILE G 82 -7.94 -18.90 -42.85
C ILE G 82 -7.63 -18.22 -44.19
N LEU G 83 -8.56 -17.40 -44.66
CA LEU G 83 -8.37 -16.63 -45.89
C LEU G 83 -7.25 -15.62 -45.71
N VAL G 84 -6.18 -15.89 -46.44
CA VAL G 84 -4.89 -15.20 -46.33
C VAL G 84 -4.89 -13.78 -46.91
N SER G 85 -5.76 -13.53 -47.89
CA SER G 85 -5.86 -12.21 -48.53
C SER G 85 -6.66 -11.20 -47.71
N LYS G 86 -7.46 -11.69 -46.76
CA LYS G 86 -8.23 -10.83 -45.85
C LYS G 86 -7.50 -10.68 -44.50
N PRO G 87 -7.63 -9.50 -43.86
CA PRO G 87 -6.80 -9.23 -42.68
C PRO G 87 -7.22 -9.96 -41.39
N VAL G 88 -6.28 -10.00 -40.44
CA VAL G 88 -6.53 -10.48 -39.09
C VAL G 88 -6.61 -9.24 -38.20
N ARG G 89 -7.72 -9.05 -37.51
CA ARG G 89 -7.93 -7.86 -36.70
C ARG G 89 -7.77 -8.22 -35.25
N LEU G 90 -7.03 -7.42 -34.53
CA LEU G 90 -6.74 -7.60 -33.11
C LEU G 90 -7.37 -6.48 -32.30
N GLN G 91 -8.11 -6.85 -31.26
CA GLN G 91 -8.81 -5.89 -30.42
C GLN G 91 -8.72 -6.30 -28.95
N VAL G 92 -8.38 -5.35 -28.09
CA VAL G 92 -8.40 -5.57 -26.65
C VAL G 92 -9.82 -5.31 -26.15
N ASP G 93 -10.51 -6.38 -25.77
CA ASP G 93 -11.90 -6.36 -25.28
C ASP G 93 -12.88 -5.71 -26.27
N GLU G 94 -13.52 -4.63 -25.83
CA GLU G 94 -14.53 -3.94 -26.63
C GLU G 94 -14.04 -2.58 -27.13
N GLY G 95 -12.78 -2.27 -26.87
CA GLY G 95 -12.18 -0.98 -27.21
C GLY G 95 -11.99 -0.73 -28.70
N LYS G 96 -11.67 0.52 -29.05
CA LYS G 96 -11.55 0.89 -30.46
C LYS G 96 -10.11 1.09 -30.92
N ALA G 97 -9.15 1.02 -30.00
CA ALA G 97 -7.75 0.87 -30.38
C ALA G 97 -7.55 -0.57 -30.82
N VAL G 98 -7.38 -0.69 -32.13
CA VAL G 98 -7.57 -1.90 -32.90
C VAL G 98 -6.37 -2.01 -33.86
N ILE G 99 -5.78 -3.20 -33.96
CA ILE G 99 -4.70 -3.44 -34.91
C ILE G 99 -5.20 -4.31 -36.06
N GLU G 100 -4.84 -3.88 -37.26
CA GLU G 100 -4.99 -4.66 -38.46
C GLU G 100 -3.70 -5.17 -39.01
N THR G 101 -3.64 -6.48 -39.18
CA THR G 101 -2.43 -7.07 -39.77
C THR G 101 -2.84 -8.33 -40.56
N GLY G 102 -1.87 -9.11 -41.02
CA GLY G 102 -2.18 -10.28 -41.84
C GLY G 102 -1.22 -11.43 -41.67
N ILE G 103 -1.58 -12.56 -42.28
CA ILE G 103 -0.73 -13.75 -42.30
C ILE G 103 0.49 -13.52 -43.19
N ARG G 104 1.67 -13.81 -42.66
CA ARG G 104 2.90 -13.71 -43.43
C ARG G 104 3.18 -15.02 -44.16
N THR G 105 3.00 -16.13 -43.43
CA THR G 105 3.24 -17.47 -43.96
C THR G 105 2.56 -18.49 -43.07
N CYS G 106 2.49 -19.74 -43.54
CA CYS G 106 2.05 -20.83 -42.69
C CYS G 106 3.08 -21.95 -42.64
N VAL G 107 3.16 -22.59 -41.49
CA VAL G 107 4.10 -23.67 -41.21
C VAL G 107 3.25 -24.84 -40.67
N PRO G 108 3.85 -26.04 -40.45
CA PRO G 108 3.07 -27.14 -39.83
C PRO G 108 2.31 -26.80 -38.54
N ALA G 109 2.87 -25.91 -37.73
CA ALA G 109 2.22 -25.47 -36.48
C ALA G 109 1.00 -24.57 -36.70
N GLY G 110 0.88 -24.00 -37.89
CA GLY G 110 -0.25 -23.15 -38.25
C GLY G 110 0.18 -21.92 -39.02
N CYS G 111 -0.71 -20.92 -39.09
CA CYS G 111 -0.44 -19.70 -39.85
C CYS G 111 0.10 -18.55 -38.99
N ILE G 112 1.18 -17.95 -39.44
CA ILE G 112 1.95 -16.99 -38.63
C ILE G 112 1.56 -15.54 -38.96
N VAL G 113 1.15 -14.81 -37.93
CA VAL G 113 0.73 -13.43 -38.04
C VAL G 113 1.69 -12.56 -37.23
N PRO G 114 2.53 -11.74 -37.91
CA PRO G 114 3.43 -10.84 -37.20
C PRO G 114 2.68 -9.69 -36.55
N ILE G 115 3.10 -9.32 -35.36
CA ILE G 115 2.43 -8.30 -34.57
C ILE G 115 3.42 -7.32 -33.95
N VAL G 116 3.11 -6.03 -34.03
CA VAL G 116 3.92 -4.99 -33.41
C VAL G 116 2.98 -4.12 -32.59
N PHE G 117 3.28 -3.97 -31.30
CA PHE G 117 2.46 -3.18 -30.39
C PHE G 117 3.18 -1.89 -30.00
N ASP G 118 2.52 -0.75 -30.23
CA ASP G 118 3.02 0.54 -29.75
C ASP G 118 2.73 0.73 -28.26
N LYS G 119 3.29 1.77 -27.68
CA LYS G 119 3.12 2.05 -26.28
C LYS G 119 1.69 2.10 -25.78
N ASN G 120 0.79 2.68 -26.57
CA ASN G 120 -0.63 2.78 -26.22
C ASN G 120 -1.34 1.43 -26.25
N TYR G 121 -0.98 0.59 -27.22
CA TYR G 121 -1.57 -0.74 -27.32
C TYR G 121 -1.06 -1.67 -26.21
N VAL G 122 0.21 -1.50 -25.84
CA VAL G 122 0.83 -2.22 -24.73
C VAL G 122 0.12 -1.91 -23.40
N ALA G 123 -0.20 -0.63 -23.19
CA ALA G 123 -0.96 -0.17 -22.03
C ALA G 123 -2.39 -0.73 -21.98
N ALA G 124 -2.97 -0.94 -23.16
CA ALA G 124 -4.30 -1.55 -23.30
C ALA G 124 -4.26 -3.04 -22.96
N LEU G 125 -3.20 -3.71 -23.41
CA LEU G 125 -2.93 -5.12 -23.12
C LEU G 125 -2.76 -5.40 -21.63
N ARG G 126 -2.11 -4.46 -20.92
CA ARG G 126 -1.92 -4.54 -19.46
C ARG G 126 -3.22 -4.42 -18.67
N ALA G 127 -4.16 -3.63 -19.19
CA ALA G 127 -5.44 -3.40 -18.52
C ALA G 127 -6.55 -4.34 -19.03
N GLY G 128 -6.28 -5.07 -20.10
CA GLY G 128 -7.30 -5.91 -20.73
C GLY G 128 -7.47 -7.29 -20.13
N LYS G 129 -8.56 -7.96 -20.53
CA LYS G 129 -8.82 -9.34 -20.14
C LYS G 129 -8.63 -10.32 -21.28
N HIS G 130 -9.09 -9.94 -22.46
CA HIS G 130 -8.95 -10.72 -23.65
C HIS G 130 -8.43 -9.91 -24.81
N LEU G 131 -7.62 -10.53 -25.61
CA LEU G 131 -7.25 -9.99 -26.90
C LEU G 131 -8.04 -10.73 -27.97
N LYS G 132 -9.09 -10.09 -28.46
CA LYS G 132 -10.01 -10.70 -29.40
C LYS G 132 -9.43 -10.70 -30.81
N LEU G 133 -9.60 -11.82 -31.51
CA LEU G 133 -9.15 -11.96 -32.89
C LEU G 133 -10.34 -12.06 -33.84
N ALA G 134 -10.19 -11.44 -35.01
CA ALA G 134 -11.20 -11.51 -36.07
C ALA G 134 -10.52 -11.79 -37.40
N MET G 135 -10.98 -12.83 -38.09
CA MET G 135 -10.43 -13.21 -39.40
C MET G 135 -11.50 -13.84 -40.30
N THR G 136 -11.12 -14.15 -41.54
CA THR G 136 -12.03 -14.72 -42.52
C THR G 136 -11.60 -16.14 -42.88
N ILE G 137 -12.57 -17.06 -42.91
CA ILE G 137 -12.32 -18.45 -43.30
C ILE G 137 -12.34 -18.57 -44.81
N ALA G 138 -11.34 -19.26 -45.37
CA ALA G 138 -11.28 -19.56 -46.80
C ALA G 138 -12.21 -20.74 -47.09
N ALA G 139 -13.48 -20.41 -47.28
CA ALA G 139 -14.54 -21.38 -47.53
C ALA G 139 -15.56 -20.70 -48.43
N PRO G 140 -16.43 -21.48 -49.12
CA PRO G 140 -17.53 -20.87 -49.87
C PRO G 140 -18.40 -19.95 -49.02
N GLY G 141 -18.54 -18.70 -49.46
CA GLY G 141 -19.28 -17.69 -48.70
C GLY G 141 -18.39 -16.81 -47.85
N GLU G 142 -17.15 -17.22 -47.67
CA GLU G 142 -16.13 -16.55 -46.84
C GLU G 142 -16.62 -16.12 -45.44
N PRO G 143 -16.94 -17.10 -44.56
CA PRO G 143 -17.52 -16.78 -43.26
C PRO G 143 -16.50 -16.21 -42.28
N PRO G 144 -16.94 -15.31 -41.37
CA PRO G 144 -16.00 -14.78 -40.38
C PRO G 144 -15.71 -15.77 -39.25
N LEU G 145 -14.50 -15.68 -38.69
CA LEU G 145 -14.14 -16.40 -37.48
C LEU G 145 -13.81 -15.35 -36.43
N ASN G 146 -14.70 -15.20 -35.45
CA ASN G 146 -14.61 -14.11 -34.47
C ASN G 146 -14.52 -14.58 -33.01
N ASP G 147 -14.61 -15.88 -32.78
CA ASP G 147 -14.68 -16.43 -31.42
C ASP G 147 -13.32 -16.76 -30.79
N LEU G 148 -12.24 -16.51 -31.53
CA LEU G 148 -10.88 -16.77 -31.03
C LEU G 148 -10.29 -15.58 -30.29
N PHE G 149 -9.49 -15.87 -29.28
CA PHE G 149 -8.92 -14.85 -28.40
C PHE G 149 -7.64 -15.36 -27.74
N VAL G 150 -6.89 -14.43 -27.14
CA VAL G 150 -5.77 -14.77 -26.26
C VAL G 150 -6.09 -14.16 -24.90
N GLN G 151 -6.05 -14.98 -23.86
CA GLN G 151 -6.34 -14.51 -22.49
C GLN G 151 -5.15 -13.73 -21.93
N LEU G 152 -5.44 -12.57 -21.35
CA LEU G 152 -4.41 -11.62 -20.96
C LEU G 152 -4.08 -11.60 -19.46
N ASN G 153 -4.62 -12.55 -18.71
CA ASN G 153 -4.31 -12.69 -17.28
C ASN G 153 -2.84 -13.02 -17.06
N GLY G 154 -2.09 -12.05 -16.53
CA GLY G 154 -0.68 -12.22 -16.25
C GLY G 154 0.22 -11.51 -17.23
N PHE G 155 -0.35 -10.89 -18.26
CA PHE G 155 0.40 -10.17 -19.30
C PHE G 155 1.29 -9.08 -18.70
N SER G 156 0.70 -8.27 -17.82
CA SER G 156 1.38 -7.12 -17.23
C SER G 156 2.59 -7.54 -16.38
N ASN G 157 2.38 -8.52 -15.51
CA ASN G 157 3.43 -9.06 -14.66
C ASN G 157 4.55 -9.76 -15.44
N ALA G 158 4.18 -10.47 -16.51
CA ALA G 158 5.14 -11.12 -17.39
C ALA G 158 5.95 -10.11 -18.19
N LEU G 159 5.31 -9.02 -18.60
CA LEU G 159 6.01 -7.95 -19.32
C LEU G 159 6.96 -7.18 -18.41
N ASN G 160 6.56 -6.98 -17.15
CA ASN G 160 7.43 -6.41 -16.12
C ASN G 160 8.71 -7.21 -15.92
N ARG G 161 8.55 -8.53 -15.92
CA ARG G 161 9.67 -9.47 -15.83
C ARG G 161 10.59 -9.39 -17.05
N LEU G 162 10.02 -9.24 -18.24
CA LEU G 162 10.80 -9.03 -19.47
C LEU G 162 11.63 -7.74 -19.45
N ILE G 163 11.04 -6.69 -18.86
CA ILE G 163 11.74 -5.41 -18.66
C ILE G 163 12.91 -5.59 -17.69
N ALA G 164 12.65 -6.32 -16.61
CA ALA G 164 13.65 -6.63 -15.58
C ALA G 164 14.80 -7.49 -16.11
N LEU G 165 14.49 -8.40 -17.04
CA LEU G 165 15.49 -9.28 -17.66
C LEU G 165 16.38 -8.56 -18.68
N GLN G 166 15.86 -7.45 -19.23
CA GLN G 166 16.65 -6.60 -20.14
C GLN G 166 17.74 -5.84 -19.40
N LYS G 167 17.43 -5.40 -18.18
CA LYS G 167 18.37 -4.67 -17.33
C LYS G 167 19.46 -5.59 -16.77
N GLU G 168 19.12 -6.86 -16.58
CA GLU G 168 20.09 -7.88 -16.22
C GLU G 168 20.97 -8.24 -17.42
N SER H 23 -20.91 2.67 -15.45
CA SER H 23 -21.56 4.02 -15.36
C SER H 23 -23.07 3.83 -15.17
N SER H 24 -23.48 3.82 -13.90
CA SER H 24 -24.77 3.28 -13.47
C SER H 24 -25.88 4.34 -13.32
N LEU H 25 -26.50 4.70 -14.43
CA LEU H 25 -27.48 5.77 -14.48
C LEU H 25 -28.85 5.33 -13.96
N THR H 26 -29.45 6.16 -13.12
CA THR H 26 -30.76 5.88 -12.54
C THR H 26 -31.89 6.19 -13.53
N GLU H 27 -32.74 5.19 -13.78
CA GLU H 27 -33.94 5.36 -14.61
C GLU H 27 -35.12 5.54 -13.68
N THR H 28 -36.11 6.31 -14.12
CA THR H 28 -37.27 6.62 -13.31
C THR H 28 -38.57 6.25 -14.04
N TYR H 29 -39.38 5.42 -13.38
CA TYR H 29 -40.69 5.03 -13.89
C TYR H 29 -41.71 5.27 -12.82
N GLY H 30 -42.43 6.39 -12.96
CA GLY H 30 -43.35 6.86 -11.93
C GLY H 30 -42.61 7.16 -10.64
N LEU H 31 -42.90 6.37 -9.62
CA LEU H 31 -42.27 6.51 -8.31
C LEU H 31 -41.13 5.51 -8.11
N TRP H 32 -40.93 4.63 -9.11
CA TRP H 32 -39.93 3.57 -9.03
C TRP H 32 -38.65 3.89 -9.78
N SER H 33 -37.53 3.45 -9.21
CA SER H 33 -36.22 3.66 -9.80
C SER H 33 -35.58 2.35 -10.25
N ILE H 34 -34.73 2.44 -11.28
CA ILE H 34 -33.96 1.30 -11.77
C ILE H 34 -32.46 1.64 -11.84
N ASN H 35 -31.64 0.80 -11.22
CA ASN H 35 -30.19 0.88 -11.37
C ASN H 35 -29.62 -0.48 -11.76
N CYS H 36 -28.61 -0.46 -12.63
CA CYS H 36 -27.88 -1.67 -13.01
C CYS H 36 -26.45 -1.57 -12.49
N GLY H 37 -26.00 -2.59 -11.78
CA GLY H 37 -24.69 -2.54 -11.14
C GLY H 37 -23.91 -3.83 -11.21
N ILE H 38 -22.64 -3.75 -10.82
CA ILE H 38 -21.78 -4.93 -10.76
C ILE H 38 -21.52 -5.30 -9.30
N GLN H 39 -22.18 -6.38 -8.86
CA GLN H 39 -21.89 -7.00 -7.57
C GLN H 39 -21.47 -8.45 -7.78
N GLU H 40 -20.50 -8.90 -6.96
CA GLU H 40 -19.74 -10.16 -7.14
C GLU H 40 -19.34 -10.53 -8.59
N GLY H 41 -18.98 -9.51 -9.36
CA GLY H 41 -18.57 -9.67 -10.76
C GLY H 41 -19.71 -9.84 -11.76
N LYS H 42 -20.94 -9.64 -11.29
CA LYS H 42 -22.13 -9.81 -12.13
C LYS H 42 -22.95 -8.55 -12.35
N LYS H 43 -23.29 -8.32 -13.62
CA LYS H 43 -24.27 -7.30 -13.99
C LYS H 43 -25.66 -7.74 -13.54
N VAL H 44 -26.24 -6.96 -12.62
CA VAL H 44 -27.61 -7.19 -12.17
C VAL H 44 -28.38 -5.86 -12.16
N CYS H 45 -29.57 -5.88 -12.74
CA CYS H 45 -30.43 -4.71 -12.74
C CYS H 45 -31.51 -4.87 -11.69
N PHE H 46 -31.64 -3.85 -10.84
CA PHE H 46 -32.64 -3.90 -9.77
C PHE H 46 -33.61 -2.72 -9.78
N MET H 47 -34.78 -2.98 -9.22
CA MET H 47 -35.94 -2.13 -9.26
C MET H 47 -36.17 -1.73 -7.81
N HIS H 48 -36.22 -0.43 -7.51
CA HIS H 48 -36.30 0.00 -6.10
C HIS H 48 -37.11 1.26 -5.78
N ARG H 49 -37.56 1.32 -4.54
CA ARG H 49 -38.42 2.40 -4.05
C ARG H 49 -38.20 2.59 -2.55
N GLN H 50 -38.01 3.84 -2.13
CA GLN H 50 -37.97 4.20 -0.72
C GLN H 50 -39.18 5.04 -0.35
N GLU H 51 -39.69 4.82 0.85
CA GLU H 51 -40.73 5.69 1.40
C GLU H 51 -40.21 6.45 2.62
N VAL H 52 -40.52 7.75 2.66
CA VAL H 52 -40.06 8.65 3.73
C VAL H 52 -41.22 9.22 4.54
N ASN H 53 -40.93 9.68 5.75
CA ASN H 53 -41.90 10.42 6.55
C ASN H 53 -41.85 11.93 6.27
N ASP H 54 -42.54 12.72 7.09
CA ASP H 54 -42.54 14.18 6.97
C ASP H 54 -41.19 14.85 7.30
N GLN H 55 -40.34 14.14 8.04
CA GLN H 55 -38.97 14.59 8.35
C GLN H 55 -37.97 14.13 7.29
N ASN H 56 -38.48 13.52 6.23
CA ASN H 56 -37.70 13.03 5.07
C ASN H 56 -36.69 11.93 5.38
N ARG H 57 -36.94 11.13 6.41
CA ARG H 57 -36.12 9.96 6.67
C ARG H 57 -36.81 8.65 6.24
N VAL H 58 -36.01 7.71 5.75
CA VAL H 58 -36.50 6.45 5.19
C VAL H 58 -37.10 5.56 6.27
N VAL H 59 -38.36 5.17 6.08
CA VAL H 59 -39.07 4.30 7.02
C VAL H 59 -39.19 2.89 6.44
N VAL H 60 -39.54 2.80 5.16
CA VAL H 60 -39.65 1.52 4.48
C VAL H 60 -38.98 1.60 3.10
N ALA H 61 -38.32 0.52 2.69
CA ALA H 61 -37.69 0.43 1.37
C ALA H 61 -37.96 -0.94 0.75
N MET H 62 -37.94 -0.99 -0.58
CA MET H 62 -38.14 -2.23 -1.32
C MET H 62 -37.20 -2.27 -2.51
N SER H 63 -36.51 -3.39 -2.66
CA SER H 63 -35.61 -3.62 -3.81
C SER H 63 -35.93 -4.97 -4.43
N VAL H 64 -36.01 -5.01 -5.75
CA VAL H 64 -36.55 -6.17 -6.47
C VAL H 64 -35.76 -6.48 -7.76
N VAL H 65 -35.52 -7.78 -8.01
CA VAL H 65 -34.91 -8.23 -9.26
C VAL H 65 -35.82 -9.18 -10.04
N LEU H 66 -35.60 -9.25 -11.35
CA LEU H 66 -36.25 -10.22 -12.21
C LEU H 66 -35.26 -11.36 -12.43
N ASN H 67 -35.61 -12.54 -11.93
CA ASN H 67 -34.75 -13.72 -12.07
C ASN H 67 -34.88 -14.35 -13.46
N ALA H 68 -33.96 -15.24 -13.80
CA ALA H 68 -33.88 -15.87 -15.12
C ALA H 68 -35.12 -16.69 -15.50
N ASP H 69 -35.77 -17.29 -14.50
CA ASP H 69 -36.99 -18.09 -14.71
C ASP H 69 -38.26 -17.24 -14.78
N GLY H 70 -38.14 -15.95 -14.48
CA GLY H 70 -39.27 -15.03 -14.56
C GLY H 70 -39.89 -14.67 -13.23
N VAL H 71 -39.37 -15.26 -12.14
CA VAL H 71 -39.86 -14.96 -10.80
C VAL H 71 -39.30 -13.62 -10.31
N VAL H 72 -40.17 -12.82 -9.69
CA VAL H 72 -39.80 -11.52 -9.15
C VAL H 72 -39.50 -11.66 -7.66
N SER H 73 -38.25 -11.36 -7.29
CA SER H 73 -37.82 -11.51 -5.90
C SER H 73 -36.92 -10.36 -5.44
N GLY H 74 -36.72 -10.26 -4.14
CA GLY H 74 -35.80 -9.28 -3.57
C GLY H 74 -35.98 -9.11 -2.08
N ASN H 75 -35.86 -7.87 -1.62
CA ASN H 75 -35.90 -7.55 -0.20
C ASN H 75 -36.74 -6.35 0.15
N LEU H 76 -37.43 -6.45 1.29
CA LEU H 76 -38.15 -5.36 1.90
C LEU H 76 -37.41 -4.94 3.17
N THR H 77 -37.18 -3.64 3.33
CA THR H 77 -36.56 -3.11 4.54
C THR H 77 -37.60 -2.45 5.43
N VAL H 78 -37.77 -2.99 6.63
CA VAL H 78 -38.76 -2.50 7.58
C VAL H 78 -38.04 -1.87 8.79
N PRO H 79 -38.77 -1.07 9.63
CA PRO H 79 -38.15 -0.44 10.80
C PRO H 79 -37.61 -1.40 11.87
N PHE H 80 -36.80 -0.85 12.77
CA PHE H 80 -36.35 -1.53 13.99
C PHE H 80 -37.52 -1.63 14.96
N GLY H 81 -37.44 -2.55 15.90
CA GLY H 81 -38.45 -2.66 16.96
C GLY H 81 -39.60 -3.58 16.61
N ILE H 82 -39.47 -4.28 15.48
CA ILE H 82 -40.51 -5.20 15.00
C ILE H 82 -40.27 -6.57 15.63
N LEU H 83 -41.34 -7.18 16.13
CA LEU H 83 -41.31 -8.54 16.65
C LEU H 83 -41.00 -9.54 15.55
N VAL H 84 -39.80 -10.10 15.67
CA VAL H 84 -39.17 -10.97 14.67
C VAL H 84 -39.81 -12.36 14.56
N SER H 85 -40.40 -12.84 15.66
CA SER H 85 -41.02 -14.17 15.70
C SER H 85 -42.41 -14.21 15.05
N LYS H 86 -43.03 -13.03 14.90
CA LYS H 86 -44.32 -12.90 14.23
C LYS H 86 -44.16 -12.42 12.78
N PRO H 87 -45.03 -12.88 11.86
CA PRO H 87 -44.80 -12.66 10.44
C PRO H 87 -45.06 -11.24 9.94
N VAL H 88 -44.51 -10.93 8.77
CA VAL H 88 -44.79 -9.69 8.06
C VAL H 88 -45.76 -10.02 6.93
N ARG H 89 -46.91 -9.37 6.94
CA ARG H 89 -47.98 -9.64 5.98
C ARG H 89 -47.99 -8.61 4.87
N LEU H 90 -48.00 -9.09 3.63
CA LEU H 90 -48.00 -8.22 2.45
C LEU H 90 -49.32 -8.37 1.69
N GLN H 91 -49.97 -7.25 1.42
CA GLN H 91 -51.26 -7.26 0.73
C GLN H 91 -51.34 -6.12 -0.29
N VAL H 92 -51.73 -6.44 -1.52
CA VAL H 92 -51.96 -5.41 -2.52
C VAL H 92 -53.35 -4.81 -2.29
N ASP H 93 -53.36 -3.53 -1.91
CA ASP H 93 -54.56 -2.77 -1.54
C ASP H 93 -55.43 -3.50 -0.52
N GLU H 94 -56.70 -3.74 -0.86
CA GLU H 94 -57.58 -4.56 -0.03
C GLU H 94 -58.03 -5.80 -0.80
N GLY H 95 -57.21 -6.22 -1.75
CA GLY H 95 -57.49 -7.37 -2.59
C GLY H 95 -57.11 -8.71 -1.99
N LYS H 96 -57.12 -9.74 -2.83
CA LYS H 96 -57.00 -11.13 -2.40
C LYS H 96 -55.56 -11.66 -2.43
N ALA H 97 -54.63 -10.82 -2.89
CA ALA H 97 -53.22 -11.18 -2.96
C ALA H 97 -52.51 -10.95 -1.62
N VAL H 98 -52.38 -12.02 -0.84
CA VAL H 98 -51.75 -11.96 0.48
C VAL H 98 -50.52 -12.88 0.59
N ILE H 99 -49.39 -12.30 0.96
CA ILE H 99 -48.16 -13.04 1.25
C ILE H 99 -47.81 -12.88 2.73
N GLU H 100 -47.42 -13.99 3.36
CA GLU H 100 -46.93 -13.92 4.73
C GLU H 100 -45.49 -14.44 4.78
N THR H 101 -44.58 -13.57 5.20
CA THR H 101 -43.16 -13.88 5.29
C THR H 101 -42.61 -13.28 6.59
N GLY H 102 -41.30 -13.35 6.81
CA GLY H 102 -40.71 -12.85 8.04
C GLY H 102 -39.35 -12.21 7.88
N ILE H 103 -38.87 -11.57 8.94
CA ILE H 103 -37.55 -10.92 8.96
C ILE H 103 -36.48 -12.00 9.00
N ARG H 104 -35.48 -11.86 8.12
CA ARG H 104 -34.34 -12.78 8.05
CA ARG H 104 -34.35 -12.78 8.05
C ARG H 104 -33.23 -12.32 8.99
N THR H 105 -32.97 -11.02 8.97
CA THR H 105 -31.93 -10.38 9.76
C THR H 105 -32.14 -8.86 9.79
N CYS H 106 -31.44 -8.19 10.70
CA CYS H 106 -31.43 -6.73 10.67
C CYS H 106 -30.01 -6.20 10.55
N VAL H 107 -29.88 -5.10 9.83
CA VAL H 107 -28.61 -4.42 9.58
C VAL H 107 -28.80 -2.96 10.03
N PRO H 108 -27.73 -2.12 10.02
CA PRO H 108 -27.92 -0.69 10.38
C PRO H 108 -29.05 0.05 9.63
N ALA H 109 -29.29 -0.31 8.37
CA ALA H 109 -30.37 0.31 7.58
C ALA H 109 -31.78 -0.09 8.01
N GLY H 110 -31.89 -1.19 8.75
CA GLY H 110 -33.18 -1.68 9.22
C GLY H 110 -33.27 -3.19 9.17
N CYS H 111 -34.49 -3.71 9.30
CA CYS H 111 -34.72 -5.15 9.29
C CYS H 111 -35.10 -5.66 7.89
N ILE H 112 -34.45 -6.74 7.46
CA ILE H 112 -34.56 -7.23 6.09
C ILE H 112 -35.57 -8.36 5.97
N VAL H 113 -36.58 -8.15 5.12
CA VAL H 113 -37.62 -9.14 4.86
C VAL H 113 -37.50 -9.64 3.40
N PRO H 114 -37.08 -10.90 3.20
CA PRO H 114 -37.01 -11.48 1.85
C PRO H 114 -38.40 -11.73 1.29
N ILE H 115 -38.57 -11.43 0.00
CA ILE H 115 -39.86 -11.54 -0.66
C ILE H 115 -39.71 -12.24 -2.01
N VAL H 116 -40.63 -13.16 -2.28
CA VAL H 116 -40.72 -13.84 -3.57
C VAL H 116 -42.16 -13.69 -4.06
N PHE H 117 -42.32 -13.16 -5.28
CA PHE H 117 -43.63 -12.98 -5.87
C PHE H 117 -43.88 -13.95 -7.03
N ASP H 118 -44.97 -14.70 -6.96
CA ASP H 118 -45.40 -15.56 -8.08
C ASP H 118 -46.11 -14.74 -9.17
N LYS H 119 -46.37 -15.37 -10.31
CA LYS H 119 -47.01 -14.73 -11.48
C LYS H 119 -48.31 -14.00 -11.14
N ASN H 120 -49.10 -14.62 -10.27
CA ASN H 120 -50.39 -14.07 -9.82
CA ASN H 120 -50.39 -14.07 -9.82
C ASN H 120 -50.22 -12.81 -8.97
N TYR H 121 -49.22 -12.82 -8.10
CA TYR H 121 -48.94 -11.68 -7.21
C TYR H 121 -48.33 -10.52 -7.97
N VAL H 122 -47.44 -10.84 -8.92
CA VAL H 122 -46.87 -9.85 -9.83
C VAL H 122 -47.96 -9.09 -10.60
N ALA H 123 -48.95 -9.83 -11.11
CA ALA H 123 -50.10 -9.25 -11.82
C ALA H 123 -50.93 -8.30 -10.95
N ALA H 124 -51.06 -8.64 -9.67
CA ALA H 124 -51.75 -7.80 -8.70
C ALA H 124 -50.96 -6.53 -8.39
N LEU H 125 -49.63 -6.66 -8.32
CA LEU H 125 -48.69 -5.54 -8.11
C LEU H 125 -48.75 -4.51 -9.24
N ARG H 126 -48.94 -4.98 -10.47
CA ARG H 126 -49.04 -4.11 -11.64
C ARG H 126 -50.35 -3.33 -11.67
N ALA H 127 -51.42 -3.94 -11.13
CA ALA H 127 -52.75 -3.34 -11.13
C ALA H 127 -53.03 -2.53 -9.87
N GLY H 128 -52.18 -2.71 -8.85
CA GLY H 128 -52.41 -2.11 -7.54
C GLY H 128 -51.89 -0.69 -7.37
N LYS H 129 -52.27 -0.07 -6.26
CA LYS H 129 -51.84 1.28 -5.90
C LYS H 129 -50.89 1.28 -4.71
N HIS H 130 -51.23 0.52 -3.68
CA HIS H 130 -50.42 0.40 -2.48
C HIS H 130 -50.13 -1.06 -2.15
N LEU H 131 -48.90 -1.35 -1.78
CA LEU H 131 -48.59 -2.63 -1.17
C LEU H 131 -48.56 -2.42 0.33
N LYS H 132 -49.62 -2.85 1.00
CA LYS H 132 -49.80 -2.64 2.43
C LYS H 132 -49.00 -3.66 3.24
N LEU H 133 -48.38 -3.18 4.32
CA LEU H 133 -47.60 -4.04 5.20
C LEU H 133 -48.27 -4.15 6.57
N ALA H 134 -48.17 -5.32 7.18
CA ALA H 134 -48.69 -5.55 8.51
C ALA H 134 -47.71 -6.36 9.34
N MET H 135 -47.35 -5.83 10.51
CA MET H 135 -46.38 -6.49 11.40
C MET H 135 -46.68 -6.19 12.87
N THR H 136 -45.91 -6.81 13.76
CA THR H 136 -46.09 -6.68 15.21
C THR H 136 -44.89 -5.96 15.82
N ILE H 137 -45.16 -4.96 16.65
CA ILE H 137 -44.12 -4.24 17.38
C ILE H 137 -43.69 -5.04 18.60
N ALA H 138 -42.37 -5.17 18.80
CA ALA H 138 -41.81 -5.80 19.99
C ALA H 138 -41.84 -4.81 21.16
N ALA H 139 -43.00 -4.73 21.80
CA ALA H 139 -43.26 -3.79 22.89
C ALA H 139 -44.24 -4.48 23.84
N PRO H 140 -44.33 -4.01 25.11
CA PRO H 140 -45.37 -4.54 26.01
C PRO H 140 -46.78 -4.42 25.42
N GLY H 141 -47.45 -5.56 25.34
CA GLY H 141 -48.79 -5.64 24.74
C GLY H 141 -48.77 -6.16 23.31
N GLU H 142 -47.59 -6.08 22.69
CA GLU H 142 -47.35 -6.44 21.28
C GLU H 142 -48.32 -5.80 20.27
N PRO H 143 -48.25 -4.45 20.13
CA PRO H 143 -49.20 -3.73 19.27
C PRO H 143 -48.93 -3.97 17.78
N PRO H 144 -49.98 -3.90 16.94
CA PRO H 144 -49.76 -4.04 15.50
C PRO H 144 -49.25 -2.74 14.87
N LEU H 145 -48.46 -2.89 13.80
CA LEU H 145 -48.06 -1.76 12.96
C LEU H 145 -48.62 -2.03 11.56
N ASN H 146 -49.64 -1.27 11.18
CA ASN H 146 -50.41 -1.54 9.95
C ASN H 146 -50.47 -0.39 8.96
N ASP H 147 -49.87 0.75 9.32
CA ASP H 147 -49.97 1.96 8.52
C ASP H 147 -48.85 2.15 7.49
N LEU H 148 -47.95 1.17 7.40
CA LEU H 148 -46.84 1.21 6.43
C LEU H 148 -47.22 0.57 5.11
N PHE H 149 -46.67 1.11 4.03
CA PHE H 149 -46.97 0.66 2.68
C PHE H 149 -45.84 1.00 1.72
N VAL H 150 -45.86 0.39 0.54
CA VAL H 150 -45.01 0.79 -0.57
C VAL H 150 -45.94 1.24 -1.69
N GLN H 151 -45.66 2.41 -2.26
CA GLN H 151 -46.48 2.94 -3.36
C GLN H 151 -46.10 2.27 -4.67
N LEU H 152 -47.12 1.87 -5.43
CA LEU H 152 -46.91 1.03 -6.61
C LEU H 152 -46.99 1.76 -7.94
N ASN H 153 -47.08 3.09 -7.89
CA ASN H 153 -47.13 3.89 -9.12
C ASN H 153 -45.82 3.79 -9.90
N GLY H 154 -45.91 3.18 -11.07
CA GLY H 154 -44.74 2.96 -11.92
C GLY H 154 -44.16 1.55 -11.86
N PHE H 155 -44.71 0.70 -11.00
CA PHE H 155 -44.26 -0.69 -10.84
C PHE H 155 -44.27 -1.45 -12.17
N SER H 156 -45.41 -1.39 -12.87
CA SER H 156 -45.63 -2.11 -14.12
C SER H 156 -44.63 -1.70 -15.20
N ASN H 157 -44.45 -0.39 -15.39
CA ASN H 157 -43.51 0.15 -16.37
C ASN H 157 -42.05 -0.14 -16.04
N ALA H 158 -41.70 -0.09 -14.76
CA ALA H 158 -40.35 -0.42 -14.31
C ALA H 158 -40.05 -1.90 -14.47
N LEU H 159 -41.06 -2.74 -14.26
CA LEU H 159 -40.91 -4.18 -14.47
C LEU H 159 -40.77 -4.54 -15.95
N ASN H 160 -41.50 -3.84 -16.81
CA ASN H 160 -41.38 -3.99 -18.26
C ASN H 160 -39.97 -3.66 -18.75
N ARG H 161 -39.37 -2.63 -18.15
CA ARG H 161 -37.99 -2.25 -18.45
C ARG H 161 -37.00 -3.32 -17.97
N LEU H 162 -37.27 -3.92 -16.83
CA LEU H 162 -36.47 -5.04 -16.31
C LEU H 162 -36.53 -6.28 -17.21
N ILE H 163 -37.69 -6.53 -17.79
CA ILE H 163 -37.88 -7.60 -18.77
C ILE H 163 -37.09 -7.29 -20.05
N ALA H 164 -37.18 -6.04 -20.50
CA ALA H 164 -36.45 -5.54 -21.67
C ALA H 164 -34.92 -5.56 -21.50
N LEU H 165 -34.46 -5.31 -20.27
CA LEU H 165 -33.02 -5.33 -19.96
C LEU H 165 -32.44 -6.75 -19.88
N GLN H 166 -33.30 -7.73 -19.62
CA GLN H 166 -32.91 -9.14 -19.62
C GLN H 166 -32.61 -9.64 -21.03
N LYS H 167 -33.41 -9.18 -21.99
CA LYS H 167 -33.24 -9.53 -23.40
C LYS H 167 -32.00 -8.88 -24.01
N GLU H 168 -31.63 -7.71 -23.51
CA GLU H 168 -30.38 -7.04 -23.89
C GLU H 168 -29.19 -7.76 -23.27
N SER I 24 -28.16 8.35 40.08
CA SER I 24 -28.06 6.93 39.75
C SER I 24 -26.60 6.54 39.59
N LEU I 25 -25.93 6.35 40.71
CA LEU I 25 -24.49 6.11 40.74
C LEU I 25 -24.13 4.69 40.35
N THR I 26 -23.08 4.53 39.55
CA THR I 26 -22.65 3.22 39.07
C THR I 26 -21.76 2.50 40.08
N GLU I 27 -22.20 1.31 40.50
CA GLU I 27 -21.38 0.43 41.34
C GLU I 27 -20.60 -0.52 40.46
N THR I 28 -19.41 -0.93 40.93
CA THR I 28 -18.53 -1.80 40.18
C THR I 28 -18.16 -3.02 41.01
N TYR I 29 -18.37 -4.20 40.43
CA TYR I 29 -18.02 -5.48 41.04
C TYR I 29 -17.26 -6.29 40.01
N GLY I 30 -15.94 -6.26 40.11
CA GLY I 30 -15.04 -6.87 39.13
C GLY I 30 -15.23 -6.21 37.78
N LEU I 31 -15.72 -7.00 36.82
CA LEU I 31 -16.03 -6.51 35.48
C LEU I 31 -17.49 -6.07 35.31
N TRP I 32 -18.31 -6.32 36.33
CA TRP I 32 -19.75 -6.03 36.25
C TRP I 32 -20.17 -4.71 36.91
N SER I 33 -21.17 -4.06 36.32
CA SER I 33 -21.66 -2.78 36.81
C SER I 33 -23.10 -2.88 37.29
N ILE I 34 -23.47 -2.03 38.23
CA ILE I 34 -24.85 -1.95 38.73
C ILE I 34 -25.36 -0.52 38.70
N ASN I 35 -26.52 -0.32 38.07
CA ASN I 35 -27.22 0.95 38.09
C ASN I 35 -28.68 0.77 38.54
N CYS I 36 -29.17 1.71 39.34
CA CYS I 36 -30.56 1.69 39.78
C CYS I 36 -31.31 2.90 39.25
N GLY I 37 -32.57 2.68 38.88
CA GLY I 37 -33.47 3.76 38.50
C GLY I 37 -34.80 3.64 39.21
N ILE I 38 -35.68 4.61 38.98
CA ILE I 38 -37.05 4.51 39.45
C ILE I 38 -37.97 4.44 38.23
N GLN I 39 -38.42 3.24 37.92
CA GLN I 39 -39.38 3.02 36.84
C GLN I 39 -40.74 2.71 37.42
N GLU I 40 -41.70 3.58 37.12
CA GLU I 40 -43.11 3.48 37.55
C GLU I 40 -43.26 3.43 39.09
N GLY I 41 -42.57 4.35 39.76
CA GLY I 41 -42.59 4.47 41.23
C GLY I 41 -42.10 3.25 41.97
N LYS I 42 -41.03 2.65 41.47
CA LYS I 42 -40.50 1.39 42.00
C LYS I 42 -39.00 1.33 41.79
N LYS I 43 -38.28 0.82 42.78
CA LYS I 43 -36.82 0.74 42.72
C LYS I 43 -36.39 -0.45 41.88
N VAL I 44 -35.94 -0.18 40.65
CA VAL I 44 -35.40 -1.22 39.78
C VAL I 44 -33.90 -1.04 39.59
N CYS I 45 -33.15 -2.08 39.93
CA CYS I 45 -31.70 -2.09 39.82
C CYS I 45 -31.27 -3.14 38.83
N PHE I 46 -30.38 -2.76 37.90
CA PHE I 46 -29.91 -3.69 36.89
C PHE I 46 -28.39 -3.89 36.89
N MET I 47 -28.01 -5.07 36.43
CA MET I 47 -26.66 -5.60 36.48
C MET I 47 -26.19 -5.72 35.03
N HIS I 48 -25.12 -5.03 34.66
CA HIS I 48 -24.72 -4.99 33.25
C HIS I 48 -23.21 -5.07 32.94
N ARG I 49 -22.92 -5.45 31.71
CA ARG I 49 -21.57 -5.67 31.21
C ARG I 49 -21.53 -5.52 29.69
N GLN I 50 -20.59 -4.71 29.18
CA GLN I 50 -20.33 -4.61 27.75
C GLN I 50 -18.98 -5.22 27.41
N GLU I 51 -18.91 -5.87 26.25
CA GLU I 51 -17.62 -6.32 25.72
C GLU I 51 -17.26 -5.55 24.46
N VAL I 52 -15.99 -5.16 24.36
CA VAL I 52 -15.48 -4.39 23.23
C VAL I 52 -14.40 -5.14 22.45
N ASN I 53 -14.17 -4.74 21.20
CA ASN I 53 -13.05 -5.25 20.41
C ASN I 53 -11.78 -4.40 20.60
N ASP I 54 -10.75 -4.67 19.80
CA ASP I 54 -9.50 -3.90 19.86
C ASP I 54 -9.62 -2.44 19.40
N GLN I 55 -10.68 -2.14 18.64
CA GLN I 55 -11.02 -0.77 18.22
C GLN I 55 -11.92 -0.08 19.25
N ASN I 56 -12.16 -0.75 20.38
CA ASN I 56 -12.94 -0.27 21.52
C ASN I 56 -14.43 0.02 21.24
N ARG I 57 -15.00 -0.68 20.26
CA ARG I 57 -16.44 -0.57 20.03
C ARG I 57 -17.19 -1.80 20.55
N VAL I 58 -18.41 -1.59 21.03
CA VAL I 58 -19.21 -2.61 21.68
C VAL I 58 -19.69 -3.66 20.67
N VAL I 59 -19.37 -4.92 20.95
CA VAL I 59 -19.74 -6.03 20.09
C VAL I 59 -20.88 -6.83 20.74
N VAL I 60 -20.79 -6.99 22.06
CA VAL I 60 -21.81 -7.71 22.82
CA VAL I 60 -21.77 -7.74 22.85
C VAL I 60 -22.05 -7.05 24.18
N ALA I 61 -23.33 -6.99 24.56
CA ALA I 61 -23.74 -6.43 25.85
C ALA I 61 -24.73 -7.36 26.56
N MET I 62 -24.74 -7.31 27.89
CA MET I 62 -25.67 -8.09 28.69
C MET I 62 -26.20 -7.22 29.84
N SER I 63 -27.52 -7.22 30.01
CA SER I 63 -28.15 -6.49 31.11
C SER I 63 -29.15 -7.41 31.81
N VAL I 64 -29.14 -7.38 33.14
CA VAL I 64 -29.83 -8.40 33.93
C VAL I 64 -30.49 -7.79 35.18
N VAL I 65 -31.72 -8.25 35.48
CA VAL I 65 -32.42 -7.91 36.72
C VAL I 65 -32.72 -9.16 37.55
N LEU I 66 -32.83 -8.98 38.87
CA LEU I 66 -33.21 -10.05 39.77
C LEU I 66 -34.71 -9.97 39.98
N ASN I 67 -35.42 -11.03 39.60
CA ASN I 67 -36.87 -11.08 39.76
C ASN I 67 -37.28 -11.45 41.18
N ALA I 68 -38.58 -11.41 41.44
CA ALA I 68 -39.16 -11.75 42.74
C ALA I 68 -38.88 -13.20 43.13
N ASP I 69 -38.99 -14.11 42.17
CA ASP I 69 -38.82 -15.55 42.40
C ASP I 69 -37.35 -16.05 42.42
N GLY I 70 -36.40 -15.12 42.54
CA GLY I 70 -34.98 -15.44 42.59
C GLY I 70 -34.37 -15.85 41.25
N VAL I 71 -35.17 -15.72 40.19
CA VAL I 71 -34.72 -16.03 38.84
C VAL I 71 -34.11 -14.79 38.21
N VAL I 72 -32.97 -14.98 37.55
CA VAL I 72 -32.25 -13.88 36.92
C VAL I 72 -32.61 -13.80 35.44
N SER I 73 -33.15 -12.65 35.04
CA SER I 73 -33.58 -12.43 33.66
C SER I 73 -33.12 -11.07 33.12
N GLY I 74 -33.15 -10.94 31.79
CA GLY I 74 -32.82 -9.68 31.14
C GLY I 74 -32.61 -9.83 29.66
N ASN I 75 -31.64 -9.07 29.13
CA ASN I 75 -31.38 -9.01 27.69
C ASN I 75 -29.92 -9.09 27.31
N LEU I 76 -29.64 -9.86 26.26
CA LEU I 76 -28.35 -9.91 25.62
C LEU I 76 -28.42 -9.15 24.30
N THR I 77 -27.47 -8.25 24.06
CA THR I 77 -27.39 -7.52 22.79
C THR I 77 -26.28 -8.11 21.93
N VAL I 78 -26.66 -8.61 20.76
CA VAL I 78 -25.71 -9.24 19.83
C VAL I 78 -25.57 -8.37 18.57
N PRO I 79 -24.53 -8.62 17.73
CA PRO I 79 -24.35 -7.82 16.50
C PRO I 79 -25.48 -7.92 15.46
N PHE I 80 -25.46 -7.00 14.51
CA PHE I 80 -26.29 -7.07 13.30
C PHE I 80 -25.80 -8.20 12.38
N GLY I 81 -26.65 -8.63 11.47
CA GLY I 81 -26.26 -9.62 10.46
C GLY I 81 -26.37 -11.05 10.93
N ILE I 82 -27.05 -11.26 12.05
CA ILE I 82 -27.25 -12.59 12.61
C ILE I 82 -28.56 -13.17 12.05
N LEU I 83 -28.50 -14.43 11.64
CA LEU I 83 -29.67 -15.17 11.17
C LEU I 83 -30.68 -15.37 12.29
N VAL I 84 -31.79 -14.65 12.15
CA VAL I 84 -32.82 -14.51 13.17
C VAL I 84 -33.66 -15.79 13.38
N SER I 85 -33.78 -16.60 12.33
CA SER I 85 -34.55 -17.84 12.37
C SER I 85 -33.83 -18.98 13.11
N LYS I 86 -32.50 -18.87 13.20
CA LYS I 86 -31.70 -19.87 13.90
C LYS I 86 -31.33 -19.40 15.32
N PRO I 87 -31.25 -20.33 16.29
CA PRO I 87 -31.14 -19.93 17.70
C PRO I 87 -29.79 -19.34 18.13
N VAL I 88 -29.81 -18.68 19.29
CA VAL I 88 -28.60 -18.20 19.95
C VAL I 88 -28.35 -19.12 21.15
N ARG I 89 -27.20 -19.80 21.13
CA ARG I 89 -26.82 -20.76 22.16
C ARG I 89 -25.95 -20.10 23.23
N LEU I 90 -26.32 -20.28 24.50
CA LEU I 90 -25.57 -19.77 25.63
C LEU I 90 -24.99 -20.92 26.45
N GLN I 91 -23.68 -20.87 26.71
CA GLN I 91 -23.01 -21.93 27.45
C GLN I 91 -21.97 -21.37 28.41
N VAL I 92 -22.03 -21.77 29.67
CA VAL I 92 -21.01 -21.41 30.65
C VAL I 92 -19.77 -22.30 30.47
N ASP I 93 -18.67 -21.67 30.02
CA ASP I 93 -17.38 -22.33 29.76
C ASP I 93 -17.49 -23.55 28.83
N GLU I 94 -16.95 -24.69 29.26
CA GLU I 94 -17.14 -25.97 28.57
C GLU I 94 -18.10 -26.87 29.37
N GLY I 95 -18.84 -26.25 30.29
CA GLY I 95 -19.76 -26.96 31.17
C GLY I 95 -21.04 -27.44 30.52
N LYS I 96 -21.92 -28.04 31.32
CA LYS I 96 -23.15 -28.65 30.82
C LYS I 96 -24.36 -27.73 30.95
N ALA I 97 -24.13 -26.51 31.42
CA ALA I 97 -25.19 -25.50 31.50
C ALA I 97 -25.40 -24.82 30.14
N VAL I 98 -26.38 -25.34 29.38
CA VAL I 98 -26.65 -24.85 28.02
C VAL I 98 -28.09 -24.33 27.89
N ILE I 99 -28.21 -23.07 27.47
CA ILE I 99 -29.49 -22.44 27.14
C ILE I 99 -29.55 -22.19 25.64
N GLU I 100 -30.71 -22.45 25.04
CA GLU I 100 -30.94 -22.08 23.65
C GLU I 100 -32.14 -21.15 23.56
N THR I 101 -31.91 -19.96 23.03
CA THR I 101 -32.95 -18.93 22.89
C THR I 101 -32.75 -18.23 21.54
N GLY I 102 -33.50 -17.16 21.29
CA GLY I 102 -33.39 -16.46 20.00
C GLY I 102 -33.57 -14.96 20.08
N ILE I 103 -33.31 -14.29 18.95
CA ILE I 103 -33.49 -12.85 18.82
C ILE I 103 -34.98 -12.52 18.81
N ARG I 104 -35.37 -11.54 19.57
CA ARG I 104 -36.74 -11.10 19.61
CA ARG I 104 -36.74 -11.08 19.70
C ARG I 104 -36.95 -9.92 18.71
N THR I 105 -35.97 -9.04 18.65
CA THR I 105 -36.00 -7.87 17.77
C THR I 105 -34.61 -7.28 17.64
N CYS I 106 -34.43 -6.33 16.73
CA CYS I 106 -33.21 -5.55 16.68
C CYS I 106 -33.51 -4.07 16.70
N VAL I 107 -32.63 -3.31 17.35
CA VAL I 107 -32.73 -1.86 17.54
C VAL I 107 -31.41 -1.27 17.02
N PRO I 108 -31.27 0.09 16.94
CA PRO I 108 -29.98 0.67 16.52
C PRO I 108 -28.73 0.20 17.28
N ALA I 109 -28.90 -0.19 18.55
CA ALA I 109 -27.79 -0.69 19.37
C ALA I 109 -27.37 -2.11 19.01
N GLY I 110 -28.25 -2.85 18.34
CA GLY I 110 -27.99 -4.24 17.95
C GLY I 110 -29.21 -5.12 18.08
N CYS I 111 -29.00 -6.43 18.05
CA CYS I 111 -30.10 -7.40 18.13
C CYS I 111 -30.31 -7.94 19.54
N ILE I 112 -31.56 -7.90 19.98
CA ILE I 112 -31.90 -8.17 21.38
C ILE I 112 -32.33 -9.63 21.59
N VAL I 113 -31.64 -10.30 22.51
CA VAL I 113 -31.90 -11.69 22.86
C VAL I 113 -32.35 -11.74 24.32
N PRO I 114 -33.64 -12.05 24.57
CA PRO I 114 -34.13 -12.23 25.94
C PRO I 114 -33.56 -13.49 26.57
N ILE I 115 -33.20 -13.38 27.85
CA ILE I 115 -32.58 -14.49 28.57
C ILE I 115 -33.25 -14.65 29.94
N VAL I 116 -33.46 -15.91 30.32
CA VAL I 116 -34.01 -16.25 31.64
C VAL I 116 -33.13 -17.36 32.20
N PHE I 117 -32.60 -17.13 33.40
CA PHE I 117 -31.74 -18.13 34.05
C PHE I 117 -32.42 -18.76 35.26
N ASP I 118 -32.46 -20.09 35.29
CA ASP I 118 -32.96 -20.82 36.45
C ASP I 118 -31.88 -20.92 37.55
N LYS I 119 -32.26 -21.43 38.72
CA LYS I 119 -31.38 -21.53 39.90
C LYS I 119 -30.07 -22.27 39.60
N ASN I 120 -30.16 -23.29 38.76
CA ASN I 120 -29.02 -24.12 38.38
C ASN I 120 -28.06 -23.39 37.44
N TYR I 121 -28.61 -22.60 36.54
CA TYR I 121 -27.81 -21.82 35.58
C TYR I 121 -27.13 -20.63 36.26
N VAL I 122 -27.85 -20.01 37.19
CA VAL I 122 -27.33 -18.92 38.03
C VAL I 122 -26.10 -19.39 38.83
N ALA I 123 -26.19 -20.59 39.37
CA ALA I 123 -25.08 -21.20 40.12
C ALA I 123 -23.86 -21.47 39.23
N ALA I 124 -24.10 -21.81 37.96
CA ALA I 124 -23.04 -22.03 36.98
C ALA I 124 -22.37 -20.70 36.57
N LEU I 125 -23.19 -19.66 36.45
CA LEU I 125 -22.75 -18.29 36.17
C LEU I 125 -21.83 -17.75 37.27
N ARG I 126 -22.16 -18.09 38.52
CA ARG I 126 -21.37 -17.73 39.70
C ARG I 126 -20.00 -18.39 39.73
N ALA I 127 -19.92 -19.62 39.23
CA ALA I 127 -18.68 -20.39 39.26
C ALA I 127 -17.89 -20.29 37.96
N GLY I 128 -18.50 -19.68 36.94
CA GLY I 128 -17.91 -19.64 35.60
C GLY I 128 -16.96 -18.48 35.34
N LYS I 129 -16.23 -18.58 34.23
CA LYS I 129 -15.33 -17.51 33.79
C LYS I 129 -15.87 -16.79 32.57
N HIS I 130 -16.34 -17.54 31.60
CA HIS I 130 -16.97 -17.01 30.41
C HIS I 130 -18.34 -17.55 30.17
N LEU I 131 -19.21 -16.70 29.69
CA LEU I 131 -20.47 -17.14 29.12
C LEU I 131 -20.33 -17.10 27.60
N LYS I 132 -20.14 -18.27 27.01
CA LYS I 132 -19.89 -18.40 25.59
C LYS I 132 -21.18 -18.30 24.79
N LEU I 133 -21.11 -17.57 23.67
CA LEU I 133 -22.25 -17.43 22.77
C LEU I 133 -21.99 -18.13 21.45
N ALA I 134 -23.03 -18.75 20.90
CA ALA I 134 -22.96 -19.35 19.57
C ALA I 134 -24.19 -18.96 18.77
N MET I 135 -23.97 -18.47 17.54
CA MET I 135 -25.05 -18.05 16.65
C MET I 135 -24.67 -18.24 15.18
N THR I 136 -25.63 -17.97 14.29
CA THR I 136 -25.46 -18.15 12.85
C THR I 136 -25.49 -16.80 12.13
N ILE I 137 -24.50 -16.56 11.28
CA ILE I 137 -24.46 -15.35 10.46
C ILE I 137 -25.39 -15.49 9.25
N ALA I 138 -26.20 -14.46 8.99
CA ALA I 138 -27.04 -14.40 7.80
C ALA I 138 -26.20 -13.98 6.59
N ALA I 139 -25.55 -14.97 5.98
CA ALA I 139 -24.62 -14.76 4.87
C ALA I 139 -24.67 -16.02 4.00
N PRO I 140 -24.23 -15.94 2.73
CA PRO I 140 -24.12 -17.14 1.90
C PRO I 140 -23.28 -18.25 2.55
N GLY I 141 -23.89 -19.41 2.74
CA GLY I 141 -23.25 -20.54 3.41
C GLY I 141 -23.67 -20.69 4.85
N GLU I 142 -24.23 -19.60 5.41
CA GLU I 142 -24.64 -19.50 6.83
C GLU I 142 -23.56 -19.91 7.84
N PRO I 143 -22.46 -19.13 7.92
CA PRO I 143 -21.34 -19.50 8.78
C PRO I 143 -21.65 -19.29 10.27
N PRO I 144 -21.02 -20.09 11.15
CA PRO I 144 -21.23 -19.86 12.58
C PRO I 144 -20.40 -18.70 13.12
N LEU I 145 -20.91 -18.08 14.18
CA LEU I 145 -20.16 -17.09 14.95
C LEU I 145 -20.09 -17.61 16.39
N ASN I 146 -18.90 -18.06 16.78
CA ASN I 146 -18.71 -18.78 18.05
C ASN I 146 -17.69 -18.13 18.99
N ASP I 147 -17.04 -17.08 18.54
CA ASP I 147 -15.94 -16.45 19.29
C ASP I 147 -16.38 -15.34 20.27
N LEU I 148 -17.69 -15.11 20.36
CA LEU I 148 -18.23 -14.08 21.25
C LEU I 148 -18.58 -14.65 22.63
N PHE I 149 -18.37 -13.84 23.65
CA PHE I 149 -18.57 -14.24 25.04
C PHE I 149 -18.88 -13.03 25.93
N VAL I 150 -19.41 -13.31 27.12
CA VAL I 150 -19.51 -12.31 28.18
C VAL I 150 -18.61 -12.79 29.32
N GLN I 151 -17.77 -11.89 29.84
CA GLN I 151 -16.86 -12.23 30.93
C GLN I 151 -17.62 -12.18 32.25
N LEU I 152 -17.38 -13.19 33.08
CA LEU I 152 -18.17 -13.38 34.30
C LEU I 152 -17.48 -12.96 35.60
N ASN I 153 -16.28 -12.38 35.51
CA ASN I 153 -15.57 -11.89 36.69
C ASN I 153 -16.34 -10.78 37.42
N GLY I 154 -16.80 -11.11 38.62
CA GLY I 154 -17.59 -10.19 39.42
C GLY I 154 -19.09 -10.42 39.37
N PHE I 155 -19.53 -11.42 38.60
CA PHE I 155 -20.96 -11.76 38.48
C PHE I 155 -21.57 -12.10 39.83
N SER I 156 -20.90 -12.98 40.57
CA SER I 156 -21.34 -13.45 41.88
C SER I 156 -21.54 -12.31 42.86
N ASN I 157 -20.52 -11.45 42.99
CA ASN I 157 -20.55 -10.31 43.91
C ASN I 157 -21.58 -9.25 43.53
N ALA I 158 -21.73 -9.01 42.23
CA ALA I 158 -22.75 -8.11 41.71
C ALA I 158 -24.17 -8.65 41.96
N LEU I 159 -24.34 -9.96 41.84
CA LEU I 159 -25.63 -10.60 42.11
C LEU I 159 -25.99 -10.56 43.59
N ASN I 160 -24.99 -10.80 44.45
CA ASN I 160 -25.15 -10.65 45.90
C ASN I 160 -25.60 -9.25 46.31
N ARG I 161 -25.07 -8.24 45.63
CA ARG I 161 -25.47 -6.85 45.83
C ARG I 161 -26.92 -6.59 45.37
N LEU I 162 -27.32 -7.26 44.29
CA LEU I 162 -28.67 -7.15 43.74
C LEU I 162 -29.70 -7.78 44.70
N ILE I 163 -29.31 -8.89 45.33
CA ILE I 163 -30.10 -9.54 46.38
C ILE I 163 -30.24 -8.62 47.60
N ALA I 164 -29.12 -7.99 48.00
CA ALA I 164 -29.09 -7.04 49.12
C ALA I 164 -29.91 -5.78 48.89
N LEU I 165 -29.97 -5.33 47.63
CA LEU I 165 -30.75 -4.15 47.26
C LEU I 165 -32.26 -4.42 47.21
N GLN I 166 -32.63 -5.69 47.02
CA GLN I 166 -34.03 -6.12 47.07
C GLN I 166 -34.60 -6.04 48.49
N LYS I 167 -33.78 -6.42 49.46
CA LYS I 167 -34.14 -6.38 50.87
C LYS I 167 -34.25 -4.94 51.40
N GLU I 168 -33.46 -4.03 50.81
CA GLU I 168 -33.55 -2.61 51.12
C GLU I 168 -34.80 -2.00 50.49
N SER J 24 -12.59 -10.20 17.45
CA SER J 24 -11.41 -10.12 18.36
C SER J 24 -11.77 -9.40 19.67
N LEU J 25 -12.48 -10.12 20.54
CA LEU J 25 -12.98 -9.58 21.79
C LEU J 25 -11.88 -9.46 22.85
N THR J 26 -11.85 -8.32 23.54
CA THR J 26 -10.87 -8.06 24.59
C THR J 26 -11.24 -8.76 25.90
N GLU J 27 -10.32 -9.58 26.42
CA GLU J 27 -10.47 -10.19 27.73
C GLU J 27 -9.69 -9.38 28.75
N THR J 28 -10.19 -9.30 29.97
CA THR J 28 -9.59 -8.50 31.02
C THR J 28 -9.24 -9.37 32.24
N TYR J 29 -7.98 -9.29 32.66
CA TYR J 29 -7.49 -9.99 33.84
C TYR J 29 -6.75 -8.98 34.71
N GLY J 30 -7.44 -8.48 35.73
CA GLY J 30 -6.94 -7.39 36.55
C GLY J 30 -6.73 -6.13 35.74
N LEU J 31 -5.46 -5.76 35.60
CA LEU J 31 -5.06 -4.58 34.83
C LEU J 31 -4.59 -4.97 33.42
N TRP J 32 -4.46 -6.29 33.18
CA TRP J 32 -3.98 -6.80 31.90
C TRP J 32 -5.10 -7.20 30.93
N SER J 33 -4.83 -7.00 29.64
CA SER J 33 -5.80 -7.28 28.58
C SER J 33 -5.26 -8.36 27.64
N ILE J 34 -6.17 -9.12 27.04
CA ILE J 34 -5.82 -10.13 26.04
C ILE J 34 -6.65 -9.96 24.77
N ASN J 35 -5.96 -9.87 23.63
CA ASN J 35 -6.59 -9.88 22.31
C ASN J 35 -5.97 -10.95 21.43
N CYS J 36 -6.79 -11.60 20.60
CA CYS J 36 -6.31 -12.60 19.65
C CYS J 36 -6.57 -12.19 18.22
N GLY J 37 -5.66 -12.57 17.32
CA GLY J 37 -5.79 -12.30 15.90
C GLY J 37 -5.13 -13.36 15.03
N ILE J 38 -5.39 -13.30 13.74
CA ILE J 38 -4.79 -14.23 12.77
C ILE J 38 -3.56 -13.59 12.13
N GLN J 39 -2.46 -14.32 12.24
CA GLN J 39 -1.18 -13.89 11.78
C GLN J 39 -0.36 -15.06 11.24
N GLU J 40 -0.06 -15.05 9.95
CA GLU J 40 0.56 -16.17 9.25
C GLU J 40 -0.27 -17.45 9.32
N GLY J 41 -1.50 -17.36 8.87
CA GLY J 41 -2.53 -18.26 9.33
C GLY J 41 -2.26 -19.23 10.46
N LYS J 42 -1.71 -18.78 11.57
CA LYS J 42 -2.11 -19.27 12.90
C LYS J 42 -2.79 -18.24 13.77
N LYS J 43 -3.57 -18.69 14.73
CA LYS J 43 -4.24 -17.77 15.65
C LYS J 43 -3.27 -17.39 16.77
N VAL J 44 -2.89 -16.10 16.80
CA VAL J 44 -1.94 -15.60 17.79
C VAL J 44 -2.64 -14.71 18.82
N CYS J 45 -2.41 -15.01 20.09
CA CYS J 45 -3.01 -14.27 21.19
C CYS J 45 -1.95 -13.51 21.97
N PHE J 46 -2.22 -12.24 22.24
CA PHE J 46 -1.26 -11.40 22.97
C PHE J 46 -1.82 -10.77 24.24
N MET J 47 -0.90 -10.52 25.16
CA MET J 47 -1.17 -10.08 26.51
C MET J 47 -0.63 -8.67 26.55
N HIS J 48 -1.44 -7.70 26.99
CA HIS J 48 -1.01 -6.30 26.93
C HIS J 48 -1.52 -5.38 28.04
N ARG J 49 -0.73 -4.32 28.28
CA ARG J 49 -0.99 -3.34 29.33
C ARG J 49 -0.43 -1.98 28.91
N GLN J 50 -1.23 -0.93 29.08
CA GLN J 50 -0.77 0.45 28.90
C GLN J 50 -0.80 1.19 30.23
N GLU J 51 0.19 2.05 30.46
CA GLU J 51 0.18 2.96 31.59
C GLU J 51 0.04 4.41 31.13
N VAL J 52 -0.81 5.16 31.81
CA VAL J 52 -1.10 6.55 31.47
C VAL J 52 -0.69 7.51 32.60
N ASN J 53 -0.54 8.79 32.27
CA ASN J 53 -0.31 9.82 33.27
C ASN J 53 -1.61 10.45 33.78
N ASP J 54 -1.52 11.55 34.51
CA ASP J 54 -2.71 12.25 35.00
C ASP J 54 -3.50 12.96 33.90
N GLN J 55 -2.86 13.17 32.75
CA GLN J 55 -3.49 13.75 31.56
C GLN J 55 -4.13 12.70 30.67
N ASN J 56 -4.06 11.44 31.12
CA ASN J 56 -4.65 10.27 30.44
C ASN J 56 -4.00 9.90 29.10
N ARG J 57 -2.73 10.27 28.92
CA ARG J 57 -2.01 9.86 27.72
C ARG J 57 -0.98 8.77 28.02
N VAL J 58 -0.83 7.84 27.08
CA VAL J 58 0.04 6.67 27.25
C VAL J 58 1.51 7.07 27.30
N VAL J 59 2.19 6.65 28.36
CA VAL J 59 3.62 6.93 28.56
C VAL J 59 4.43 5.66 28.30
N VAL J 60 3.93 4.54 28.80
CA VAL J 60 4.59 3.25 28.63
C VAL J 60 3.56 2.15 28.32
N ALA J 61 3.93 1.21 27.45
CA ALA J 61 3.08 0.10 27.07
C ALA J 61 3.89 -1.19 26.99
N MET J 62 3.23 -2.32 27.22
CA MET J 62 3.88 -3.62 27.13
C MET J 62 2.94 -4.61 26.44
N SER J 63 3.46 -5.32 25.43
CA SER J 63 2.72 -6.37 24.74
C SER J 63 3.56 -7.64 24.72
N VAL J 64 2.92 -8.78 24.99
CA VAL J 64 3.64 -10.03 25.26
C VAL J 64 2.91 -11.25 24.67
N VAL J 65 3.68 -12.15 24.06
CA VAL J 65 3.14 -13.45 23.59
C VAL J 65 3.81 -14.63 24.32
N LEU J 66 3.08 -15.73 24.42
CA LEU J 66 3.65 -17.00 24.89
C LEU J 66 4.07 -17.79 23.65
N ASN J 67 5.36 -18.11 23.57
CA ASN J 67 5.89 -18.87 22.45
C ASN J 67 5.62 -20.36 22.58
N ALA J 68 5.73 -21.07 21.45
CA ALA J 68 5.47 -22.51 21.38
C ALA J 68 6.40 -23.35 22.25
N ASP J 69 7.62 -22.86 22.46
CA ASP J 69 8.61 -23.50 23.33
C ASP J 69 8.46 -23.11 24.81
N GLY J 70 7.40 -22.37 25.14
CA GLY J 70 7.07 -22.04 26.52
C GLY J 70 7.79 -20.80 27.08
N VAL J 71 8.44 -20.05 26.21
CA VAL J 71 9.15 -18.83 26.60
C VAL J 71 8.24 -17.60 26.38
N VAL J 72 8.41 -16.58 27.21
CA VAL J 72 7.57 -15.39 27.13
C VAL J 72 8.34 -14.20 26.55
N SER J 73 7.86 -13.72 25.40
CA SER J 73 8.51 -12.62 24.70
C SER J 73 7.52 -11.58 24.18
N GLY J 74 8.05 -10.43 23.78
CA GLY J 74 7.24 -9.37 23.18
C GLY J 74 7.94 -8.03 23.11
N ASN J 75 7.17 -6.96 23.28
CA ASN J 75 7.67 -5.60 23.14
C ASN J 75 7.25 -4.64 24.25
N LEU J 76 8.18 -3.80 24.65
CA LEU J 76 7.92 -2.69 25.56
C LEU J 76 7.98 -1.39 24.76
N THR J 77 6.97 -0.53 24.92
CA THR J 77 6.95 0.78 24.27
C THR J 77 7.28 1.84 25.30
N VAL J 78 8.39 2.56 25.07
CA VAL J 78 8.84 3.61 25.98
C VAL J 78 8.68 4.99 25.30
N PRO J 79 8.80 6.10 26.07
CA PRO J 79 8.65 7.43 25.44
C PRO J 79 9.74 7.82 24.44
N PHE J 80 9.48 8.87 23.68
CA PHE J 80 10.48 9.51 22.85
C PHE J 80 11.49 10.24 23.73
N GLY J 81 12.67 10.52 23.18
CA GLY J 81 13.68 11.32 23.87
C GLY J 81 14.62 10.50 24.73
N ILE J 82 14.56 9.18 24.57
CA ILE J 82 15.40 8.27 25.34
C ILE J 82 16.69 8.02 24.57
N LEU J 83 17.81 8.10 25.29
CA LEU J 83 19.13 7.80 24.74
C LEU J 83 19.24 6.34 24.30
N VAL J 84 19.27 6.17 22.98
CA VAL J 84 19.20 4.87 22.32
C VAL J 84 20.46 3.99 22.49
N SER J 85 21.61 4.63 22.70
CA SER J 85 22.88 3.93 22.87
C SER J 85 23.06 3.30 24.26
N LYS J 86 22.33 3.84 25.24
CA LYS J 86 22.37 3.32 26.62
C LYS J 86 21.18 2.38 26.87
N PRO J 87 21.38 1.34 27.72
CA PRO J 87 20.38 0.28 27.85
C PRO J 87 19.12 0.67 28.63
N VAL J 88 18.07 -0.13 28.44
CA VAL J 88 16.85 -0.05 29.23
C VAL J 88 16.88 -1.21 30.22
N ARG J 89 16.85 -0.88 31.51
CA ARG J 89 16.94 -1.87 32.58
CA ARG J 89 16.93 -1.89 32.56
C ARG J 89 15.55 -2.22 33.11
N LEU J 90 15.25 -3.51 33.19
CA LEU J 90 13.96 -4.02 33.68
C LEU J 90 14.15 -4.78 34.98
N GLN J 91 13.41 -4.39 36.01
CA GLN J 91 13.53 -5.02 37.32
C GLN J 91 12.17 -5.21 37.98
N VAL J 92 11.90 -6.43 38.42
CA VAL J 92 10.70 -6.72 39.20
C VAL J 92 10.93 -6.27 40.64
N ASP J 93 10.25 -5.18 41.02
CA ASP J 93 10.32 -4.58 42.36
C ASP J 93 11.75 -4.30 42.84
N GLU J 94 12.15 -4.93 43.95
CA GLU J 94 13.48 -4.76 44.54
C GLU J 94 14.29 -6.06 44.52
N GLY J 95 13.78 -7.06 43.81
CA GLY J 95 14.42 -8.38 43.76
C GLY J 95 15.61 -8.46 42.83
N LYS J 96 16.11 -9.68 42.63
CA LYS J 96 17.29 -9.92 41.83
C LYS J 96 16.94 -10.36 40.42
N ALA J 97 15.69 -10.14 40.04
CA ALA J 97 15.25 -10.30 38.65
C ALA J 97 15.53 -9.03 37.86
N VAL J 98 16.71 -8.97 37.22
CA VAL J 98 17.13 -7.82 36.44
C VAL J 98 17.47 -8.22 34.99
N ILE J 99 16.82 -7.56 34.04
CA ILE J 99 17.10 -7.70 32.62
C ILE J 99 17.62 -6.37 32.09
N GLU J 100 18.67 -6.43 31.27
CA GLU J 100 19.15 -5.26 30.57
C GLU J 100 19.06 -5.48 29.06
N THR J 101 18.32 -4.59 28.40
CA THR J 101 18.08 -4.67 26.95
C THR J 101 18.07 -3.25 26.38
N GLY J 102 17.80 -3.10 25.09
CA GLY J 102 17.84 -1.78 24.47
C GLY J 102 16.74 -1.51 23.45
N ILE J 103 16.62 -0.26 23.03
CA ILE J 103 15.68 0.14 21.99
C ILE J 103 16.15 -0.42 20.64
N ARG J 104 15.23 -1.04 19.90
CA ARG J 104 15.52 -1.56 18.57
C ARG J 104 15.19 -0.52 17.49
N THR J 105 14.08 0.19 17.69
CA THR J 105 13.61 1.22 16.76
C THR J 105 12.56 2.10 17.43
N CYS J 106 12.23 3.22 16.80
CA CYS J 106 11.08 3.99 17.25
C CYS J 106 10.09 4.21 16.11
N VAL J 107 8.82 4.24 16.49
CA VAL J 107 7.69 4.42 15.56
C VAL J 107 6.87 5.62 16.09
N PRO J 108 5.83 6.07 15.37
CA PRO J 108 4.99 7.16 15.91
C PRO J 108 4.41 6.95 17.31
N ALA J 109 4.18 5.69 17.69
CA ALA J 109 3.68 5.34 19.03
C ALA J 109 4.74 5.44 20.14
N GLY J 110 6.01 5.49 19.75
CA GLY J 110 7.10 5.59 20.71
C GLY J 110 8.26 4.68 20.35
N CYS J 111 9.17 4.49 21.29
CA CYS J 111 10.35 3.66 21.09
C CYS J 111 10.16 2.22 21.55
N ILE J 112 10.55 1.28 20.67
CA ILE J 112 10.26 -0.14 20.88
C ILE J 112 11.45 -0.87 21.48
N VAL J 113 11.21 -1.50 22.63
CA VAL J 113 12.22 -2.30 23.33
C VAL J 113 11.78 -3.76 23.33
N PRO J 114 12.50 -4.64 22.59
CA PRO J 114 12.20 -6.07 22.60
C PRO J 114 12.58 -6.70 23.93
N ILE J 115 11.76 -7.63 24.39
CA ILE J 115 11.95 -8.26 25.69
C ILE J 115 11.72 -9.77 25.61
N VAL J 116 12.62 -10.53 26.24
CA VAL J 116 12.49 -11.98 26.33
C VAL J 116 12.64 -12.35 27.81
N PHE J 117 11.65 -13.07 28.33
CA PHE J 117 11.67 -13.49 29.73
C PHE J 117 11.90 -15.00 29.86
N ASP J 118 12.90 -15.39 30.64
CA ASP J 118 13.13 -16.81 30.96
C ASP J 118 12.17 -17.27 32.06
N LYS J 119 12.18 -18.58 32.33
CA LYS J 119 11.31 -19.24 33.33
C LYS J 119 11.39 -18.61 34.73
N ASN J 120 12.60 -18.17 35.12
CA ASN J 120 12.83 -17.56 36.42
C ASN J 120 12.28 -16.14 36.50
N TYR J 121 12.38 -15.39 35.40
CA TYR J 121 11.89 -14.02 35.33
C TYR J 121 10.36 -14.00 35.26
N VAL J 122 9.79 -14.95 34.52
CA VAL J 122 8.34 -15.15 34.45
C VAL J 122 7.74 -15.41 35.83
N ALA J 123 8.40 -16.25 36.62
CA ALA J 123 7.98 -16.55 38.00
C ALA J 123 8.02 -15.33 38.91
N ALA J 124 9.00 -14.45 38.67
CA ALA J 124 9.12 -13.19 39.41
C ALA J 124 8.02 -12.20 39.01
N LEU J 125 7.69 -12.19 37.72
CA LEU J 125 6.59 -11.38 37.15
C LEU J 125 5.24 -11.75 37.76
N ARG J 126 5.03 -13.05 37.96
CA ARG J 126 3.82 -13.60 38.57
C ARG J 126 3.64 -13.15 40.03
N ALA J 127 4.75 -13.06 40.76
CA ALA J 127 4.73 -12.73 42.18
C ALA J 127 4.91 -11.23 42.44
N GLY J 128 5.24 -10.47 41.39
CA GLY J 128 5.56 -9.05 41.54
C GLY J 128 4.37 -8.12 41.51
N LYS J 129 4.63 -6.86 41.83
CA LYS J 129 3.63 -5.80 41.78
C LYS J 129 3.90 -4.80 40.67
N HIS J 130 5.15 -4.42 40.54
CA HIS J 130 5.58 -3.46 39.53
C HIS J 130 6.76 -3.97 38.80
N LEU J 131 6.77 -3.77 37.51
CA LEU J 131 7.97 -3.97 36.69
C LEU J 131 8.59 -2.61 36.47
N LYS J 132 9.72 -2.35 37.10
CA LYS J 132 10.30 -1.04 37.14
C LYS J 132 11.21 -0.86 35.96
N LEU J 133 11.14 0.31 35.32
CA LEU J 133 12.00 0.60 34.18
C LEU J 133 13.01 1.69 34.51
N ALA J 134 14.23 1.51 34.00
CA ALA J 134 15.29 2.50 34.13
C ALA J 134 15.97 2.74 32.79
N MET J 135 16.05 4.02 32.41
CA MET J 135 16.68 4.41 31.14
C MET J 135 17.34 5.79 31.23
N THR J 136 18.00 6.21 30.15
CA THR J 136 18.71 7.48 30.11
C THR J 136 18.06 8.42 29.09
N ILE J 137 17.80 9.65 29.51
CA ILE J 137 17.25 10.68 28.62
C ILE J 137 18.36 11.27 27.73
N ALA J 138 18.07 11.41 26.44
CA ALA J 138 18.99 12.07 25.50
C ALA J 138 18.84 13.59 25.63
N ALA J 139 19.58 14.14 26.58
CA ALA J 139 19.50 15.55 26.93
C ALA J 139 20.87 15.95 27.50
N PRO J 140 21.19 17.26 27.52
CA PRO J 140 22.44 17.71 28.16
C PRO J 140 22.58 17.24 29.62
N GLY J 141 23.65 16.52 29.90
CA GLY J 141 23.90 15.94 31.22
C GLY J 141 23.55 14.46 31.28
N GLU J 142 22.72 14.03 30.33
CA GLU J 142 22.18 12.66 30.24
C GLU J 142 21.50 12.17 31.54
N PRO J 143 20.35 12.77 31.89
CA PRO J 143 19.68 12.44 33.16
C PRO J 143 18.99 11.07 33.12
N PRO J 144 18.92 10.37 34.27
CA PRO J 144 18.17 9.11 34.28
C PRO J 144 16.66 9.31 34.34
N LEU J 145 15.92 8.36 33.77
CA LEU J 145 14.48 8.30 33.92
C LEU J 145 14.17 6.98 34.62
N ASN J 146 13.77 7.07 35.88
CA ASN J 146 13.60 5.89 36.73
C ASN J 146 12.20 5.70 37.32
N ASP J 147 11.30 6.64 37.05
CA ASP J 147 9.96 6.63 37.66
C ASP J 147 8.88 5.90 36.85
N LEU J 148 9.28 5.27 35.74
CA LEU J 148 8.34 4.54 34.89
C LEU J 148 8.29 3.06 35.27
N PHE J 149 7.09 2.49 35.15
CA PHE J 149 6.85 1.10 35.53
C PHE J 149 5.70 0.50 34.72
N VAL J 150 5.56 -0.83 34.80
CA VAL J 150 4.37 -1.52 34.31
C VAL J 150 3.77 -2.23 35.51
N GLN J 151 2.48 -2.00 35.75
CA GLN J 151 1.77 -2.63 36.86
C GLN J 151 1.44 -4.09 36.52
N LEU J 152 1.71 -4.97 37.47
CA LEU J 152 1.66 -6.42 37.23
C LEU J 152 0.42 -7.12 37.79
N ASN J 153 -0.55 -6.35 38.29
CA ASN J 153 -1.79 -6.92 38.80
C ASN J 153 -2.62 -7.59 37.71
N GLY J 154 -2.67 -8.91 37.77
CA GLY J 154 -3.41 -9.70 36.80
C GLY J 154 -2.53 -10.40 35.79
N PHE J 155 -1.22 -10.20 35.89
CA PHE J 155 -0.23 -10.83 35.00
C PHE J 155 -0.32 -12.35 35.03
N SER J 156 -0.32 -12.90 36.26
CA SER J 156 -0.35 -14.35 36.47
CA SER J 156 -0.34 -14.35 36.45
C SER J 156 -1.59 -15.01 35.85
N ASN J 157 -2.76 -14.43 36.12
CA ASN J 157 -4.03 -14.94 35.58
C ASN J 157 -4.17 -14.80 34.06
N ALA J 158 -3.65 -13.71 33.52
CA ALA J 158 -3.64 -13.48 32.08
C ALA J 158 -2.67 -14.43 31.37
N LEU J 159 -1.53 -14.71 32.00
CA LEU J 159 -0.58 -15.70 31.47
C LEU J 159 -1.13 -17.13 31.51
N ASN J 160 -1.85 -17.46 32.58
CA ASN J 160 -2.58 -18.73 32.68
C ASN J 160 -3.60 -18.91 31.56
N ARG J 161 -4.28 -17.83 31.20
CA ARG J 161 -5.22 -17.82 30.08
C ARG J 161 -4.53 -18.01 28.72
N LEU J 162 -3.34 -17.41 28.57
CA LEU J 162 -2.51 -17.58 27.39
C LEU J 162 -2.02 -19.03 27.21
N ILE J 163 -1.65 -19.66 28.33
CA ILE J 163 -1.31 -21.09 28.35
C ILE J 163 -2.52 -21.94 27.92
N ALA J 164 -3.69 -21.60 28.47
CA ALA J 164 -4.95 -22.29 28.16
C ALA J 164 -5.38 -22.14 26.70
N LEU J 165 -5.11 -20.98 26.10
CA LEU J 165 -5.44 -20.71 24.70
C LEU J 165 -4.51 -21.42 23.71
N GLN J 166 -3.29 -21.75 24.16
CA GLN J 166 -2.35 -22.55 23.38
C GLN J 166 -2.80 -23.99 23.22
N LYS J 167 -3.38 -24.54 24.29
CA LYS J 167 -3.91 -25.91 24.29
C LYS J 167 -5.17 -26.04 23.44
N GLU J 168 -5.95 -24.97 23.37
CA GLU J 168 -7.12 -24.90 22.50
C GLU J 168 -6.68 -24.75 21.04
N SER K 24 -38.11 33.47 -11.14
CA SER K 24 -37.82 32.41 -12.13
C SER K 24 -38.23 31.03 -11.60
N LEU K 25 -39.54 30.79 -11.60
CA LEU K 25 -40.11 29.57 -11.04
C LEU K 25 -39.93 28.36 -11.97
N THR K 26 -39.61 27.21 -11.39
CA THR K 26 -39.34 25.98 -12.13
C THR K 26 -40.63 25.22 -12.46
N GLU K 27 -40.88 25.02 -13.75
CA GLU K 27 -42.02 24.23 -14.23
C GLU K 27 -41.57 22.79 -14.48
N THR K 28 -42.44 21.84 -14.16
CA THR K 28 -42.13 20.43 -14.30
C THR K 28 -43.08 19.74 -15.27
N TYR K 29 -42.51 19.09 -16.28
CA TYR K 29 -43.26 18.29 -17.24
C TYR K 29 -42.61 16.92 -17.34
N GLY K 30 -43.18 15.97 -16.61
CA GLY K 30 -42.62 14.63 -16.47
C GLY K 30 -41.28 14.66 -15.76
N LEU K 31 -40.24 14.30 -16.50
CA LEU K 31 -38.88 14.33 -15.99
C LEU K 31 -38.15 15.62 -16.39
N TRP K 32 -38.80 16.42 -17.23
CA TRP K 32 -38.19 17.65 -17.75
C TRP K 32 -38.59 18.92 -17.00
N SER K 33 -37.65 19.86 -16.90
CA SER K 33 -37.87 21.12 -16.19
C SER K 33 -37.77 22.30 -17.13
N ILE K 34 -38.47 23.37 -16.79
CA ILE K 34 -38.41 24.62 -17.56
C ILE K 34 -38.14 25.81 -16.64
N ASN K 35 -37.10 26.57 -16.95
CA ASN K 35 -36.80 27.83 -16.29
C ASN K 35 -36.66 28.96 -17.31
N CYS K 36 -37.18 30.13 -16.96
CA CYS K 36 -37.05 31.32 -17.79
C CYS K 36 -36.19 32.38 -17.11
N GLY K 37 -35.32 33.03 -17.89
CA GLY K 37 -34.44 34.06 -17.37
C GLY K 37 -34.28 35.20 -18.36
N ILE K 38 -34.05 36.40 -17.82
CA ILE K 38 -33.86 37.59 -18.64
C ILE K 38 -32.36 37.74 -18.98
N GLN K 39 -31.99 37.30 -20.17
CA GLN K 39 -30.61 37.35 -20.62
C GLN K 39 -30.38 38.47 -21.63
N GLU K 40 -29.55 39.44 -21.22
CA GLU K 40 -29.10 40.56 -22.06
C GLU K 40 -30.22 41.44 -22.60
N GLY K 41 -31.22 41.69 -21.76
CA GLY K 41 -32.37 42.53 -22.14
C GLY K 41 -33.63 41.74 -22.42
N LYS K 42 -33.52 40.73 -23.28
CA LYS K 42 -34.66 39.91 -23.68
C LYS K 42 -34.87 38.70 -22.76
N LYS K 43 -36.10 38.17 -22.80
CA LYS K 43 -36.47 36.98 -22.03
C LYS K 43 -36.14 35.71 -22.83
N VAL K 44 -35.57 34.72 -22.14
CA VAL K 44 -35.27 33.43 -22.76
C VAL K 44 -35.67 32.26 -21.83
N CYS K 45 -36.34 31.27 -22.40
CA CYS K 45 -36.80 30.11 -21.62
C CYS K 45 -36.11 28.83 -22.09
N PHE K 46 -35.59 28.07 -21.14
CA PHE K 46 -34.90 26.83 -21.47
C PHE K 46 -35.50 25.59 -20.83
N MET K 47 -35.26 24.47 -21.49
CA MET K 47 -35.83 23.17 -21.20
C MET K 47 -34.66 22.30 -20.78
N HIS K 48 -34.70 21.70 -19.60
CA HIS K 48 -33.54 20.95 -19.08
C HIS K 48 -33.84 19.70 -18.25
N ARG K 49 -32.84 18.81 -18.21
CA ARG K 49 -32.91 17.51 -17.57
C ARG K 49 -31.51 17.07 -17.12
N GLN K 50 -31.39 16.56 -15.90
CA GLN K 50 -30.15 15.99 -15.39
C GLN K 50 -30.32 14.52 -15.09
N GLU K 51 -29.31 13.72 -15.40
CA GLU K 51 -29.32 12.32 -14.99
C GLU K 51 -28.25 12.04 -13.96
N VAL K 52 -28.62 11.28 -12.93
CA VAL K 52 -27.74 10.98 -11.80
C VAL K 52 -27.44 9.48 -11.69
N ASN K 53 -26.37 9.13 -10.99
CA ASN K 53 -26.09 7.74 -10.66
C ASN K 53 -26.71 7.32 -9.32
N ASP K 54 -26.34 6.14 -8.82
CA ASP K 54 -26.82 5.67 -7.51
C ASP K 54 -26.24 6.44 -6.31
N GLN K 55 -25.18 7.19 -6.55
CA GLN K 55 -24.56 8.07 -5.56
C GLN K 55 -25.16 9.48 -5.62
N ASN K 56 -26.17 9.65 -6.47
CA ASN K 56 -26.89 10.92 -6.69
C ASN K 56 -26.03 12.08 -7.23
N ARG K 57 -24.97 11.75 -7.96
CA ARG K 57 -24.20 12.80 -8.64
C ARG K 57 -24.48 12.82 -10.14
N VAL K 58 -24.46 14.02 -10.71
CA VAL K 58 -24.81 14.25 -12.12
C VAL K 58 -23.75 13.68 -13.05
N VAL K 59 -24.19 12.79 -13.93
CA VAL K 59 -23.31 12.16 -14.93
C VAL K 59 -23.53 12.80 -16.31
N VAL K 60 -24.79 13.04 -16.65
CA VAL K 60 -25.14 13.66 -17.92
C VAL K 60 -26.27 14.69 -17.75
N ALA K 61 -26.16 15.81 -18.46
CA ALA K 61 -27.18 16.86 -18.44
C ALA K 61 -27.51 17.32 -19.86
N MET K 62 -28.73 17.81 -20.07
CA MET K 62 -29.16 18.37 -21.34
C MET K 62 -29.98 19.63 -21.16
N SER K 63 -29.61 20.69 -21.85
CA SER K 63 -30.35 21.94 -21.81
C SER K 63 -30.66 22.37 -23.25
N VAL K 64 -31.90 22.81 -23.47
CA VAL K 64 -32.43 23.03 -24.81
C VAL K 64 -33.30 24.30 -24.90
N VAL K 65 -33.15 25.06 -25.99
CA VAL K 65 -34.00 26.23 -26.28
C VAL K 65 -34.74 26.13 -27.61
N LEU K 66 -35.76 26.97 -27.79
CA LEU K 66 -36.45 27.14 -29.06
C LEU K 66 -35.95 28.42 -29.71
N ASN K 67 -35.64 28.35 -30.99
CA ASN K 67 -35.19 29.52 -31.73
C ASN K 67 -36.31 30.18 -32.53
N ALA K 68 -36.05 31.40 -33.01
CA ALA K 68 -37.03 32.20 -33.74
C ALA K 68 -37.39 31.60 -35.10
N ASP K 69 -36.43 30.89 -35.70
CA ASP K 69 -36.64 30.20 -36.98
C ASP K 69 -37.42 28.88 -36.82
N GLY K 70 -37.48 28.36 -35.59
CA GLY K 70 -38.27 27.17 -35.29
C GLY K 70 -37.46 25.94 -34.89
N VAL K 71 -36.14 26.04 -35.01
CA VAL K 71 -35.24 24.93 -34.72
C VAL K 71 -35.04 24.73 -33.21
N VAL K 72 -34.72 23.51 -32.81
CA VAL K 72 -34.47 23.16 -31.41
C VAL K 72 -32.99 22.87 -31.20
N SER K 73 -32.35 23.67 -30.36
CA SER K 73 -30.91 23.55 -30.13
C SER K 73 -30.52 23.74 -28.67
N GLY K 74 -29.28 23.38 -28.34
CA GLY K 74 -28.75 23.59 -27.01
C GLY K 74 -27.47 22.84 -26.73
N ASN K 75 -27.32 22.37 -25.50
CA ASN K 75 -26.09 21.72 -25.05
C ASN K 75 -26.32 20.43 -24.27
N LEU K 76 -25.46 19.46 -24.52
CA LEU K 76 -25.41 18.24 -23.71
C LEU K 76 -24.09 18.13 -22.95
N THR K 77 -24.21 18.00 -21.63
CA THR K 77 -23.04 17.90 -20.76
C THR K 77 -22.74 16.43 -20.49
N VAL K 78 -21.54 16.01 -20.86
CA VAL K 78 -21.09 14.62 -20.69
C VAL K 78 -19.93 14.58 -19.68
N PRO K 79 -19.58 13.38 -19.15
CA PRO K 79 -18.46 13.28 -18.20
C PRO K 79 -17.08 13.72 -18.70
N PHE K 80 -16.14 13.90 -17.76
CA PHE K 80 -14.73 14.04 -18.06
C PHE K 80 -14.15 12.70 -18.55
N GLY K 81 -12.99 12.76 -19.19
CA GLY K 81 -12.29 11.53 -19.58
C GLY K 81 -12.73 10.95 -20.90
N ILE K 82 -13.51 11.73 -21.65
CA ILE K 82 -14.01 11.32 -22.95
C ILE K 82 -13.03 11.78 -24.03
N LEU K 83 -12.72 10.87 -24.96
CA LEU K 83 -11.87 11.17 -26.10
C LEU K 83 -12.51 12.22 -27.01
N VAL K 84 -11.89 13.39 -27.01
CA VAL K 84 -12.42 14.59 -27.62
C VAL K 84 -12.37 14.58 -29.17
N SER K 85 -11.42 13.82 -29.73
CA SER K 85 -11.24 13.75 -31.18
C SER K 85 -12.25 12.79 -31.85
N LYS K 86 -12.83 11.89 -31.06
CA LYS K 86 -13.84 10.96 -31.55
C LYS K 86 -15.25 11.46 -31.23
N PRO K 87 -16.23 11.21 -32.12
CA PRO K 87 -17.53 11.87 -32.00
C PRO K 87 -18.43 11.34 -30.89
N VAL K 88 -19.45 12.14 -30.55
CA VAL K 88 -20.51 11.73 -29.63
C VAL K 88 -21.76 11.45 -30.47
N ARG K 89 -22.23 10.21 -30.37
CA ARG K 89 -23.35 9.72 -31.17
C ARG K 89 -24.64 9.76 -30.36
N LEU K 90 -25.66 10.42 -30.92
CA LEU K 90 -26.98 10.52 -30.30
C LEU K 90 -28.02 9.73 -31.09
N GLN K 91 -28.74 8.86 -30.40
CA GLN K 91 -29.76 8.03 -31.05
C GLN K 91 -31.01 7.91 -30.18
N VAL K 92 -32.17 8.15 -30.79
CA VAL K 92 -33.45 7.98 -30.09
C VAL K 92 -33.81 6.51 -30.11
N ASP K 93 -33.84 5.90 -28.93
CA ASP K 93 -34.10 4.46 -28.74
C ASP K 93 -33.25 3.57 -29.65
N GLU K 94 -33.90 2.83 -30.54
CA GLU K 94 -33.23 1.96 -31.51
C GLU K 94 -33.65 2.31 -32.94
N GLY K 95 -34.14 3.54 -33.11
CA GLY K 95 -34.62 4.01 -34.40
C GLY K 95 -33.53 4.59 -35.27
N LYS K 96 -33.94 5.15 -36.41
CA LYS K 96 -33.01 5.64 -37.43
C LYS K 96 -32.55 7.08 -37.21
N ALA K 97 -33.16 7.76 -36.24
CA ALA K 97 -32.77 9.12 -35.88
C ALA K 97 -31.41 9.13 -35.18
N VAL K 98 -30.36 9.31 -35.97
CA VAL K 98 -28.99 9.30 -35.47
C VAL K 98 -28.28 10.62 -35.79
N ILE K 99 -27.78 11.27 -34.74
CA ILE K 99 -26.96 12.47 -34.88
C ILE K 99 -25.53 12.16 -34.42
N GLU K 100 -24.55 12.64 -35.17
CA GLU K 100 -23.16 12.55 -34.75
C GLU K 100 -22.56 13.94 -34.64
N THR K 101 -22.14 14.28 -33.43
CA THR K 101 -21.55 15.58 -33.10
C THR K 101 -20.35 15.36 -32.17
N GLY K 102 -19.73 16.44 -31.70
CA GLY K 102 -18.56 16.31 -30.83
C GLY K 102 -18.51 17.30 -29.70
N ILE K 103 -17.55 17.10 -28.80
CA ILE K 103 -17.29 18.01 -27.68
C ILE K 103 -16.70 19.32 -28.20
N ARG K 104 -17.24 20.41 -27.73
CA ARG K 104 -16.76 21.77 -28.13
CA ARG K 104 -16.75 21.69 -28.11
C ARG K 104 -15.73 22.17 -27.12
N THR K 105 -15.98 21.99 -25.85
CA THR K 105 -15.09 22.36 -24.76
C THR K 105 -15.49 21.63 -23.48
N CYS K 106 -14.65 21.71 -22.45
CA CYS K 106 -15.01 21.22 -21.14
C CYS K 106 -14.82 22.31 -20.10
N VAL K 107 -15.74 22.32 -19.13
CA VAL K 107 -15.78 23.29 -18.04
C VAL K 107 -15.81 22.46 -16.73
N PRO K 108 -15.71 23.10 -15.54
CA PRO K 108 -15.83 22.33 -14.28
C PRO K 108 -17.04 21.38 -14.14
N ALA K 109 -18.16 21.73 -14.78
CA ALA K 109 -19.36 20.90 -14.75
C ALA K 109 -19.27 19.65 -15.65
N GLY K 110 -18.32 19.66 -16.58
CA GLY K 110 -18.12 18.54 -17.51
C GLY K 110 -17.84 19.00 -18.92
N CYS K 111 -17.92 18.06 -19.86
CA CYS K 111 -17.66 18.36 -21.27
C CYS K 111 -18.91 18.70 -22.06
N ILE K 112 -18.84 19.79 -22.81
CA ILE K 112 -20.01 20.39 -23.47
C ILE K 112 -20.11 19.96 -24.94
N VAL K 113 -21.26 19.36 -25.27
CA VAL K 113 -21.57 18.90 -26.61
C VAL K 113 -22.74 19.72 -27.18
N PRO K 114 -22.46 20.61 -28.16
CA PRO K 114 -23.54 21.36 -28.82
C PRO K 114 -24.41 20.45 -29.68
N ILE K 115 -25.72 20.67 -29.63
CA ILE K 115 -26.67 19.83 -30.34
C ILE K 115 -27.70 20.68 -31.08
N VAL K 116 -27.98 20.31 -32.33
CA VAL K 116 -29.02 20.95 -33.12
C VAL K 116 -29.94 19.84 -33.66
N PHE K 117 -31.23 19.97 -33.36
CA PHE K 117 -32.23 18.99 -33.82
C PHE K 117 -33.11 19.56 -34.93
N ASP K 118 -33.18 18.86 -36.06
CA ASP K 118 -34.12 19.23 -37.14
C ASP K 118 -35.54 18.74 -36.82
N LYS K 119 -36.49 19.13 -37.66
CA LYS K 119 -37.92 18.81 -37.48
C LYS K 119 -38.20 17.31 -37.31
N ASN K 120 -37.47 16.50 -38.09
CA ASN K 120 -37.60 15.05 -38.06
C ASN K 120 -37.07 14.42 -36.77
N TYR K 121 -35.95 14.95 -36.27
CA TYR K 121 -35.35 14.48 -35.02
C TYR K 121 -36.18 14.89 -33.81
N VAL K 122 -36.72 16.11 -33.84
CA VAL K 122 -37.63 16.62 -32.82
C VAL K 122 -38.87 15.71 -32.69
N ALA K 123 -39.41 15.27 -33.83
CA ALA K 123 -40.56 14.36 -33.86
C ALA K 123 -40.23 12.99 -33.26
N ALA K 124 -39.00 12.54 -33.48
CA ALA K 124 -38.51 11.29 -32.89
C ALA K 124 -38.31 11.40 -31.37
N LEU K 125 -37.84 12.57 -30.93
CA LEU K 125 -37.68 12.91 -29.51
C LEU K 125 -39.01 12.89 -28.75
N ARG K 126 -40.06 13.40 -29.41
CA ARG K 126 -41.42 13.45 -28.87
CA ARG K 126 -41.40 13.44 -28.83
C ARG K 126 -42.01 12.05 -28.66
N ALA K 127 -41.66 11.14 -29.57
CA ALA K 127 -42.19 9.76 -29.55
C ALA K 127 -41.30 8.78 -28.78
N GLY K 128 -40.08 9.20 -28.47
CA GLY K 128 -39.08 8.35 -27.85
C GLY K 128 -39.17 8.23 -26.34
N LYS K 129 -38.45 7.23 -25.81
CA LYS K 129 -38.33 7.02 -24.37
C LYS K 129 -36.96 7.40 -23.84
N HIS K 130 -35.94 7.06 -24.60
CA HIS K 130 -34.57 7.34 -24.25
C HIS K 130 -33.77 7.96 -25.35
N LEU K 131 -32.98 8.93 -25.03
CA LEU K 131 -32.00 9.43 -25.98
C LEU K 131 -30.65 8.81 -25.60
N LYS K 132 -30.25 7.80 -26.36
CA LYS K 132 -29.04 7.04 -26.07
C LYS K 132 -27.79 7.78 -26.53
N LEU K 133 -26.75 7.74 -25.69
CA LEU K 133 -25.47 8.36 -26.02
C LEU K 133 -24.38 7.32 -26.23
N ALA K 134 -23.53 7.57 -27.21
CA ALA K 134 -22.36 6.71 -27.46
C ALA K 134 -21.13 7.58 -27.66
N MET K 135 -20.07 7.27 -26.90
CA MET K 135 -18.81 8.01 -26.98
C MET K 135 -17.62 7.11 -26.65
N THR K 136 -16.40 7.65 -26.83
CA THR K 136 -15.15 6.91 -26.60
C THR K 136 -14.43 7.47 -25.37
N ILE K 137 -14.00 6.58 -24.48
CA ILE K 137 -13.19 6.96 -23.31
C ILE K 137 -11.74 7.16 -23.72
N ALA K 138 -11.13 8.25 -23.25
CA ALA K 138 -9.70 8.51 -23.45
C ALA K 138 -8.88 7.71 -22.42
N ALA K 139 -8.66 6.45 -22.75
CA ALA K 139 -7.98 5.50 -21.89
C ALA K 139 -7.21 4.54 -22.80
N PRO K 140 -6.19 3.84 -22.27
CA PRO K 140 -5.53 2.78 -23.05
C PRO K 140 -6.52 1.76 -23.60
N GLY K 141 -6.54 1.61 -24.92
CA GLY K 141 -7.47 0.70 -25.58
C GLY K 141 -8.64 1.41 -26.21
N GLU K 142 -8.88 2.65 -25.77
CA GLU K 142 -10.00 3.50 -26.17
C GLU K 142 -11.37 2.80 -26.08
N PRO K 143 -11.82 2.46 -24.85
CA PRO K 143 -13.07 1.71 -24.68
C PRO K 143 -14.30 2.57 -24.93
N PRO K 144 -15.40 1.96 -25.41
CA PRO K 144 -16.61 2.74 -25.63
C PRO K 144 -17.38 2.98 -24.32
N LEU K 145 -18.12 4.09 -24.27
CA LEU K 145 -19.07 4.34 -23.21
C LEU K 145 -20.44 4.47 -23.86
N ASN K 146 -21.28 3.46 -23.66
CA ASN K 146 -22.56 3.34 -24.38
C ASN K 146 -23.80 3.28 -23.48
N ASP K 147 -23.58 3.22 -22.17
CA ASP K 147 -24.68 3.04 -21.20
C ASP K 147 -25.34 4.34 -20.69
N LEU K 148 -24.90 5.48 -21.21
CA LEU K 148 -25.47 6.77 -20.84
C LEU K 148 -26.64 7.15 -21.74
N PHE K 149 -27.62 7.85 -21.15
CA PHE K 149 -28.83 8.27 -21.85
C PHE K 149 -29.44 9.52 -21.21
N VAL K 150 -30.38 10.12 -21.91
CA VAL K 150 -31.26 11.14 -21.34
C VAL K 150 -32.69 10.60 -21.47
N GLN K 151 -33.41 10.59 -20.35
CA GLN K 151 -34.80 10.12 -20.34
C GLN K 151 -35.73 11.18 -20.93
N LEU K 152 -36.63 10.74 -21.80
CA LEU K 152 -37.44 11.65 -22.61
C LEU K 152 -38.89 11.82 -22.14
N ASN K 153 -39.22 11.24 -20.97
CA ASN K 153 -40.56 11.40 -20.40
C ASN K 153 -40.89 12.86 -20.07
N GLY K 154 -41.82 13.43 -20.82
CA GLY K 154 -42.23 14.81 -20.62
C GLY K 154 -41.63 15.77 -21.64
N PHE K 155 -40.77 15.27 -22.53
CA PHE K 155 -40.13 16.10 -23.56
C PHE K 155 -41.18 16.83 -24.42
N SER K 156 -42.17 16.10 -24.91
CA SER K 156 -43.19 16.63 -25.80
C SER K 156 -43.99 17.76 -25.14
N ASN K 157 -44.46 17.52 -23.91
CA ASN K 157 -45.23 18.50 -23.15
C ASN K 157 -44.43 19.73 -22.75
N ALA K 158 -43.15 19.54 -22.42
CA ALA K 158 -42.25 20.65 -22.12
C ALA K 158 -41.91 21.48 -23.36
N LEU K 159 -41.83 20.82 -24.51
CA LEU K 159 -41.56 21.52 -25.77
C LEU K 159 -42.79 22.31 -26.24
N ASN K 160 -43.98 21.74 -26.03
CA ASN K 160 -45.25 22.44 -26.26
C ASN K 160 -45.38 23.71 -25.43
N ARG K 161 -44.88 23.66 -24.20
CA ARG K 161 -44.86 24.80 -23.30
C ARG K 161 -43.88 25.87 -23.78
N LEU K 162 -42.74 25.42 -24.33
CA LEU K 162 -41.76 26.33 -24.93
C LEU K 162 -42.28 27.05 -26.17
N ILE K 163 -43.10 26.34 -26.96
CA ILE K 163 -43.80 26.92 -28.12
C ILE K 163 -44.82 27.96 -27.66
N ALA K 164 -45.56 27.61 -26.59
CA ALA K 164 -46.56 28.50 -25.99
C ALA K 164 -45.95 29.76 -25.37
N LEU K 165 -44.74 29.64 -24.83
CA LEU K 165 -44.03 30.77 -24.22
C LEU K 165 -43.41 31.72 -25.25
N GLN K 166 -43.17 31.21 -26.46
CA GLN K 166 -42.70 32.03 -27.58
C GLN K 166 -43.79 32.98 -28.09
N LYS K 167 -45.03 32.49 -28.10
CA LYS K 167 -46.18 33.28 -28.53
C LYS K 167 -46.56 34.35 -27.51
N GLU K 168 -46.28 34.09 -26.24
CA GLU K 168 -46.43 35.08 -25.17
C GLU K 168 -45.34 36.12 -25.25
N SER L 24 9.66 8.17 -2.61
CA SER L 24 9.62 8.97 -3.87
C SER L 24 9.94 10.44 -3.59
N LEU L 25 11.22 10.72 -3.34
CA LEU L 25 11.70 12.05 -2.95
C LEU L 25 11.74 13.01 -4.13
N THR L 26 11.21 14.23 -3.92
CA THR L 26 11.20 15.26 -4.95
C THR L 26 12.57 15.94 -5.09
N GLU L 27 13.10 15.92 -6.32
CA GLU L 27 14.34 16.63 -6.65
C GLU L 27 13.98 17.96 -7.29
N THR L 28 14.79 18.98 -7.05
CA THR L 28 14.52 20.33 -7.57
C THR L 28 15.69 20.85 -8.38
N TYR L 29 15.39 21.23 -9.63
CA TYR L 29 16.37 21.80 -10.55
C TYR L 29 15.80 23.09 -11.10
N GLY L 30 16.24 24.20 -10.49
CA GLY L 30 15.68 25.52 -10.80
C GLY L 30 14.21 25.56 -10.41
N LEU L 31 13.37 25.78 -11.42
CA LEU L 31 11.92 25.79 -11.26
C LEU L 31 11.28 24.43 -11.55
N TRP L 32 12.09 23.46 -11.98
CA TRP L 32 11.59 22.14 -12.35
C TRP L 32 11.78 21.07 -11.26
N SER L 33 10.84 20.13 -11.19
CA SER L 33 10.84 19.08 -10.19
C SER L 33 10.92 17.70 -10.84
N ILE L 34 11.51 16.75 -10.12
CA ILE L 34 11.61 15.36 -10.58
C ILE L 34 11.11 14.39 -9.50
N ASN L 35 10.13 13.57 -9.88
CA ASN L 35 9.68 12.46 -9.04
C ASN L 35 9.74 11.14 -9.80
N CYS L 36 10.14 10.09 -9.09
CA CYS L 36 10.17 8.73 -9.65
C CYS L 36 9.15 7.87 -8.93
N GLY L 37 8.42 7.06 -9.70
CA GLY L 37 7.55 6.05 -9.12
C GLY L 37 7.58 4.75 -9.89
N ILE L 38 7.17 3.67 -9.24
CA ILE L 38 6.54 2.54 -9.93
C ILE L 38 5.15 2.90 -10.43
N GLN L 39 5.10 3.17 -11.70
CA GLN L 39 3.87 3.35 -12.42
C GLN L 39 3.82 2.23 -13.42
N GLU L 40 2.62 1.75 -13.69
CA GLU L 40 2.50 0.71 -14.69
C GLU L 40 3.64 -0.29 -14.59
N GLY L 41 3.94 -0.72 -13.37
CA GLY L 41 4.91 -1.80 -13.15
C GLY L 41 6.37 -1.39 -13.09
N LYS L 42 6.78 -0.50 -14.00
CA LYS L 42 8.18 -0.12 -14.17
C LYS L 42 8.50 1.21 -13.47
N LYS L 43 9.75 1.37 -13.05
CA LYS L 43 10.17 2.59 -12.37
C LYS L 43 10.38 3.75 -13.30
N VAL L 44 9.32 4.53 -13.46
CA VAL L 44 9.31 5.67 -14.38
C VAL L 44 9.50 7.01 -13.64
N CYS L 45 10.51 7.76 -14.07
CA CYS L 45 10.82 9.07 -13.52
C CYS L 45 10.29 10.17 -14.42
N PHE L 46 9.61 11.13 -13.82
CA PHE L 46 9.04 12.23 -14.60
C PHE L 46 9.49 13.61 -14.12
N MET L 47 9.45 14.54 -15.06
CA MET L 47 9.97 15.88 -14.94
C MET L 47 8.74 16.78 -15.02
N HIS L 48 8.54 17.65 -14.03
CA HIS L 48 7.31 18.45 -13.99
C HIS L 48 7.39 19.88 -13.44
N ARG L 49 6.42 20.69 -13.82
CA ARG L 49 6.39 22.11 -13.49
C ARG L 49 4.93 22.60 -13.52
N GLN L 50 4.54 23.35 -12.48
CA GLN L 50 3.24 24.00 -12.44
C GLN L 50 3.40 25.52 -12.45
N GLU L 51 2.52 26.21 -13.16
CA GLU L 51 2.47 27.66 -13.10
C GLU L 51 1.19 28.13 -12.42
N VAL L 52 1.33 29.13 -11.54
CA VAL L 52 0.22 29.63 -10.75
C VAL L 52 -0.07 31.11 -11.02
N ASN L 53 -1.28 31.56 -10.69
CA ASN L 53 -1.60 32.98 -10.76
C ASN L 53 -1.31 33.71 -9.44
N ASP L 54 -1.74 34.97 -9.34
CA ASP L 54 -1.56 35.76 -8.11
C ASP L 54 -2.39 35.25 -6.91
N GLN L 55 -3.44 34.49 -7.21
CA GLN L 55 -4.26 33.81 -6.19
C GLN L 55 -3.70 32.44 -5.81
N ASN L 56 -2.53 32.11 -6.38
CA ASN L 56 -1.80 30.86 -6.14
C ASN L 56 -2.53 29.57 -6.54
N ARG L 57 -3.40 29.66 -7.55
CA ARG L 57 -4.02 28.46 -8.13
C ARG L 57 -3.42 28.11 -9.49
N VAL L 58 -3.31 26.80 -9.74
CA VAL L 58 -2.65 26.28 -10.94
C VAL L 58 -3.45 26.59 -12.20
N VAL L 59 -2.78 27.22 -13.16
CA VAL L 59 -3.41 27.60 -14.43
C VAL L 59 -2.91 26.67 -15.55
N VAL L 60 -1.60 26.40 -15.52
CA VAL L 60 -0.98 25.53 -16.52
C VAL L 60 0.04 24.60 -15.86
N ALA L 61 0.11 23.36 -16.32
CA ALA L 61 1.07 22.38 -15.81
C ALA L 61 1.70 21.61 -16.96
N MET L 62 2.89 21.07 -16.73
CA MET L 62 3.58 20.27 -17.74
C MET L 62 4.31 19.11 -17.05
N SER L 63 4.11 17.92 -17.57
CA SER L 63 4.77 16.72 -17.07
C SER L 63 5.39 15.97 -18.22
N VAL L 64 6.63 15.54 -18.05
CA VAL L 64 7.45 15.05 -19.16
C VAL L 64 8.30 13.82 -18.75
N VAL L 65 8.37 12.83 -19.64
CA VAL L 65 9.27 11.66 -19.49
C VAL L 65 10.28 11.54 -20.62
N LEU L 66 11.41 10.90 -20.32
CA LEU L 66 12.44 10.58 -21.30
C LEU L 66 12.23 9.12 -21.70
N ASN L 67 11.90 8.91 -22.97
CA ASN L 67 11.76 7.55 -23.49
C ASN L 67 13.12 6.97 -23.86
N ALA L 68 13.17 5.65 -24.03
CA ALA L 68 14.42 4.92 -24.30
C ALA L 68 15.10 5.30 -25.63
N ASP L 69 14.32 5.88 -26.54
CA ASP L 69 14.79 6.31 -27.85
C ASP L 69 15.51 7.67 -27.80
N GLY L 70 15.40 8.34 -26.66
CA GLY L 70 15.92 9.70 -26.49
C GLY L 70 14.89 10.75 -26.85
N VAL L 71 13.64 10.31 -26.99
CA VAL L 71 12.53 11.20 -27.34
C VAL L 71 11.75 11.65 -26.09
N VAL L 72 11.65 12.96 -25.92
CA VAL L 72 11.00 13.56 -24.76
C VAL L 72 9.50 13.75 -25.01
N SER L 73 8.68 13.13 -24.16
CA SER L 73 7.23 13.18 -24.30
C SER L 73 6.50 13.35 -22.97
N GLY L 74 5.23 13.74 -23.03
CA GLY L 74 4.39 13.82 -21.85
C GLY L 74 3.10 14.59 -22.07
N ASN L 75 2.67 15.32 -21.05
CA ASN L 75 1.41 16.03 -21.08
C ASN L 75 1.47 17.48 -20.60
N LEU L 76 0.71 18.32 -21.27
CA LEU L 76 0.50 19.70 -20.86
C LEU L 76 -0.96 19.82 -20.39
N THR L 77 -1.14 20.41 -19.21
CA THR L 77 -2.49 20.68 -18.69
C THR L 77 -2.83 22.14 -18.89
N VAL L 78 -3.91 22.40 -19.62
CA VAL L 78 -4.35 23.77 -19.94
C VAL L 78 -5.72 24.03 -19.26
N PRO L 79 -6.15 25.32 -19.16
CA PRO L 79 -7.43 25.61 -18.50
C PRO L 79 -8.67 25.05 -19.20
N PHE L 80 -9.79 25.10 -18.47
CA PHE L 80 -11.10 24.81 -19.03
C PHE L 80 -11.52 25.93 -19.98
N GLY L 81 -12.50 25.67 -20.84
CA GLY L 81 -13.08 26.71 -21.69
C GLY L 81 -12.30 26.97 -22.97
N ILE L 82 -11.39 26.06 -23.29
CA ILE L 82 -10.57 26.15 -24.51
C ILE L 82 -11.28 25.41 -25.63
N LEU L 83 -11.33 26.04 -26.81
CA LEU L 83 -11.92 25.44 -28.00
C LEU L 83 -11.11 24.23 -28.46
N VAL L 84 -11.73 23.07 -28.29
CA VAL L 84 -11.12 21.77 -28.44
C VAL L 84 -10.79 21.40 -29.90
N SER L 85 -11.56 21.95 -30.84
CA SER L 85 -11.40 21.66 -32.27
C SER L 85 -10.26 22.45 -32.92
N LYS L 86 -9.80 23.51 -32.29
CA LYS L 86 -8.67 24.24 -32.80
C LYS L 86 -7.43 23.91 -32.02
N PRO L 87 -6.28 24.05 -32.65
CA PRO L 87 -5.06 23.49 -32.06
C PRO L 87 -4.43 24.34 -30.94
N VAL L 88 -3.59 23.70 -30.14
CA VAL L 88 -2.75 24.35 -29.14
C VAL L 88 -1.35 24.46 -29.72
N ARG L 89 -0.85 25.69 -29.83
CA ARG L 89 0.44 25.97 -30.44
C ARG L 89 1.51 26.18 -29.36
N LEU L 90 2.64 25.48 -29.51
CA LEU L 90 3.76 25.57 -28.59
C LEU L 90 4.99 26.18 -29.27
N GLN L 91 5.52 27.24 -28.69
CA GLN L 91 6.68 27.92 -29.26
C GLN L 91 7.70 28.27 -28.18
N VAL L 92 8.96 27.92 -28.41
CA VAL L 92 10.03 28.32 -27.52
C VAL L 92 10.42 29.76 -27.84
N ASP L 93 10.14 30.65 -26.88
CA ASP L 93 10.38 32.09 -26.97
C ASP L 93 9.81 32.71 -28.24
N GLU L 94 10.68 33.16 -29.14
CA GLU L 94 10.28 33.75 -30.41
C GLU L 94 10.96 33.05 -31.59
N GLY L 95 11.49 31.86 -31.34
CA GLY L 95 12.23 31.09 -32.34
C GLY L 95 11.37 30.30 -33.31
N LYS L 96 12.04 29.45 -34.10
CA LYS L 96 11.38 28.68 -35.16
C LYS L 96 10.96 27.29 -34.71
N ALA L 97 11.19 26.99 -33.43
CA ALA L 97 10.70 25.76 -32.82
C ALA L 97 9.21 25.90 -32.49
N VAL L 98 8.36 25.54 -33.44
CA VAL L 98 6.91 25.60 -33.29
C VAL L 98 6.27 24.22 -33.43
N ILE L 99 5.54 23.82 -32.39
CA ILE L 99 4.75 22.59 -32.41
C ILE L 99 3.27 22.95 -32.37
N GLU L 100 2.48 22.28 -33.21
CA GLU L 100 1.03 22.42 -33.16
C GLU L 100 0.41 21.07 -32.82
N THR L 101 -0.33 21.03 -31.72
CA THR L 101 -1.00 19.82 -31.24
C THR L 101 -2.39 20.21 -30.69
N GLY L 102 -3.10 19.26 -30.09
CA GLY L 102 -4.45 19.55 -29.58
C GLY L 102 -4.80 18.82 -28.30
N ILE L 103 -5.92 19.21 -27.71
CA ILE L 103 -6.46 18.59 -26.50
C ILE L 103 -6.98 17.17 -26.80
N ARG L 104 -6.54 16.20 -26.00
CA ARG L 104 -6.99 14.82 -26.13
CA ARG L 104 -6.98 14.82 -26.13
C ARG L 104 -8.26 14.61 -25.34
N THR L 105 -8.27 15.11 -24.11
CA THR L 105 -9.40 14.98 -23.20
C THR L 105 -9.28 16.02 -22.10
N CYS L 106 -10.33 16.15 -21.31
CA CYS L 106 -10.28 16.97 -20.10
C CYS L 106 -10.71 16.17 -18.88
N VAL L 107 -10.03 16.44 -17.76
CA VAL L 107 -10.25 15.80 -16.47
C VAL L 107 -10.53 16.93 -15.45
N PRO L 108 -10.93 16.61 -14.19
CA PRO L 108 -11.13 17.65 -13.19
C PRO L 108 -9.96 18.64 -13.00
N ALA L 109 -8.73 18.19 -13.22
CA ALA L 109 -7.54 19.03 -13.13
C ALA L 109 -7.38 20.00 -14.31
N GLY L 110 -8.10 19.75 -15.40
CA GLY L 110 -8.02 20.57 -16.61
C GLY L 110 -8.00 19.77 -17.90
N CYS L 111 -7.67 20.45 -18.98
CA CYS L 111 -7.61 19.81 -20.30
C CYS L 111 -6.20 19.35 -20.68
N ILE L 112 -6.12 18.10 -21.13
CA ILE L 112 -4.84 17.43 -21.33
C ILE L 112 -4.39 17.48 -22.77
N VAL L 113 -3.19 18.02 -22.98
CA VAL L 113 -2.58 18.16 -24.31
C VAL L 113 -1.33 17.29 -24.37
N PRO L 114 -1.37 16.20 -25.15
CA PRO L 114 -0.17 15.37 -25.33
C PRO L 114 0.89 16.08 -26.16
N ILE L 115 2.14 15.91 -25.76
CA ILE L 115 3.26 16.58 -26.40
C ILE L 115 4.40 15.61 -26.65
N VAL L 116 5.01 15.71 -27.82
CA VAL L 116 6.18 14.91 -28.19
C VAL L 116 7.21 15.89 -28.76
N PHE L 117 8.40 15.89 -28.18
CA PHE L 117 9.49 16.75 -28.61
C PHE L 117 10.59 15.94 -29.31
N ASP L 118 10.95 16.38 -30.52
CA ASP L 118 12.10 15.79 -31.22
C ASP L 118 13.42 16.40 -30.73
N LYS L 119 14.55 15.84 -31.19
CA LYS L 119 15.90 16.26 -30.78
C LYS L 119 16.17 17.76 -30.94
N ASN L 120 15.62 18.36 -32.00
CA ASN L 120 15.78 19.78 -32.29
C ASN L 120 14.95 20.67 -31.36
N TYR L 121 13.76 20.22 -31.01
CA TYR L 121 12.88 20.95 -30.10
C TYR L 121 13.40 20.89 -28.67
N VAL L 122 13.90 19.71 -28.29
CA VAL L 122 14.56 19.48 -27.00
C VAL L 122 15.74 20.44 -26.80
N ALA L 123 16.54 20.61 -27.85
CA ALA L 123 17.69 21.53 -27.84
C ALA L 123 17.27 22.99 -27.69
N ALA L 124 16.11 23.34 -28.24
CA ALA L 124 15.54 24.68 -28.12
C ALA L 124 14.99 24.92 -26.72
N LEU L 125 14.38 23.88 -26.13
CA LEU L 125 13.88 23.91 -24.74
C LEU L 125 15.02 24.14 -23.75
N ARG L 126 16.18 23.53 -24.02
CA ARG L 126 17.37 23.67 -23.20
C ARG L 126 17.90 25.09 -23.19
N ALA L 127 17.85 25.76 -24.34
CA ALA L 127 18.40 27.10 -24.50
C ALA L 127 17.35 28.20 -24.27
N GLY L 128 16.10 27.80 -24.12
CA GLY L 128 14.98 28.76 -24.00
C GLY L 128 14.70 29.23 -22.59
N LYS L 129 13.90 30.29 -22.50
CA LYS L 129 13.45 30.85 -21.22
C LYS L 129 11.97 30.57 -20.95
N HIS L 130 11.14 30.73 -21.96
CA HIS L 130 9.72 30.46 -21.85
C HIS L 130 9.29 29.54 -22.95
N LEU L 131 8.36 28.66 -22.64
CA LEU L 131 7.64 27.90 -23.65
C LEU L 131 6.25 28.51 -23.76
N LYS L 132 6.05 29.32 -24.80
CA LYS L 132 4.81 30.08 -24.99
C LYS L 132 3.68 29.20 -25.53
N LEU L 133 2.48 29.38 -25.00
CA LEU L 133 1.31 28.64 -25.45
C LEU L 133 0.31 29.55 -26.15
N ALA L 134 -0.31 29.03 -27.21
CA ALA L 134 -1.36 29.75 -27.93
C ALA L 134 -2.56 28.84 -28.21
N MET L 135 -3.74 29.29 -27.79
CA MET L 135 -4.97 28.52 -28.00
C MET L 135 -6.18 29.43 -28.21
N THR L 136 -7.32 28.81 -28.47
CA THR L 136 -8.57 29.54 -28.74
C THR L 136 -9.57 29.27 -27.62
N ILE L 137 -10.18 30.32 -27.10
CA ILE L 137 -11.23 30.22 -26.09
C ILE L 137 -12.56 29.86 -26.75
N ALA L 138 -13.26 28.88 -26.20
CA ALA L 138 -14.63 28.55 -26.65
C ALA L 138 -15.64 29.54 -26.05
N ALA L 139 -15.77 30.67 -26.72
CA ALA L 139 -16.62 31.78 -26.29
C ALA L 139 -17.14 32.45 -27.56
N PRO L 140 -18.22 33.27 -27.45
CA PRO L 140 -18.66 34.06 -28.61
C PRO L 140 -17.55 34.95 -29.18
N GLY L 141 -17.27 34.78 -30.46
CA GLY L 141 -16.19 35.51 -31.14
C GLY L 141 -14.92 34.70 -31.28
N GLU L 142 -14.82 33.65 -30.46
CA GLU L 142 -13.63 32.77 -30.36
C GLU L 142 -12.29 33.49 -30.15
N PRO L 143 -12.12 34.15 -28.98
CA PRO L 143 -10.93 34.97 -28.74
C PRO L 143 -9.68 34.12 -28.48
N PRO L 144 -8.49 34.63 -28.84
CA PRO L 144 -7.27 33.89 -28.55
C PRO L 144 -6.83 34.01 -27.09
N LEU L 145 -6.16 32.97 -26.59
CA LEU L 145 -5.48 33.01 -25.30
C LEU L 145 -4.00 32.79 -25.57
N ASN L 146 -3.21 33.85 -25.43
CA ASN L 146 -1.79 33.83 -25.81
C ASN L 146 -0.80 34.15 -24.69
N ASP L 147 -1.32 34.50 -23.51
CA ASP L 147 -0.48 34.97 -22.40
C ASP L 147 0.01 33.87 -21.46
N LEU L 148 -0.32 32.61 -21.77
CA LEU L 148 0.12 31.47 -20.96
C LEU L 148 1.45 30.91 -21.44
N PHE L 149 2.26 30.45 -20.50
CA PHE L 149 3.60 29.92 -20.78
C PHE L 149 4.04 28.93 -19.71
N VAL L 150 5.11 28.21 -19.99
CA VAL L 150 5.80 27.38 -19.01
C VAL L 150 7.23 27.94 -18.90
N GLN L 151 7.68 28.19 -17.68
CA GLN L 151 9.03 28.71 -17.46
C GLN L 151 10.06 27.58 -17.54
N LEU L 152 11.13 27.85 -18.28
CA LEU L 152 12.08 26.80 -18.64
C LEU L 152 13.37 26.80 -17.82
N ASN L 153 13.43 27.65 -16.79
CA ASN L 153 14.58 27.69 -15.90
C ASN L 153 14.77 26.39 -15.12
N GLY L 154 15.83 25.66 -15.48
CA GLY L 154 16.14 24.39 -14.85
C GLY L 154 15.79 23.18 -15.70
N PHE L 155 15.22 23.41 -16.88
CA PHE L 155 14.84 22.34 -17.82
C PHE L 155 16.04 21.47 -18.20
N SER L 156 17.13 22.13 -18.61
CA SER L 156 18.33 21.45 -19.08
CA SER L 156 18.34 21.46 -19.07
C SER L 156 18.92 20.53 -18.01
N ASN L 157 19.12 21.06 -16.81
CA ASN L 157 19.66 20.30 -15.67
C ASN L 157 18.75 19.17 -15.20
N ALA L 158 17.44 19.39 -15.25
CA ALA L 158 16.47 18.35 -14.89
C ALA L 158 16.43 17.23 -15.92
N LEU L 159 16.60 17.60 -17.19
CA LEU L 159 16.65 16.61 -18.28
C LEU L 159 17.95 15.79 -18.21
N ASN L 160 19.06 16.45 -17.86
CA ASN L 160 20.34 15.76 -17.62
C ASN L 160 20.23 14.71 -16.51
N ARG L 161 19.49 15.04 -15.45
CA ARG L 161 19.23 14.12 -14.34
C ARG L 161 18.37 12.94 -14.78
N LEU L 162 17.39 13.22 -15.66
CA LEU L 162 16.52 12.19 -16.21
C LEU L 162 17.29 11.21 -17.11
N ILE L 163 18.28 11.72 -17.83
CA ILE L 163 19.22 10.90 -18.62
C ILE L 163 20.07 10.02 -17.70
N ALA L 164 20.57 10.62 -16.63
CA ALA L 164 21.39 9.94 -15.61
C ALA L 164 20.63 8.85 -14.86
N LEU L 165 19.33 9.08 -14.65
CA LEU L 165 18.48 8.11 -13.95
C LEU L 165 18.10 6.92 -14.83
N GLN L 166 18.16 7.10 -16.15
CA GLN L 166 17.95 6.02 -17.11
C GLN L 166 19.10 5.01 -17.09
N LYS L 167 20.32 5.53 -16.97
CA LYS L 167 21.52 4.71 -16.90
C LYS L 167 21.63 3.94 -15.57
N GLU L 168 21.06 4.51 -14.52
CA GLU L 168 20.95 3.82 -13.23
C GLU L 168 19.88 2.74 -13.30
C1 GOL M . 19.87 21.19 15.84
O1 GOL M . 19.64 20.36 14.71
C2 GOL M . 20.72 22.40 15.45
O2 GOL M . 21.68 22.02 14.49
C3 GOL M . 19.83 23.50 14.90
O3 GOL M . 19.95 24.67 15.68
C1 GOL N . 8.34 9.70 8.85
O1 GOL N . 8.66 8.44 9.39
C2 GOL N . 9.15 10.81 9.51
O2 GOL N . 10.17 11.23 8.63
C3 GOL N . 8.25 12.00 9.82
O3 GOL N . 7.78 11.90 11.14
C1 GOL O . 6.81 -23.88 -15.02
O1 GOL O . 8.12 -24.22 -14.59
C2 GOL O . 5.79 -25.01 -14.83
O2 GOL O . 5.31 -25.43 -16.09
C3 GOL O . 6.38 -26.19 -14.08
O3 GOL O . 5.35 -26.97 -13.48
C1 GOL P . 0.82 -16.95 -1.38
O1 GOL P . -0.53 -17.31 -1.59
C2 GOL P . 1.32 -15.80 -2.25
O2 GOL P . 0.78 -15.84 -3.55
C3 GOL P . 2.85 -15.84 -2.32
O3 GOL P . 3.39 -16.43 -1.16
C1 GOL Q . -4.37 -19.49 -3.40
O1 GOL Q . -5.19 -20.28 -4.22
C2 GOL Q . -3.04 -19.20 -4.04
O2 GOL Q . -2.14 -19.37 -3.02
C3 GOL Q . -2.90 -17.77 -4.49
O3 GOL Q . -2.07 -17.62 -5.60
C1 GOL R . 16.56 -34.91 -14.18
O1 GOL R . 17.21 -35.92 -13.45
C2 GOL R . 17.19 -33.55 -13.90
O2 GOL R . 17.40 -33.39 -12.51
C3 GOL R . 18.51 -33.43 -14.65
O3 GOL R . 18.49 -32.24 -15.40
C1 GOL S . -13.91 -16.90 -7.85
O1 GOL S . -12.81 -16.52 -8.63
C2 GOL S . -13.48 -17.36 -6.46
O2 GOL S . -12.61 -18.48 -6.53
C3 GOL S . -14.69 -17.73 -5.61
O3 GOL S . -15.30 -18.93 -6.06
C1 GOL T . 13.96 50.43 37.34
O1 GOL T . 13.82 50.98 36.08
C2 GOL T . 13.15 49.15 37.50
O2 GOL T . 13.30 48.61 38.78
C3 GOL T . 13.46 48.14 36.43
O3 GOL T . 13.27 46.85 36.92
C1 GOL U . -3.02 -23.45 -34.86
O1 GOL U . -2.07 -23.52 -33.84
C2 GOL U . -3.32 -24.84 -35.34
O2 GOL U . -4.67 -25.00 -35.64
C3 GOL U . -2.56 -25.03 -36.61
O3 GOL U . -2.17 -26.36 -36.54
C1 GOL V . -36.19 2.47 9.24
O1 GOL V . -35.98 1.55 8.18
C2 GOL V . -35.40 2.05 10.47
O2 GOL V . -34.02 2.17 10.21
C3 GOL V . -35.79 2.94 11.66
O3 GOL V . -36.54 2.21 12.60
C1 GOL W . -43.23 -17.03 8.86
O1 GOL W . -43.85 -16.27 7.84
C2 GOL W . -43.05 -16.16 10.10
O2 GOL W . -43.85 -16.64 11.16
C3 GOL W . -41.59 -16.17 10.54
O3 GOL W . -41.52 -15.66 11.85
C1 GOL X . -17.75 -15.05 39.32
O1 GOL X . -18.41 -13.84 39.61
C2 GOL X . -16.26 -14.98 39.59
O2 GOL X . -15.89 -13.70 40.04
C3 GOL X . -15.51 -15.34 38.30
O3 GOL X . -14.13 -15.16 38.47
C1 GOL Y . -39.47 -14.36 20.82
O1 GOL Y . -39.31 -13.44 19.77
C2 GOL Y . -38.29 -14.24 21.78
O2 GOL Y . -38.79 -14.05 23.09
C3 GOL Y . -37.46 -15.52 21.75
O3 GOL Y . -36.73 -15.58 20.55
C1 GOL Z . -24.28 -4.01 17.02
O1 GOL Z . -23.92 -2.78 16.44
C2 GOL Z . -23.34 -4.31 18.19
O2 GOL Z . -22.30 -5.15 17.74
C3 GOL Z . -24.12 -5.04 19.28
O3 GOL Z . -23.61 -4.73 20.55
C1 GOL AA . -8.45 -10.99 37.95
O1 GOL AA . -8.27 -12.13 37.17
C2 GOL AA . -7.20 -10.81 38.79
O2 GOL AA . -6.13 -11.07 37.96
C3 GOL AA . -7.10 -9.43 39.41
O3 GOL AA . -5.86 -9.33 40.04
C1 GOL BA . -16.45 22.73 -32.13
O1 GOL BA . -16.18 23.33 -33.37
C2 GOL BA . -17.49 21.64 -32.32
O2 GOL BA . -18.52 21.79 -31.37
C3 GOL BA . -16.83 20.27 -32.16
O3 GOL BA . -17.79 19.25 -32.37
C1 GOL CA . 23.21 24.23 -17.76
O1 GOL CA . 22.84 22.89 -17.95
C2 GOL CA . 22.01 25.14 -18.05
O2 GOL CA . 21.59 25.74 -16.85
C3 GOL CA . 22.42 26.22 -19.05
O3 GOL CA . 21.33 26.52 -19.89
C1 GOL DA . -6.53 15.23 -30.95
O1 GOL DA . -7.57 16.05 -30.43
C2 GOL DA . -5.78 14.55 -29.81
O2 GOL DA . -4.54 15.19 -29.62
C3 GOL DA . -5.55 13.08 -30.15
O3 GOL DA . -5.59 12.30 -28.97
#